data_7M12
#
_entry.id   7M12
#
_entity_poly.entity_id   1
_entity_poly.type   'polypeptide(L)'
_entity_poly.pdbx_seq_one_letter_code
;SNPRLTKVLDEMSKKPCVNINEIRKMIRNFQPQFIQPRNGNRPNAQPRTVDSFEWVVRIQSTVETQLLGATNTVPQQTLN
LDISFTDDSTTITPASIPGSISMLDNSRHIPAIQSMIQNFKARYLGSLQDTAQLQSPQYPQLLAYLFGQLIAIKDRLDLF
RPSNPLSLADALFGFTLAQNARPRYDDHRHAKACQGPLVIPAATNSDCGPCGFVQINANQGLTLPLGACLFVNPETVNDQ
SFQDFLWLIFATHHRMPNQMQNNWPFSLNIVSTCAAPGRQAPHAGELTDERVRLALDTGHRILLSMFNDDEETLRYYQRK
GIETMFRPCCFYTEGGLLRKATRYVSMVPLNGLYYYNGATSYVVSPIHTDAHPGITAAIESFVDIMVLQAVFSFSGPKVV
AAKVNASQIDAAMVFGPAVAEGDGFVYDPLRPAPPLSAFYTEFIHRPAEQRIFQMAMSQIYGSHAPLIIANVINSIHNCK
TKIVNNKLRATFVRRPPGAPHLKADTAIINRFHDPELAYALGILADGIAPLDGSHEYNVLDELDYLFNGGDIRNCFGLNA
LNTRGLGQIVHIRPKREPGKRPRRGFYTTLDGQVHPVTQDAPLDEIYHWRDHGNLTRPYSCHILDSQGLEFADVSNGRSR
GKILVVVNSPLKTCAAYQGPSFAPK
;
_entity_poly.pdbx_strand_id   B,A
#
# COMPACT_ATOMS: atom_id res chain seq x y z
N SER A 1 5.01 28.40 23.70
CA SER A 1 5.86 29.60 23.69
C SER A 1 5.95 30.16 22.28
N ASN A 2 4.83 30.62 21.76
CA ASN A 2 4.76 31.19 20.41
C ASN A 2 3.60 32.17 20.38
N PRO A 3 3.86 33.46 20.59
CA PRO A 3 2.74 34.40 20.71
C PRO A 3 1.79 34.36 19.52
N ARG A 4 2.33 34.28 18.30
CA ARG A 4 1.47 34.28 17.13
C ARG A 4 0.54 33.08 17.15
N LEU A 5 1.06 31.91 17.48
CA LEU A 5 0.25 30.71 17.47
C LEU A 5 -0.90 30.83 18.45
N THR A 6 -0.60 31.23 19.69
CA THR A 6 -1.66 31.33 20.69
C THR A 6 -2.68 32.39 20.31
N LYS A 7 -2.22 33.51 19.76
CA LYS A 7 -3.15 34.54 19.32
C LYS A 7 -4.09 34.00 18.26
N VAL A 8 -3.56 33.28 17.28
CA VAL A 8 -4.40 32.76 16.20
C VAL A 8 -5.37 31.72 16.73
N LEU A 9 -4.90 30.83 17.61
CA LEU A 9 -5.81 29.84 18.18
C LEU A 9 -6.94 30.50 18.94
N ASP A 10 -6.62 31.50 19.75
CA ASP A 10 -7.67 32.19 20.49
C ASP A 10 -8.65 32.86 19.53
N GLU A 11 -8.14 33.50 18.49
CA GLU A 11 -9.03 34.13 17.52
C GLU A 11 -9.96 33.11 16.90
N MET A 12 -9.40 32.00 16.40
CA MET A 12 -10.23 30.99 15.75
C MET A 12 -11.26 30.45 16.71
N SER A 13 -10.92 30.36 17.99
CA SER A 13 -11.93 30.00 18.98
C SER A 13 -13.03 31.05 19.04
N LYS A 14 -12.66 32.33 18.94
CA LYS A 14 -13.64 33.39 19.09
C LYS A 14 -14.66 33.37 17.96
N LYS A 15 -14.20 33.22 16.73
CA LYS A 15 -15.06 33.32 15.54
C LYS A 15 -15.01 31.98 14.81
N PRO A 16 -15.87 31.04 15.15
CA PRO A 16 -15.78 29.72 14.52
C PRO A 16 -15.98 29.81 13.02
N CYS A 17 -15.27 28.93 12.31
CA CYS A 17 -15.38 28.86 10.86
C CYS A 17 -16.72 28.25 10.46
N VAL A 18 -17.16 28.56 9.24
CA VAL A 18 -18.47 28.10 8.79
C VAL A 18 -18.36 26.65 8.36
N ASN A 19 -19.19 25.79 8.94
CA ASN A 19 -19.17 24.39 8.55
C ASN A 19 -19.75 24.24 7.15
N ILE A 20 -19.36 23.15 6.48
CA ILE A 20 -19.55 23.03 5.05
C ILE A 20 -21.01 23.07 4.64
N ASN A 21 -21.94 22.80 5.56
CA ASN A 21 -23.34 22.72 5.18
C ASN A 21 -23.81 24.01 4.54
N GLU A 22 -23.30 25.15 4.99
CA GLU A 22 -23.64 26.41 4.34
C GLU A 22 -23.13 26.45 2.91
N ILE A 23 -21.92 25.96 2.68
CA ILE A 23 -21.39 25.96 1.32
C ILE A 23 -22.28 25.12 0.42
N ARG A 24 -22.64 23.93 0.88
CA ARG A 24 -23.53 23.08 0.10
C ARG A 24 -24.86 23.75 -0.14
N LYS A 25 -25.41 24.40 0.90
CA LYS A 25 -26.70 25.06 0.76
C LYS A 25 -26.64 26.16 -0.30
N MET A 26 -25.56 26.94 -0.30
CA MET A 26 -25.46 28.03 -1.26
C MET A 26 -25.28 27.50 -2.67
N ILE A 27 -24.34 26.59 -2.87
CA ILE A 27 -23.97 26.19 -4.22
C ILE A 27 -24.92 25.18 -4.83
N ARG A 28 -25.73 24.52 -4.01
CA ARG A 28 -26.43 23.32 -4.48
C ARG A 28 -27.28 23.61 -5.70
N ASN A 29 -27.87 24.80 -5.79
CA ASN A 29 -29.01 25.01 -6.66
C ASN A 29 -28.89 26.29 -7.47
N PHE A 30 -27.78 26.50 -8.18
CA PHE A 30 -27.79 27.50 -9.23
C PHE A 30 -27.19 26.91 -10.49
N GLN A 31 -27.78 27.23 -11.59
CA GLN A 31 -27.24 26.83 -12.87
C GLN A 31 -26.14 27.79 -13.30
N PRO A 32 -25.18 27.32 -14.09
CA PRO A 32 -24.15 28.22 -14.60
C PRO A 32 -24.77 29.23 -15.56
N GLN A 33 -24.19 30.43 -15.56
CA GLN A 33 -24.73 31.48 -16.41
C GLN A 33 -24.20 31.39 -17.84
N PHE A 34 -22.96 30.96 -18.02
CA PHE A 34 -22.40 30.85 -19.36
C PHE A 34 -21.13 30.01 -19.32
N ILE A 35 -21.00 29.09 -20.27
CA ILE A 35 -19.89 28.17 -20.35
C ILE A 35 -19.21 28.37 -21.70
N GLN A 36 -17.90 28.54 -21.69
CA GLN A 36 -17.17 28.87 -22.89
C GLN A 36 -15.77 28.29 -22.78
N PRO A 37 -15.10 28.07 -23.90
CA PRO A 37 -13.69 27.65 -23.85
C PRO A 37 -12.84 28.72 -23.17
N ARG A 38 -11.81 28.27 -22.46
CA ARG A 38 -11.06 29.17 -21.59
C ARG A 38 -10.41 30.30 -22.38
N ASN A 39 -9.87 29.99 -23.56
CA ASN A 39 -9.16 30.96 -24.38
C ASN A 39 -9.92 31.11 -25.70
N GLY A 40 -10.75 32.14 -25.79
CA GLY A 40 -11.49 32.40 -27.01
C GLY A 40 -12.97 32.51 -26.78
N ASN A 41 -13.77 32.20 -27.80
CA ASN A 41 -15.21 32.30 -27.72
C ASN A 41 -15.83 31.02 -28.24
N ARG A 42 -16.99 30.69 -27.69
CA ARG A 42 -17.66 29.46 -28.07
C ARG A 42 -18.13 29.55 -29.52
N PRO A 43 -18.19 28.44 -30.23
CA PRO A 43 -18.66 28.48 -31.62
C PRO A 43 -20.17 28.65 -31.72
N ASN A 44 -20.70 28.61 -32.94
CA ASN A 44 -22.14 28.77 -33.12
C ASN A 44 -22.90 27.59 -32.52
N ALA A 45 -22.45 26.37 -32.82
CA ALA A 45 -23.10 25.15 -32.36
C ALA A 45 -22.04 24.17 -31.89
N GLN A 46 -22.33 23.46 -30.82
CA GLN A 46 -21.35 22.58 -30.22
C GLN A 46 -21.05 21.41 -31.14
N PRO A 47 -19.82 20.94 -31.18
CA PRO A 47 -19.46 19.85 -32.10
C PRO A 47 -20.09 18.53 -31.70
N ARG A 48 -19.77 17.47 -32.44
CA ARG A 48 -20.35 16.17 -32.15
C ARG A 48 -19.84 15.62 -30.83
N THR A 49 -18.56 15.81 -30.53
CA THR A 49 -17.94 15.16 -29.40
C THR A 49 -17.05 16.15 -28.66
N VAL A 50 -17.16 16.17 -27.33
CA VAL A 50 -16.29 17.02 -26.53
C VAL A 50 -14.86 16.64 -26.87
N ASP A 51 -14.11 17.57 -27.47
CA ASP A 51 -12.80 17.27 -28.00
C ASP A 51 -11.72 18.28 -27.66
N SER A 52 -12.08 19.46 -27.19
CA SER A 52 -11.11 20.46 -26.75
C SER A 52 -11.15 20.50 -25.24
N PHE A 53 -10.00 20.27 -24.61
CA PHE A 53 -9.95 20.13 -23.15
C PHE A 53 -9.69 21.49 -22.51
N GLU A 54 -10.53 22.48 -22.85
CA GLU A 54 -10.43 23.79 -22.23
C GLU A 54 -11.77 24.33 -21.80
N TRP A 55 -12.88 23.78 -22.26
CA TRP A 55 -14.18 24.32 -21.88
C TRP A 55 -14.25 24.44 -20.37
N VAL A 56 -14.68 25.60 -19.89
CA VAL A 56 -14.73 25.85 -18.46
C VAL A 56 -15.84 26.83 -18.17
N VAL A 57 -16.79 26.39 -17.33
CA VAL A 57 -17.77 27.32 -16.78
C VAL A 57 -17.03 28.32 -15.90
N ARG A 58 -17.40 29.59 -16.00
CA ARG A 58 -16.76 30.63 -15.22
C ARG A 58 -17.81 31.40 -14.43
N ILE A 59 -17.33 32.04 -13.36
CA ILE A 59 -18.19 32.69 -12.38
C ILE A 59 -17.66 34.11 -12.19
N GLN A 60 -18.28 35.06 -12.89
CA GLN A 60 -17.80 36.44 -12.85
C GLN A 60 -17.93 37.01 -11.45
N SER A 61 -16.99 37.89 -11.10
CA SER A 61 -17.08 38.65 -9.86
C SER A 61 -16.08 39.79 -10.00
N THR A 62 -16.52 41.00 -9.73
CA THR A 62 -15.75 42.20 -10.02
C THR A 62 -15.51 43.02 -8.76
N VAL A 63 -14.54 43.92 -8.85
CA VAL A 63 -14.23 44.85 -7.78
C VAL A 63 -14.22 46.25 -8.38
N GLU A 64 -14.84 47.20 -7.69
CA GLU A 64 -14.75 48.60 -8.07
C GLU A 64 -14.31 49.41 -6.88
N THR A 65 -13.24 50.17 -7.05
CA THR A 65 -12.78 51.12 -6.05
C THR A 65 -13.31 52.50 -6.40
N GLN A 66 -13.47 53.33 -5.37
CA GLN A 66 -14.11 54.62 -5.55
C GLN A 66 -13.63 55.53 -4.44
N LEU A 67 -13.19 56.72 -4.83
CA LEU A 67 -12.63 57.69 -3.90
C LEU A 67 -12.50 59.01 -4.61
N LEU A 68 -12.55 60.12 -3.86
CA LEU A 68 -12.39 61.49 -4.39
C LEU A 68 -10.99 61.99 -3.98
N GLY A 69 -10.30 62.74 -4.86
CA GLY A 69 -8.95 63.26 -4.61
C GLY A 69 -8.00 62.88 -5.73
N ALA A 70 -8.30 61.79 -6.44
CA ALA A 70 -7.52 61.27 -7.59
C ALA A 70 -7.86 62.09 -8.84
N THR A 71 -7.01 62.01 -9.87
CA THR A 71 -7.17 62.75 -11.15
C THR A 71 -8.33 62.21 -11.98
N ASN A 72 -8.28 60.93 -12.38
CA ASN A 72 -9.33 60.26 -13.18
C ASN A 72 -9.84 59.02 -12.42
N THR A 73 -10.94 58.43 -12.90
CA THR A 73 -11.60 57.23 -12.31
C THR A 73 -10.70 56.00 -12.51
N VAL A 74 -10.84 55.00 -11.63
CA VAL A 74 -10.06 53.73 -11.63
C VAL A 74 -10.87 52.66 -12.40
N PRO A 75 -10.34 51.98 -13.44
CA PRO A 75 -11.12 50.95 -14.12
C PRO A 75 -11.28 49.72 -13.21
N GLN A 76 -12.38 48.98 -13.37
CA GLN A 76 -12.70 47.82 -12.55
C GLN A 76 -11.98 46.58 -13.06
N GLN A 77 -11.75 45.64 -12.15
CA GLN A 77 -11.16 44.36 -12.48
C GLN A 77 -12.20 43.25 -12.39
N THR A 78 -11.84 42.09 -12.94
CA THR A 78 -12.76 40.95 -13.02
C THR A 78 -12.09 39.76 -12.35
N LEU A 79 -12.42 39.55 -11.09
CA LEU A 79 -11.95 38.39 -10.34
C LEU A 79 -12.96 37.26 -10.56
N ASN A 80 -12.67 36.37 -11.49
CA ASN A 80 -13.58 35.30 -11.86
C ASN A 80 -12.96 33.94 -11.58
N LEU A 81 -13.79 33.01 -11.13
CA LEU A 81 -13.38 31.64 -10.84
C LEU A 81 -13.77 30.74 -12.01
N ASP A 82 -12.92 29.76 -12.30
CA ASP A 82 -13.12 28.88 -13.43
C ASP A 82 -13.10 27.42 -12.97
N ILE A 83 -13.74 26.56 -13.76
CA ILE A 83 -13.84 25.13 -13.45
C ILE A 83 -13.51 24.33 -14.70
N SER A 84 -12.59 23.37 -14.55
CA SER A 84 -11.98 22.76 -15.73
C SER A 84 -13.00 22.01 -16.58
N PHE A 85 -13.75 21.11 -15.97
CA PHE A 85 -15.00 20.62 -16.55
C PHE A 85 -14.82 19.72 -17.77
N THR A 86 -13.62 19.62 -18.33
CA THR A 86 -13.40 18.68 -19.42
C THR A 86 -12.23 17.72 -19.22
N ASP A 87 -11.09 18.23 -18.77
CA ASP A 87 -9.88 17.45 -18.73
C ASP A 87 -9.95 16.34 -17.69
N ASP A 88 -9.25 15.23 -17.96
CA ASP A 88 -9.22 14.08 -17.08
C ASP A 88 -7.96 14.07 -16.22
N SER A 89 -7.98 13.25 -15.18
CA SER A 89 -6.82 13.12 -14.32
C SER A 89 -7.07 11.93 -13.39
N THR A 90 -5.98 11.31 -12.94
CA THR A 90 -6.08 10.24 -11.96
C THR A 90 -6.23 10.81 -10.56
N THR A 91 -6.85 10.02 -9.68
CA THR A 91 -6.99 10.43 -8.29
C THR A 91 -6.81 9.30 -7.29
N ILE A 92 -6.51 8.08 -7.73
CA ILE A 92 -6.47 6.91 -6.86
C ILE A 92 -5.05 6.40 -6.81
N THR A 93 -4.52 6.27 -5.60
CA THR A 93 -3.17 5.79 -5.39
C THR A 93 -3.16 4.66 -4.37
N PRO A 94 -2.21 3.74 -4.47
CA PRO A 94 -2.21 2.61 -3.53
C PRO A 94 -1.51 2.88 -2.20
N ALA A 95 -0.73 3.96 -2.08
CA ALA A 95 -0.04 4.22 -0.84
C ALA A 95 -1.03 4.46 0.29
N SER A 96 -0.52 4.47 1.53
CA SER A 96 -1.38 4.62 2.68
C SER A 96 -0.57 5.07 3.88
N ILE A 97 -1.28 5.64 4.86
CA ILE A 97 -0.71 5.97 6.16
C ILE A 97 -1.81 5.69 7.18
N PRO A 98 -1.54 5.71 8.48
CA PRO A 98 -2.51 5.18 9.45
C PRO A 98 -3.96 5.53 9.19
N GLY A 99 -4.28 6.82 9.16
CA GLY A 99 -5.66 7.23 8.99
C GLY A 99 -6.11 7.39 7.57
N SER A 100 -5.26 7.09 6.59
CA SER A 100 -5.61 7.39 5.20
C SER A 100 -6.87 6.66 4.79
N ILE A 101 -7.00 5.39 5.14
CA ILE A 101 -8.17 4.60 4.79
C ILE A 101 -8.47 3.67 5.95
N SER A 102 -9.74 3.53 6.28
CA SER A 102 -10.17 2.70 7.39
C SER A 102 -11.15 1.66 6.90
N MET A 103 -11.21 0.54 7.60
CA MET A 103 -12.13 -0.55 7.28
C MET A 103 -13.36 -0.42 8.16
N LEU A 104 -14.53 -0.51 7.54
CA LEU A 104 -15.78 -0.42 8.28
C LEU A 104 -15.95 -1.67 9.14
N ASP A 105 -16.95 -1.70 10.01
CA ASP A 105 -17.18 -2.84 10.88
C ASP A 105 -18.45 -3.55 10.45
N ASN A 106 -18.35 -4.87 10.28
CA ASN A 106 -19.48 -5.68 9.86
C ASN A 106 -20.11 -6.22 11.14
N SER A 107 -20.60 -5.33 11.99
CA SER A 107 -21.29 -5.75 13.19
C SER A 107 -22.79 -5.94 13.00
N ARG A 108 -23.34 -5.44 11.90
CA ARG A 108 -24.76 -5.62 11.61
C ARG A 108 -24.98 -6.29 10.27
N HIS A 109 -23.92 -6.81 9.66
CA HIS A 109 -24.05 -7.62 8.46
C HIS A 109 -23.83 -9.09 8.74
N ILE A 110 -23.20 -9.44 9.85
CA ILE A 110 -22.86 -10.83 10.17
C ILE A 110 -24.03 -11.59 10.78
N PRO A 111 -24.79 -11.01 11.69
CA PRO A 111 -25.91 -11.76 12.27
C PRO A 111 -26.85 -12.29 11.21
N ALA A 112 -27.36 -11.38 10.37
CA ALA A 112 -28.33 -11.76 9.36
C ALA A 112 -27.74 -12.76 8.37
N ILE A 113 -26.51 -12.50 7.93
CA ILE A 113 -25.91 -13.36 6.92
C ILE A 113 -25.73 -14.77 7.47
N GLN A 114 -25.28 -14.88 8.72
CA GLN A 114 -25.13 -16.21 9.30
C GLN A 114 -26.47 -16.90 9.47
N SER A 115 -27.48 -16.17 9.94
CA SER A 115 -28.77 -16.81 10.14
C SER A 115 -29.44 -17.19 8.82
N MET A 116 -29.03 -16.56 7.72
CA MET A 116 -29.56 -16.90 6.42
C MET A 116 -28.72 -17.93 5.68
N ILE A 117 -27.49 -18.16 6.13
CA ILE A 117 -26.68 -19.22 5.55
C ILE A 117 -26.78 -20.51 6.36
N GLN A 118 -27.26 -20.44 7.59
CA GLN A 118 -27.38 -21.64 8.41
C GLN A 118 -28.58 -22.48 8.03
N ASN A 119 -29.66 -21.86 7.59
CA ASN A 119 -30.91 -22.58 7.33
C ASN A 119 -30.96 -23.10 5.90
N PHE A 120 -30.84 -22.22 4.92
CA PHE A 120 -30.99 -22.59 3.52
C PHE A 120 -29.64 -23.04 2.99
N LYS A 121 -29.24 -24.25 3.40
CA LYS A 121 -27.95 -24.78 2.99
C LYS A 121 -27.95 -26.27 3.22
N ALA A 122 -27.68 -27.04 2.17
CA ALA A 122 -27.86 -28.48 2.20
C ALA A 122 -27.41 -29.09 3.52
N ARG A 123 -28.26 -29.95 4.08
CA ARG A 123 -28.00 -30.49 5.41
C ARG A 123 -27.05 -31.67 5.20
N TYR A 124 -25.89 -31.40 4.60
CA TYR A 124 -24.79 -32.35 4.59
C TYR A 124 -23.42 -31.69 4.54
N LEU A 125 -23.35 -30.37 4.57
CA LEU A 125 -22.08 -29.67 4.70
C LEU A 125 -21.75 -29.34 6.14
N GLY A 126 -22.60 -29.70 7.07
CA GLY A 126 -22.35 -29.44 8.48
C GLY A 126 -22.90 -28.10 8.92
N SER A 127 -23.14 -28.00 10.22
CA SER A 127 -23.65 -26.76 10.79
C SER A 127 -22.50 -25.78 11.02
N LEU A 128 -22.73 -24.52 10.66
CA LEU A 128 -21.68 -23.51 10.77
C LEU A 128 -21.55 -22.92 12.16
N GLN A 129 -22.60 -22.28 12.65
CA GLN A 129 -22.76 -21.87 14.05
C GLN A 129 -21.48 -21.36 14.70
N ASP A 130 -20.61 -20.69 13.95
CA ASP A 130 -19.36 -20.18 14.48
C ASP A 130 -19.23 -18.67 14.42
N THR A 131 -19.88 -18.02 13.45
CA THR A 131 -19.91 -16.57 13.34
C THR A 131 -18.55 -15.93 13.59
N ALA A 132 -17.49 -16.66 13.28
CA ALA A 132 -16.14 -16.14 13.45
C ALA A 132 -15.27 -16.31 12.22
N GLN A 133 -15.61 -17.23 11.32
CA GLN A 133 -14.89 -17.35 10.06
C GLN A 133 -15.35 -16.30 9.05
N LEU A 134 -16.51 -15.68 9.27
CA LEU A 134 -17.02 -14.65 8.38
C LEU A 134 -16.41 -13.31 8.80
N GLN A 135 -15.13 -13.16 8.53
CA GLN A 135 -14.39 -12.00 8.98
C GLN A 135 -13.48 -11.48 7.89
N SER A 136 -13.95 -11.48 6.65
CA SER A 136 -13.17 -10.91 5.58
C SER A 136 -13.10 -9.39 5.75
N PRO A 137 -12.07 -8.75 5.20
CA PRO A 137 -11.96 -7.29 5.34
C PRO A 137 -13.13 -6.57 4.71
N GLN A 138 -13.54 -5.46 5.35
CA GLN A 138 -14.66 -4.64 4.90
C GLN A 138 -14.10 -3.36 4.28
N TYR A 139 -14.01 -3.33 2.95
CA TYR A 139 -13.47 -2.17 2.23
C TYR A 139 -14.38 -1.84 1.07
N PRO A 140 -15.56 -1.34 1.35
CA PRO A 140 -16.52 -0.98 0.30
C PRO A 140 -16.27 0.41 -0.26
N GLN A 141 -15.02 0.72 -0.59
CA GLN A 141 -14.68 2.05 -1.08
C GLN A 141 -14.90 2.17 -2.58
N LEU A 142 -14.29 1.29 -3.36
CA LEU A 142 -14.23 1.51 -4.80
C LEU A 142 -15.62 1.65 -5.42
N LEU A 143 -16.63 1.02 -4.84
CA LEU A 143 -17.97 1.17 -5.38
C LEU A 143 -18.37 2.64 -5.44
N ALA A 144 -18.16 3.36 -4.35
CA ALA A 144 -18.54 4.77 -4.32
C ALA A 144 -17.77 5.56 -5.36
N TYR A 145 -16.49 5.26 -5.51
CA TYR A 145 -15.69 5.96 -6.51
C TYR A 145 -16.26 5.76 -7.91
N LEU A 146 -16.62 4.52 -8.25
CA LEU A 146 -17.21 4.28 -9.56
C LEU A 146 -18.53 5.01 -9.71
N PHE A 147 -19.34 5.00 -8.65
CA PHE A 147 -20.60 5.75 -8.67
C PHE A 147 -20.35 7.21 -8.99
N GLY A 148 -19.35 7.79 -8.34
CA GLY A 148 -19.02 9.18 -8.61
C GLY A 148 -18.62 9.39 -10.05
N GLN A 149 -17.79 8.50 -10.60
CA GLN A 149 -17.40 8.66 -11.99
C GLN A 149 -18.62 8.65 -12.90
N LEU A 150 -19.57 7.77 -12.62
CA LEU A 150 -20.78 7.71 -13.44
C LEU A 150 -21.55 9.02 -13.37
N ILE A 151 -21.72 9.56 -12.16
CA ILE A 151 -22.40 10.85 -12.04
C ILE A 151 -21.66 11.90 -12.84
N ALA A 152 -20.33 11.86 -12.80
CA ALA A 152 -19.55 12.86 -13.53
C ALA A 152 -19.82 12.77 -15.01
N ILE A 153 -19.89 11.55 -15.55
CA ILE A 153 -20.24 11.41 -16.97
C ILE A 153 -21.56 12.08 -17.24
N LYS A 154 -22.56 11.80 -16.43
CA LYS A 154 -23.87 12.38 -16.67
C LYS A 154 -23.79 13.90 -16.71
N ASP A 155 -23.12 14.47 -15.72
CA ASP A 155 -23.06 15.92 -15.61
C ASP A 155 -22.32 16.53 -16.78
N ARG A 156 -21.19 15.94 -17.16
CA ARG A 156 -20.41 16.49 -18.25
C ARG A 156 -21.19 16.47 -19.56
N LEU A 157 -21.94 15.40 -19.81
CA LEU A 157 -22.79 15.41 -20.98
C LEU A 157 -23.83 16.52 -20.90
N ASP A 158 -24.46 16.70 -19.73
CA ASP A 158 -25.52 17.70 -19.63
C ASP A 158 -24.97 19.10 -19.89
N LEU A 159 -23.86 19.45 -19.27
CA LEU A 159 -23.41 20.84 -19.32
C LEU A 159 -23.06 21.27 -20.74
N PHE A 160 -22.22 20.48 -21.42
CA PHE A 160 -21.75 20.84 -22.76
C PHE A 160 -22.64 20.14 -23.78
N ARG A 161 -23.85 20.66 -23.93
CA ARG A 161 -24.85 20.01 -24.76
C ARG A 161 -24.31 19.82 -26.17
N PRO A 162 -23.94 18.61 -26.58
CA PRO A 162 -23.41 18.42 -27.92
C PRO A 162 -24.51 18.52 -28.95
N SER A 163 -24.10 18.69 -30.22
CA SER A 163 -25.05 18.91 -31.29
C SER A 163 -26.05 17.77 -31.43
N ASN A 164 -25.57 16.57 -31.73
CA ASN A 164 -26.45 15.43 -31.87
C ASN A 164 -26.37 14.57 -30.61
N PRO A 165 -27.39 14.54 -29.78
CA PRO A 165 -27.29 13.84 -28.50
C PRO A 165 -27.49 12.35 -28.63
N LEU A 166 -27.11 11.65 -27.58
CA LEU A 166 -27.36 10.23 -27.43
C LEU A 166 -27.76 9.96 -25.99
N SER A 167 -28.54 8.91 -25.79
CA SER A 167 -28.93 8.54 -24.44
C SER A 167 -27.69 8.29 -23.60
N LEU A 168 -27.71 8.77 -22.35
CA LEU A 168 -26.54 8.59 -21.50
C LEU A 168 -26.10 7.14 -21.49
N ALA A 169 -27.04 6.22 -21.40
CA ALA A 169 -26.68 4.81 -21.45
C ALA A 169 -26.00 4.47 -22.77
N ASP A 170 -26.57 4.93 -23.88
CA ASP A 170 -25.98 4.61 -25.18
C ASP A 170 -24.59 5.19 -25.31
N ALA A 171 -24.41 6.44 -24.88
CA ALA A 171 -23.08 7.04 -24.96
C ALA A 171 -22.08 6.29 -24.08
N LEU A 172 -22.52 5.90 -22.89
CA LEU A 172 -21.62 5.20 -21.97
C LEU A 172 -21.19 3.86 -22.53
N PHE A 173 -22.16 3.03 -22.92
CA PHE A 173 -21.81 1.73 -23.49
C PHE A 173 -21.10 1.88 -24.82
N GLY A 174 -21.66 2.69 -25.70
CA GLY A 174 -21.07 2.90 -27.00
C GLY A 174 -21.26 1.73 -27.93
N PHE A 175 -22.51 1.39 -28.25
CA PHE A 175 -22.76 0.28 -29.15
C PHE A 175 -22.27 0.61 -30.55
N THR A 176 -22.66 1.76 -31.07
CA THR A 176 -22.35 2.13 -32.46
C THR A 176 -21.05 2.94 -32.49
N LEU A 177 -19.96 2.24 -32.23
CA LEU A 177 -18.63 2.83 -32.21
C LEU A 177 -17.80 2.20 -33.32
N ALA A 178 -16.51 2.53 -33.34
CA ALA A 178 -15.58 1.99 -34.30
C ALA A 178 -14.70 0.94 -33.63
N GLN A 179 -13.71 0.44 -34.36
CA GLN A 179 -12.85 -0.61 -33.83
C GLN A 179 -12.14 -0.14 -32.57
N ASN A 180 -11.48 1.00 -32.62
CA ASN A 180 -10.71 1.51 -31.49
C ASN A 180 -10.89 3.00 -31.25
N ALA A 181 -12.09 3.51 -31.50
CA ALA A 181 -12.35 4.93 -31.39
C ALA A 181 -12.75 5.29 -29.96
N ARG A 182 -12.63 6.57 -29.65
CA ARG A 182 -12.90 7.04 -28.30
C ARG A 182 -14.40 7.08 -28.06
N PRO A 183 -14.83 7.06 -26.80
CA PRO A 183 -16.27 7.17 -26.52
C PRO A 183 -16.80 8.52 -26.97
N ARG A 184 -18.11 8.59 -27.14
CA ARG A 184 -18.72 9.81 -27.64
C ARG A 184 -18.27 11.02 -26.84
N TYR A 185 -18.36 10.94 -25.52
CA TYR A 185 -17.72 11.92 -24.67
C TYR A 185 -16.23 11.59 -24.53
N ASP A 186 -15.51 12.50 -23.90
CA ASP A 186 -14.09 12.31 -23.59
C ASP A 186 -13.23 11.83 -24.76
N ASP A 187 -13.24 12.62 -25.83
CA ASP A 187 -12.51 12.30 -27.05
C ASP A 187 -11.56 13.46 -27.38
N HIS A 188 -10.37 13.44 -26.78
CA HIS A 188 -9.39 14.49 -27.03
C HIS A 188 -8.01 13.94 -26.70
N ARG A 189 -7.01 14.81 -26.82
CA ARG A 189 -5.62 14.37 -26.76
C ARG A 189 -5.31 13.73 -25.40
N HIS A 190 -5.73 14.36 -24.32
CA HIS A 190 -5.41 13.86 -23.00
C HIS A 190 -6.36 12.77 -22.53
N ALA A 191 -7.41 12.48 -23.29
CA ALA A 191 -8.41 11.53 -22.82
C ALA A 191 -7.77 10.20 -22.50
N LYS A 192 -8.17 9.62 -21.37
CA LYS A 192 -7.73 8.29 -20.93
C LYS A 192 -8.98 7.50 -20.60
N ALA A 193 -9.45 6.72 -21.57
CA ALA A 193 -10.61 5.87 -21.37
C ALA A 193 -10.55 4.73 -22.36
N CYS A 194 -10.83 3.52 -21.89
CA CYS A 194 -10.73 2.34 -22.74
C CYS A 194 -11.59 2.60 -23.96
N GLN A 195 -10.96 2.65 -25.13
CA GLN A 195 -11.68 2.88 -26.36
C GLN A 195 -12.38 1.61 -26.83
N GLY A 196 -13.16 1.76 -27.90
CA GLY A 196 -13.89 0.65 -28.46
C GLY A 196 -15.22 0.42 -27.77
N PRO A 197 -16.12 -0.29 -28.43
CA PRO A 197 -17.40 -0.61 -27.79
C PRO A 197 -17.20 -1.58 -26.65
N LEU A 198 -17.98 -1.39 -25.61
CA LEU A 198 -17.86 -2.25 -24.44
C LEU A 198 -18.34 -3.66 -24.78
N VAL A 199 -17.71 -4.65 -24.16
CA VAL A 199 -17.96 -6.05 -24.48
C VAL A 199 -18.57 -6.72 -23.25
N ILE A 200 -19.77 -7.25 -23.41
CA ILE A 200 -20.40 -7.99 -22.31
C ILE A 200 -19.57 -9.24 -22.01
N PRO A 201 -19.42 -9.65 -20.76
CA PRO A 201 -18.41 -10.66 -20.44
C PRO A 201 -18.64 -12.06 -21.00
N ALA A 202 -19.73 -12.78 -20.71
CA ALA A 202 -19.87 -14.21 -21.12
C ALA A 202 -21.29 -14.71 -20.89
N ALA A 203 -21.60 -15.93 -21.35
CA ALA A 203 -22.92 -16.60 -21.20
C ALA A 203 -22.73 -17.87 -20.35
N THR A 204 -22.51 -17.71 -19.05
CA THR A 204 -22.28 -18.79 -18.06
C THR A 204 -23.62 -19.33 -17.54
N ASN A 205 -23.59 -20.35 -16.69
CA ASN A 205 -24.79 -21.00 -16.11
C ASN A 205 -25.45 -20.05 -15.10
N SER A 206 -24.71 -19.64 -14.06
CA SER A 206 -25.16 -18.75 -12.97
C SER A 206 -24.81 -17.29 -13.29
N ASP A 207 -25.77 -16.53 -13.84
CA ASP A 207 -25.59 -15.10 -14.20
C ASP A 207 -26.61 -14.28 -13.41
N CYS A 208 -26.27 -13.04 -13.06
CA CYS A 208 -27.14 -12.09 -12.32
C CYS A 208 -26.76 -10.68 -12.75
N GLY A 209 -26.75 -10.44 -14.06
CA GLY A 209 -26.32 -9.17 -14.68
C GLY A 209 -24.83 -9.25 -14.98
N PRO A 210 -24.03 -8.19 -14.76
CA PRO A 210 -22.59 -8.21 -15.08
C PRO A 210 -21.70 -9.11 -14.21
N CYS A 211 -22.06 -9.26 -12.93
CA CYS A 211 -21.30 -9.99 -11.86
C CYS A 211 -21.72 -11.46 -11.73
N GLY A 212 -20.90 -12.30 -11.03
CA GLY A 212 -21.10 -13.73 -10.69
C GLY A 212 -22.27 -13.90 -9.73
N PHE A 213 -22.85 -15.10 -9.67
CA PHE A 213 -24.01 -15.42 -8.81
C PHE A 213 -23.86 -16.83 -8.20
N VAL A 214 -24.09 -17.01 -6.89
CA VAL A 214 -24.06 -18.34 -6.23
C VAL A 214 -25.36 -18.46 -5.42
N GLN A 215 -26.02 -19.61 -5.41
CA GLN A 215 -27.28 -19.83 -4.64
C GLN A 215 -26.99 -20.83 -3.52
N ILE A 216 -27.87 -20.89 -2.52
CA ILE A 216 -27.74 -21.78 -1.34
C ILE A 216 -29.01 -22.64 -1.20
N ASN A 217 -29.07 -23.82 -1.83
CA ASN A 217 -30.25 -24.66 -1.77
C ASN A 217 -29.82 -26.08 -1.50
N ALA A 218 -30.79 -26.89 -1.05
CA ALA A 218 -30.47 -28.24 -0.61
C ALA A 218 -29.73 -29.03 -1.67
N ASN A 219 -30.28 -29.07 -2.89
CA ASN A 219 -29.69 -29.86 -3.97
C ASN A 219 -28.72 -28.95 -4.72
N GLN A 220 -27.71 -28.49 -3.98
CA GLN A 220 -26.69 -27.61 -4.55
C GLN A 220 -25.46 -27.71 -3.67
N GLY A 221 -24.48 -26.85 -3.97
CA GLY A 221 -23.34 -26.67 -3.09
C GLY A 221 -23.14 -25.19 -2.83
N LEU A 222 -22.39 -24.90 -1.76
CA LEU A 222 -22.10 -23.53 -1.37
C LEU A 222 -20.60 -23.34 -1.22
N THR A 223 -20.08 -22.28 -1.84
CA THR A 223 -18.67 -21.93 -1.72
C THR A 223 -18.53 -20.44 -2.02
N LEU A 224 -18.39 -19.65 -0.98
CA LEU A 224 -18.35 -18.21 -1.14
C LEU A 224 -17.16 -17.83 -2.03
N PRO A 225 -17.38 -17.11 -3.12
CA PRO A 225 -16.24 -16.69 -3.96
C PRO A 225 -15.34 -15.72 -3.22
N LEU A 226 -14.26 -15.28 -3.87
CA LEU A 226 -13.18 -14.63 -3.14
C LEU A 226 -13.40 -13.14 -2.98
N GLY A 227 -14.15 -12.50 -3.86
CA GLY A 227 -14.22 -11.05 -3.84
C GLY A 227 -15.15 -10.53 -2.78
N ALA A 228 -16.04 -9.61 -3.14
CA ALA A 228 -17.08 -9.14 -2.24
C ALA A 228 -18.36 -9.91 -2.52
N CYS A 229 -19.15 -10.10 -1.46
CA CYS A 229 -20.41 -10.83 -1.54
C CYS A 229 -21.51 -9.94 -0.99
N LEU A 230 -22.51 -9.66 -1.82
CA LEU A 230 -23.62 -8.79 -1.46
C LEU A 230 -24.86 -9.67 -1.31
N PHE A 231 -25.05 -10.25 -0.12
CA PHE A 231 -26.20 -11.12 0.24
C PHE A 231 -27.50 -10.30 0.21
N VAL A 232 -28.44 -10.58 -0.69
CA VAL A 232 -29.75 -9.85 -0.80
C VAL A 232 -30.89 -10.89 -0.82
N ASN A 233 -32.10 -10.47 -0.46
CA ASN A 233 -33.29 -11.30 -0.47
C ASN A 233 -33.70 -11.60 -1.91
N PRO A 234 -34.39 -12.72 -2.14
CA PRO A 234 -34.81 -13.03 -3.51
C PRO A 234 -35.75 -12.01 -4.09
N GLU A 235 -36.37 -11.18 -3.27
CA GLU A 235 -37.30 -10.18 -3.80
C GLU A 235 -36.58 -9.19 -4.70
N THR A 236 -35.48 -8.59 -4.22
CA THR A 236 -34.84 -7.52 -4.96
C THR A 236 -34.03 -8.03 -6.14
N VAL A 237 -33.35 -9.17 -5.98
CA VAL A 237 -32.50 -9.67 -7.06
C VAL A 237 -33.31 -9.83 -8.33
N ASN A 238 -34.58 -10.20 -8.20
CA ASN A 238 -35.46 -10.31 -9.35
C ASN A 238 -36.08 -8.98 -9.73
N ASP A 239 -35.70 -7.90 -9.06
CA ASP A 239 -36.18 -6.57 -9.39
C ASP A 239 -35.52 -6.12 -10.69
N GLN A 240 -35.94 -4.96 -11.19
CA GLN A 240 -35.41 -4.44 -12.45
C GLN A 240 -34.37 -3.36 -12.23
N SER A 241 -34.70 -2.30 -11.50
CA SER A 241 -33.78 -1.18 -11.36
C SER A 241 -32.44 -1.65 -10.83
N PHE A 242 -32.43 -2.60 -9.90
CA PHE A 242 -31.19 -3.06 -9.30
C PHE A 242 -30.28 -3.67 -10.36
N GLN A 243 -30.85 -4.48 -11.24
CA GLN A 243 -30.08 -5.06 -12.34
C GLN A 243 -29.47 -3.97 -13.21
N ASP A 244 -30.26 -2.94 -13.53
CA ASP A 244 -29.75 -1.85 -14.34
C ASP A 244 -28.61 -1.13 -13.65
N PHE A 245 -28.72 -0.93 -12.34
CA PHE A 245 -27.64 -0.27 -11.60
C PHE A 245 -26.37 -1.09 -11.67
N LEU A 246 -26.49 -2.41 -11.51
CA LEU A 246 -25.30 -3.25 -11.63
C LEU A 246 -24.69 -3.10 -13.01
N TRP A 247 -25.53 -3.13 -14.05
CA TRP A 247 -24.99 -2.98 -15.40
C TRP A 247 -24.28 -1.66 -15.56
N LEU A 248 -24.86 -0.60 -15.01
CA LEU A 248 -24.25 0.72 -15.15
C LEU A 248 -22.89 0.78 -14.46
N ILE A 249 -22.81 0.25 -13.24
CA ILE A 249 -21.54 0.26 -12.54
C ILE A 249 -20.50 -0.51 -13.33
N PHE A 250 -20.87 -1.70 -13.80
CA PHE A 250 -19.93 -2.46 -14.61
C PHE A 250 -19.49 -1.65 -15.81
N ALA A 251 -20.42 -0.99 -16.47
CA ALA A 251 -20.08 -0.25 -17.68
C ALA A 251 -19.07 0.84 -17.38
N THR A 252 -19.29 1.60 -16.30
CA THR A 252 -18.34 2.66 -15.99
C THR A 252 -17.00 2.11 -15.52
N HIS A 253 -16.96 0.89 -15.01
CA HIS A 253 -15.69 0.36 -14.55
C HIS A 253 -14.79 -0.07 -15.69
N HIS A 254 -15.35 -0.45 -16.83
CA HIS A 254 -14.55 -0.90 -17.97
C HIS A 254 -14.11 0.23 -18.88
N ARG A 255 -14.39 1.48 -18.53
CA ARG A 255 -13.85 2.60 -19.28
C ARG A 255 -12.65 3.23 -18.61
N MET A 256 -12.19 2.70 -17.48
CA MET A 256 -10.98 3.19 -16.87
C MET A 256 -9.78 2.70 -17.68
N PRO A 257 -8.63 3.33 -17.51
CA PRO A 257 -7.44 2.90 -18.24
C PRO A 257 -7.12 1.45 -17.97
N ASN A 258 -6.62 0.76 -18.99
CA ASN A 258 -6.51 -0.69 -18.92
C ASN A 258 -5.63 -1.13 -17.75
N GLN A 259 -4.51 -0.45 -17.55
CA GLN A 259 -3.62 -0.83 -16.45
C GLN A 259 -4.31 -0.65 -15.11
N MET A 260 -4.89 0.54 -14.87
CA MET A 260 -5.61 0.74 -13.63
C MET A 260 -6.79 -0.21 -13.52
N GLN A 261 -7.36 -0.62 -14.65
CA GLN A 261 -8.41 -1.62 -14.62
C GLN A 261 -7.89 -2.93 -14.07
N ASN A 262 -6.71 -3.36 -14.50
CA ASN A 262 -6.14 -4.59 -14.00
C ASN A 262 -5.83 -4.48 -12.51
N ASN A 263 -5.39 -3.31 -12.07
CA ASN A 263 -5.01 -3.17 -10.66
C ASN A 263 -6.17 -3.46 -9.73
N TRP A 264 -7.37 -2.96 -10.06
CA TRP A 264 -8.51 -2.98 -9.14
C TRP A 264 -9.68 -3.67 -9.81
N PRO A 265 -9.71 -5.00 -9.81
CA PRO A 265 -10.75 -5.71 -10.55
C PRO A 265 -12.12 -5.49 -9.94
N PHE A 266 -13.13 -5.52 -10.81
CA PHE A 266 -14.53 -5.45 -10.43
C PHE A 266 -14.95 -6.82 -9.94
N SER A 267 -14.80 -7.07 -8.64
CA SER A 267 -14.96 -8.41 -8.09
C SER A 267 -16.31 -8.62 -7.43
N LEU A 268 -17.24 -7.69 -7.57
CA LEU A 268 -18.55 -7.87 -6.97
C LEU A 268 -19.22 -9.13 -7.52
N ASN A 269 -20.00 -9.78 -6.67
CA ASN A 269 -20.76 -10.95 -7.08
C ASN A 269 -21.77 -11.27 -6.00
N ILE A 270 -23.00 -11.57 -6.41
CA ILE A 270 -24.13 -11.58 -5.49
C ILE A 270 -24.56 -13.00 -5.17
N VAL A 271 -25.07 -13.18 -3.96
CA VAL A 271 -25.52 -14.48 -3.47
C VAL A 271 -26.91 -14.30 -2.89
N SER A 272 -27.81 -15.22 -3.23
CA SER A 272 -29.19 -15.12 -2.80
C SER A 272 -29.75 -16.54 -2.72
N THR A 273 -31.07 -16.65 -2.61
CA THR A 273 -31.73 -17.94 -2.43
C THR A 273 -32.75 -18.28 -3.49
N CYS A 274 -32.60 -17.75 -4.70
CA CYS A 274 -33.54 -18.01 -5.77
C CYS A 274 -32.77 -18.31 -7.05
N ALA A 275 -33.51 -18.68 -8.09
CA ALA A 275 -32.87 -18.98 -9.36
C ALA A 275 -32.15 -17.76 -9.91
N ALA A 276 -31.01 -17.99 -10.54
CA ALA A 276 -30.23 -16.90 -11.08
C ALA A 276 -30.98 -16.23 -12.23
N PRO A 277 -31.24 -14.93 -12.17
CA PRO A 277 -31.84 -14.25 -13.32
C PRO A 277 -30.78 -13.97 -14.37
N GLY A 278 -30.95 -14.54 -15.55
CA GLY A 278 -29.92 -14.44 -16.56
C GLY A 278 -29.56 -13.00 -16.86
N ARG A 279 -28.30 -12.79 -17.24
CA ARG A 279 -27.85 -11.46 -17.59
C ARG A 279 -28.68 -10.94 -18.75
N GLN A 280 -29.03 -9.65 -18.69
CA GLN A 280 -29.86 -9.04 -19.72
C GLN A 280 -29.04 -8.39 -20.83
N ALA A 281 -27.89 -7.81 -20.47
CA ALA A 281 -26.96 -7.14 -21.41
C ALA A 281 -27.61 -6.07 -22.29
N PRO A 282 -28.24 -5.00 -21.75
CA PRO A 282 -29.02 -4.06 -22.57
C PRO A 282 -28.19 -3.49 -23.72
N HIS A 283 -28.83 -3.25 -24.89
CA HIS A 283 -28.17 -2.72 -26.12
C HIS A 283 -29.17 -1.90 -26.94
N ALA A 284 -28.65 -1.15 -27.93
CA ALA A 284 -29.42 -0.32 -28.88
C ALA A 284 -30.18 0.85 -28.20
N GLY A 285 -31.26 0.52 -27.43
CA GLY A 285 -32.05 1.54 -26.71
C GLY A 285 -32.96 0.95 -25.68
N GLU A 286 -32.41 0.17 -24.74
CA GLU A 286 -33.16 -0.51 -23.65
C GLU A 286 -33.27 0.46 -22.46
N LEU A 287 -32.14 1.03 -22.04
CA LEU A 287 -32.06 1.97 -20.95
C LEU A 287 -32.39 3.36 -21.46
N THR A 288 -33.17 4.11 -20.68
CA THR A 288 -33.57 5.45 -21.04
C THR A 288 -33.47 6.33 -19.81
N ASP A 289 -33.74 7.62 -20.00
CA ASP A 289 -33.41 8.60 -18.98
C ASP A 289 -34.05 8.26 -17.64
N GLU A 290 -35.37 8.06 -17.62
CA GLU A 290 -36.04 7.82 -16.35
C GLU A 290 -35.60 6.50 -15.73
N ARG A 291 -35.41 5.48 -16.56
CA ARG A 291 -34.97 4.20 -16.02
C ARG A 291 -33.56 4.32 -15.45
N VAL A 292 -32.70 5.08 -16.12
CA VAL A 292 -31.36 5.31 -15.59
C VAL A 292 -31.45 6.04 -14.25
N ARG A 293 -32.32 7.04 -14.16
CA ARG A 293 -32.45 7.78 -12.92
C ARG A 293 -32.93 6.88 -11.78
N LEU A 294 -33.91 6.03 -12.06
CA LEU A 294 -34.38 5.10 -11.05
C LEU A 294 -33.24 4.17 -10.62
N ALA A 295 -32.46 3.68 -11.57
CA ALA A 295 -31.34 2.82 -11.22
C ALA A 295 -30.34 3.55 -10.35
N LEU A 296 -30.05 4.80 -10.67
CA LEU A 296 -29.16 5.59 -9.82
C LEU A 296 -29.69 5.67 -8.41
N ASP A 297 -30.99 5.92 -8.26
CA ASP A 297 -31.56 6.04 -6.93
C ASP A 297 -31.35 4.74 -6.15
N THR A 298 -31.74 3.61 -6.73
CA THR A 298 -31.61 2.35 -6.01
C THR A 298 -30.15 2.05 -5.71
N GLY A 299 -29.25 2.39 -6.63
CA GLY A 299 -27.84 2.19 -6.36
C GLY A 299 -27.36 3.00 -5.18
N HIS A 300 -27.81 4.25 -5.08
CA HIS A 300 -27.43 5.06 -3.93
C HIS A 300 -27.95 4.44 -2.65
N ARG A 301 -29.17 3.92 -2.68
CA ARG A 301 -29.69 3.26 -1.48
C ARG A 301 -28.81 2.07 -1.11
N ILE A 302 -28.43 1.26 -2.10
CA ILE A 302 -27.57 0.12 -1.84
C ILE A 302 -26.27 0.57 -1.19
N LEU A 303 -25.61 1.55 -1.80
CA LEU A 303 -24.32 1.98 -1.29
C LEU A 303 -24.46 2.50 0.14
N LEU A 304 -25.49 3.30 0.40
CA LEU A 304 -25.69 3.77 1.76
C LEU A 304 -25.79 2.61 2.72
N SER A 305 -26.59 1.60 2.38
CA SER A 305 -26.71 0.46 3.28
C SER A 305 -25.37 -0.24 3.45
N MET A 306 -24.51 -0.22 2.43
CA MET A 306 -23.21 -0.87 2.54
C MET A 306 -22.28 -0.12 3.48
N PHE A 307 -22.46 1.19 3.63
CA PHE A 307 -21.57 2.01 4.42
C PHE A 307 -21.91 2.10 5.89
N ASN A 308 -22.72 1.18 6.40
CA ASN A 308 -23.22 1.27 7.76
C ASN A 308 -24.01 2.55 7.97
N ASP A 309 -24.63 3.04 6.90
CA ASP A 309 -25.45 4.23 6.95
C ASP A 309 -24.66 5.42 7.51
N ASP A 310 -23.43 5.57 7.03
CA ASP A 310 -22.60 6.70 7.46
C ASP A 310 -22.94 8.00 6.74
N GLU A 311 -22.88 7.98 5.42
CA GLU A 311 -23.31 9.03 4.50
C GLU A 311 -22.43 10.25 4.54
N GLU A 312 -21.45 10.34 5.44
CA GLU A 312 -20.50 11.44 5.36
C GLU A 312 -19.20 11.03 4.71
N THR A 313 -18.76 9.79 4.93
CA THR A 313 -17.67 9.26 4.15
C THR A 313 -18.13 8.85 2.76
N LEU A 314 -19.36 8.35 2.63
CA LEU A 314 -19.88 8.04 1.32
C LEU A 314 -19.83 9.25 0.41
N ARG A 315 -20.34 10.38 0.90
CA ARG A 315 -20.26 11.60 0.11
C ARG A 315 -18.82 11.97 -0.18
N TYR A 316 -17.91 11.67 0.75
CA TYR A 316 -16.52 12.02 0.51
C TYR A 316 -15.95 11.25 -0.67
N TYR A 317 -16.09 9.93 -0.66
CA TYR A 317 -15.54 9.15 -1.76
C TYR A 317 -16.25 9.47 -3.05
N GLN A 318 -17.55 9.74 -2.99
CA GLN A 318 -18.28 10.10 -4.19
C GLN A 318 -17.76 11.40 -4.77
N ARG A 319 -17.53 12.40 -3.92
CA ARG A 319 -16.91 13.63 -4.40
C ARG A 319 -15.56 13.35 -5.02
N LYS A 320 -14.76 12.53 -4.36
CA LYS A 320 -13.41 12.34 -4.85
C LYS A 320 -13.43 11.67 -6.21
N GLY A 321 -14.37 10.75 -6.41
CA GLY A 321 -14.52 10.14 -7.72
C GLY A 321 -14.96 11.13 -8.78
N ILE A 322 -15.96 11.95 -8.44
CA ILE A 322 -16.42 12.94 -9.41
C ILE A 322 -15.38 13.99 -9.68
N GLU A 323 -14.35 14.09 -8.85
CA GLU A 323 -13.32 15.10 -9.04
C GLU A 323 -12.35 14.76 -10.16
N THR A 324 -12.39 13.55 -10.73
CA THR A 324 -11.48 13.23 -11.81
C THR A 324 -11.80 14.02 -13.08
N MET A 325 -12.94 14.68 -13.13
CA MET A 325 -13.39 15.34 -14.35
C MET A 325 -13.82 16.78 -14.14
N PHE A 326 -14.02 17.21 -12.91
CA PHE A 326 -14.24 18.61 -12.57
C PHE A 326 -13.20 19.02 -11.55
N ARG A 327 -12.72 20.24 -11.66
CA ARG A 327 -11.78 20.76 -10.68
C ARG A 327 -11.53 22.24 -10.91
N PRO A 328 -11.25 23.00 -9.85
CA PRO A 328 -11.02 24.43 -10.03
C PRO A 328 -9.77 24.68 -10.83
N CYS A 329 -9.79 25.76 -11.60
CA CYS A 329 -8.68 26.13 -12.45
C CYS A 329 -7.92 27.27 -11.78
N CYS A 330 -6.59 27.14 -11.74
CA CYS A 330 -5.78 28.13 -11.05
C CYS A 330 -5.90 29.50 -11.71
N PHE A 331 -5.46 30.52 -10.98
CA PHE A 331 -5.67 31.90 -11.34
C PHE A 331 -4.39 32.69 -11.52
N TYR A 332 -3.25 32.17 -11.09
CA TYR A 332 -1.99 32.88 -11.18
C TYR A 332 -1.10 32.25 -12.24
N THR A 333 -0.35 33.09 -12.93
CA THR A 333 0.49 32.62 -14.03
C THR A 333 1.50 31.57 -13.56
N GLU A 334 1.80 31.54 -12.26
CA GLU A 334 2.72 30.55 -11.72
C GLU A 334 2.60 29.13 -12.23
N GLY A 335 1.38 28.66 -12.44
CA GLY A 335 1.17 27.37 -13.06
C GLY A 335 0.14 26.49 -12.37
N GLY A 336 -0.40 26.95 -11.25
CA GLY A 336 -1.50 26.23 -10.64
C GLY A 336 -1.16 24.82 -10.24
N LEU A 337 -0.31 24.66 -9.23
CA LEU A 337 0.17 23.36 -8.82
C LEU A 337 -0.29 22.93 -7.44
N LEU A 338 -0.69 23.87 -6.59
CA LEU A 338 -1.07 23.50 -5.23
C LEU A 338 -2.17 22.45 -5.23
N ARG A 339 -3.06 22.48 -6.22
CA ARG A 339 -4.08 21.46 -6.31
C ARG A 339 -3.48 20.12 -6.70
N LYS A 340 -2.55 20.11 -7.64
CA LYS A 340 -2.06 18.85 -8.19
C LYS A 340 -1.46 17.97 -7.12
N ALA A 341 -1.05 18.53 -5.99
CA ALA A 341 -0.40 17.75 -4.94
C ALA A 341 -1.32 17.44 -3.78
N THR A 342 -2.64 17.56 -3.95
CA THR A 342 -3.57 17.30 -2.86
C THR A 342 -4.76 16.45 -3.27
N ARG A 343 -4.68 15.75 -4.40
CA ARG A 343 -5.82 15.19 -5.10
C ARG A 343 -5.94 13.69 -4.98
N TYR A 344 -5.13 13.04 -4.17
CA TYR A 344 -5.05 11.57 -4.18
C TYR A 344 -5.79 11.00 -2.97
N VAL A 345 -6.59 9.97 -3.22
CA VAL A 345 -7.28 9.21 -2.19
C VAL A 345 -6.75 7.79 -2.22
N SER A 346 -6.27 7.31 -1.08
CA SER A 346 -5.79 5.94 -1.03
C SER A 346 -6.95 4.97 -1.22
N MET A 347 -6.63 3.76 -1.68
CA MET A 347 -7.68 2.79 -1.96
C MET A 347 -7.13 1.39 -1.82
N VAL A 348 -8.05 0.44 -1.66
CA VAL A 348 -7.71 -0.98 -1.64
C VAL A 348 -8.79 -1.75 -2.36
N PRO A 349 -8.42 -2.88 -2.96
CA PRO A 349 -9.41 -3.63 -3.75
C PRO A 349 -10.62 -3.99 -2.90
N LEU A 350 -11.80 -3.82 -3.48
CA LEU A 350 -13.01 -3.96 -2.69
C LEU A 350 -13.14 -5.38 -2.16
N ASN A 351 -13.75 -5.50 -0.99
CA ASN A 351 -13.87 -6.80 -0.34
C ASN A 351 -14.77 -6.66 0.88
N GLY A 352 -15.30 -7.79 1.33
CA GLY A 352 -16.11 -7.86 2.52
C GLY A 352 -17.41 -8.59 2.27
N LEU A 353 -18.23 -8.63 3.30
CA LEU A 353 -19.54 -9.26 3.25
C LEU A 353 -20.61 -8.22 3.51
N TYR A 354 -21.58 -8.12 2.61
CA TYR A 354 -22.61 -7.09 2.70
C TYR A 354 -23.98 -7.71 2.57
N TYR A 355 -24.91 -7.26 3.41
CA TYR A 355 -26.30 -7.68 3.39
C TYR A 355 -27.16 -6.47 3.17
N TYR A 356 -28.19 -6.60 2.34
CA TYR A 356 -29.05 -5.48 2.00
C TYR A 356 -30.50 -5.92 1.97
N ASN A 357 -31.30 -5.41 2.88
CA ASN A 357 -32.71 -5.75 2.94
C ASN A 357 -33.63 -4.56 2.80
N GLY A 358 -33.29 -3.43 3.41
CA GLY A 358 -34.15 -2.27 3.36
C GLY A 358 -33.37 -0.98 3.19
N ALA A 359 -33.86 0.10 3.77
CA ALA A 359 -33.24 1.41 3.65
C ALA A 359 -32.48 1.81 4.91
N THR A 360 -33.13 1.81 6.05
CA THR A 360 -32.57 2.15 7.36
C THR A 360 -32.35 3.65 7.52
N SER A 361 -32.58 4.46 6.49
CA SER A 361 -32.44 5.91 6.62
C SER A 361 -32.88 6.52 5.31
N TYR A 362 -33.12 7.83 5.34
CA TYR A 362 -33.47 8.58 4.15
C TYR A 362 -32.78 9.93 4.22
N VAL A 363 -31.97 10.23 3.21
CA VAL A 363 -31.22 11.48 3.18
C VAL A 363 -31.97 12.46 2.28
N VAL A 364 -32.19 13.67 2.79
CA VAL A 364 -33.08 14.60 2.12
C VAL A 364 -32.54 14.98 0.74
N SER A 365 -31.24 15.22 0.64
CA SER A 365 -30.63 15.67 -0.61
C SER A 365 -29.27 14.99 -0.80
N PRO A 366 -29.23 13.81 -1.40
CA PRO A 366 -27.95 13.19 -1.74
C PRO A 366 -27.29 13.94 -2.90
N ILE A 367 -25.98 13.73 -3.02
CA ILE A 367 -25.20 14.50 -3.98
C ILE A 367 -25.68 14.26 -5.40
N HIS A 368 -26.09 13.03 -5.73
CA HIS A 368 -26.31 12.71 -7.13
C HIS A 368 -27.49 13.44 -7.74
N THR A 369 -28.33 14.08 -6.93
CA THR A 369 -29.46 14.87 -7.44
C THR A 369 -29.36 16.24 -6.80
N ASP A 370 -28.53 17.10 -7.40
CA ASP A 370 -28.46 18.47 -6.96
C ASP A 370 -28.16 19.44 -8.09
N ALA A 371 -28.67 19.19 -9.30
CA ALA A 371 -28.53 20.17 -10.36
C ALA A 371 -27.06 20.41 -10.72
N HIS A 372 -26.46 19.47 -11.44
CA HIS A 372 -25.05 19.52 -11.81
C HIS A 372 -24.12 19.25 -10.62
N PRO A 373 -24.04 18.00 -10.19
CA PRO A 373 -23.11 17.67 -9.09
C PRO A 373 -21.68 18.08 -9.36
N GLY A 374 -21.27 18.18 -10.63
CA GLY A 374 -19.88 18.51 -10.92
C GLY A 374 -19.44 19.81 -10.27
N ILE A 375 -20.25 20.86 -10.41
CA ILE A 375 -19.88 22.15 -9.86
C ILE A 375 -19.77 22.08 -8.34
N THR A 376 -20.75 21.44 -7.69
CA THR A 376 -20.69 21.35 -6.24
C THR A 376 -19.48 20.55 -5.76
N ALA A 377 -19.11 19.48 -6.45
CA ALA A 377 -17.90 18.77 -6.08
C ALA A 377 -16.66 19.62 -6.26
N ALA A 378 -16.58 20.35 -7.38
CA ALA A 378 -15.41 21.18 -7.61
C ALA A 378 -15.27 22.23 -6.52
N ILE A 379 -16.37 22.88 -6.15
CA ILE A 379 -16.28 23.92 -5.14
C ILE A 379 -16.02 23.30 -3.76
N GLU A 380 -16.58 22.13 -3.50
CA GLU A 380 -16.26 21.46 -2.24
C GLU A 380 -14.79 21.15 -2.14
N SER A 381 -14.12 20.94 -3.29
CA SER A 381 -12.67 20.77 -3.28
C SER A 381 -11.95 22.11 -3.09
N PHE A 382 -12.44 23.14 -3.77
CA PHE A 382 -11.80 24.45 -3.69
C PHE A 382 -11.82 24.96 -2.26
N VAL A 383 -12.90 24.71 -1.53
CA VAL A 383 -13.02 25.18 -0.17
C VAL A 383 -12.03 24.51 0.77
N ASP A 384 -11.36 23.45 0.32
CA ASP A 384 -10.28 22.84 1.08
C ASP A 384 -8.92 23.31 0.60
N ILE A 385 -8.75 23.45 -0.71
CA ILE A 385 -7.48 23.96 -1.22
C ILE A 385 -7.21 25.34 -0.64
N MET A 386 -8.25 26.16 -0.49
CA MET A 386 -8.04 27.49 0.07
C MET A 386 -7.58 27.43 1.51
N VAL A 387 -8.14 26.51 2.31
CA VAL A 387 -7.69 26.41 3.69
C VAL A 387 -6.22 26.01 3.72
N LEU A 388 -5.84 25.09 2.85
CA LEU A 388 -4.44 24.70 2.80
C LEU A 388 -3.56 25.90 2.45
N GLN A 389 -3.98 26.69 1.46
CA GLN A 389 -3.29 27.94 1.16
C GLN A 389 -3.12 28.78 2.40
N ALA A 390 -4.20 28.97 3.15
CA ALA A 390 -4.12 29.84 4.32
C ALA A 390 -3.09 29.33 5.30
N VAL A 391 -3.05 28.02 5.52
CA VAL A 391 -2.12 27.52 6.52
C VAL A 391 -0.68 27.65 6.05
N PHE A 392 -0.38 27.30 4.79
CA PHE A 392 1.01 27.43 4.35
C PHE A 392 1.48 28.87 4.46
N SER A 393 0.70 29.80 3.99
CA SER A 393 1.16 31.18 4.03
C SER A 393 1.21 31.74 5.41
N PHE A 394 0.92 30.96 6.45
CA PHE A 394 0.85 31.52 7.80
C PHE A 394 2.14 32.21 8.21
N SER A 395 3.28 31.87 7.58
CA SER A 395 4.56 32.47 7.94
C SER A 395 5.02 33.51 6.94
N GLY A 396 5.11 33.15 5.67
CA GLY A 396 5.58 34.07 4.66
C GLY A 396 5.31 33.58 3.26
N PRO A 397 5.74 34.34 2.26
CA PRO A 397 5.45 33.94 0.87
C PRO A 397 5.99 32.58 0.49
N LYS A 398 7.15 32.17 1.01
CA LYS A 398 7.74 30.88 0.69
C LYS A 398 8.09 30.71 -0.79
N VAL A 399 8.98 31.59 -1.23
CA VAL A 399 9.40 31.63 -2.63
C VAL A 399 10.39 30.51 -2.91
N VAL A 400 10.58 30.20 -4.19
CA VAL A 400 11.65 29.32 -4.65
C VAL A 400 12.22 29.90 -5.93
N ALA A 401 13.48 30.31 -5.89
CA ALA A 401 14.10 31.06 -6.96
C ALA A 401 15.19 30.22 -7.64
N ALA A 402 15.68 30.74 -8.76
CA ALA A 402 16.67 30.05 -9.57
C ALA A 402 17.94 30.88 -9.65
N LYS A 403 19.08 30.25 -9.38
CA LYS A 403 20.38 30.89 -9.50
C LYS A 403 21.35 29.89 -10.10
N VAL A 404 22.28 30.39 -10.89
CA VAL A 404 23.24 29.53 -11.60
C VAL A 404 24.41 29.21 -10.69
N ASN A 405 24.84 27.95 -10.72
CA ASN A 405 25.92 27.46 -9.86
C ASN A 405 25.51 27.55 -8.38
N ALA A 406 24.37 26.95 -8.08
CA ALA A 406 23.90 26.84 -6.70
C ALA A 406 24.51 25.60 -6.06
N SER A 407 24.82 25.70 -4.78
CA SER A 407 25.47 24.61 -4.07
C SER A 407 24.57 23.39 -4.05
N GLN A 408 25.06 22.27 -4.57
CA GLN A 408 24.29 21.03 -4.53
C GLN A 408 24.59 20.30 -3.23
N ILE A 409 24.39 20.99 -2.12
CA ILE A 409 24.44 20.40 -0.79
C ILE A 409 23.27 20.92 0.02
N ASP A 410 23.12 22.24 0.05
CA ASP A 410 22.00 22.90 0.72
C ASP A 410 21.47 23.98 -0.19
N ALA A 411 20.17 24.24 -0.06
CA ALA A 411 19.47 25.18 -0.93
C ALA A 411 18.62 26.13 -0.10
N ALA A 412 19.22 26.67 0.96
CA ALA A 412 18.53 27.57 1.87
C ALA A 412 19.36 28.84 2.02
N MET A 413 18.99 29.88 1.28
CA MET A 413 19.63 31.18 1.38
C MET A 413 18.63 32.19 1.93
N VAL A 414 19.12 33.09 2.77
CA VAL A 414 18.30 34.14 3.35
C VAL A 414 18.06 35.21 2.29
N PHE A 415 16.80 35.55 2.07
CA PHE A 415 16.41 36.52 1.04
C PHE A 415 16.19 37.92 1.59
N GLY A 416 16.07 38.07 2.90
CA GLY A 416 15.81 39.36 3.49
C GLY A 416 14.50 39.34 4.25
N PRO A 417 14.09 40.47 4.80
CA PRO A 417 12.82 40.51 5.51
C PRO A 417 11.69 40.03 4.62
N ALA A 418 10.55 39.76 5.24
CA ALA A 418 9.36 39.30 4.56
C ALA A 418 9.50 37.86 4.08
N VAL A 419 10.61 37.21 4.35
CA VAL A 419 10.78 35.80 4.00
C VAL A 419 11.52 35.14 5.15
N ALA A 420 10.81 34.38 5.99
CA ALA A 420 11.41 33.79 7.17
C ALA A 420 12.52 32.81 6.83
N GLU A 421 13.44 32.57 7.78
CA GLU A 421 14.65 31.83 7.48
C GLU A 421 14.31 30.48 6.86
N GLY A 422 13.27 29.82 7.37
CA GLY A 422 13.00 28.46 6.95
C GLY A 422 12.80 28.34 5.45
N ASP A 423 11.99 29.22 4.89
CA ASP A 423 11.62 29.13 3.48
C ASP A 423 12.53 30.02 2.65
N GLY A 424 12.25 30.14 1.36
CA GLY A 424 13.12 30.88 0.48
C GLY A 424 14.31 30.06 0.01
N PHE A 425 14.06 29.01 -0.75
CA PHE A 425 15.11 28.13 -1.21
C PHE A 425 15.69 28.65 -2.53
N VAL A 426 16.51 27.82 -3.19
CA VAL A 426 17.11 28.19 -4.46
C VAL A 426 17.56 26.91 -5.13
N TYR A 427 17.64 26.93 -6.46
CA TYR A 427 18.00 25.73 -7.21
C TYR A 427 18.65 26.10 -8.52
N ASP A 428 19.64 25.31 -8.92
CA ASP A 428 20.25 25.49 -10.22
C ASP A 428 19.20 25.27 -11.31
N PRO A 429 19.18 26.09 -12.35
CA PRO A 429 18.14 25.92 -13.38
C PRO A 429 18.47 24.87 -14.41
N LEU A 430 19.75 24.72 -14.76
CA LEU A 430 20.11 23.89 -15.91
C LEU A 430 20.01 22.40 -15.63
N ARG A 431 19.82 22.01 -14.39
CA ARG A 431 19.56 20.62 -14.05
C ARG A 431 18.07 20.38 -13.89
N PRO A 432 17.61 19.14 -13.87
CA PRO A 432 16.18 18.90 -13.73
C PRO A 432 15.63 19.54 -12.46
N ALA A 433 14.39 20.03 -12.56
CA ALA A 433 13.81 20.81 -11.48
C ALA A 433 13.52 19.94 -10.27
N PRO A 434 13.34 20.54 -9.10
CA PRO A 434 13.11 19.76 -7.88
C PRO A 434 11.78 19.04 -7.94
N PRO A 435 11.45 18.26 -6.91
CA PRO A 435 10.25 17.43 -6.95
C PRO A 435 9.03 18.03 -6.28
N LEU A 436 9.19 19.14 -5.57
CA LEU A 436 8.06 19.85 -4.98
C LEU A 436 7.33 19.07 -3.91
N SER A 437 7.75 17.84 -3.63
CA SER A 437 7.37 17.17 -2.40
C SER A 437 8.45 17.30 -1.34
N ALA A 438 9.58 17.88 -1.69
CA ALA A 438 10.66 18.16 -0.75
C ALA A 438 10.48 19.48 -0.05
N PHE A 439 9.39 20.21 -0.34
CA PHE A 439 9.07 21.44 0.36
C PHE A 439 7.77 21.32 1.15
N TYR A 440 6.70 20.89 0.51
CA TYR A 440 5.41 20.85 1.18
C TYR A 440 5.48 20.00 2.44
N THR A 441 5.99 18.77 2.33
CA THR A 441 6.07 17.91 3.50
C THR A 441 6.80 18.63 4.63
N GLU A 442 7.92 19.27 4.31
CA GLU A 442 8.63 20.00 5.35
C GLU A 442 7.77 21.12 5.91
N PHE A 443 6.85 21.66 5.12
CA PHE A 443 5.98 22.72 5.62
C PHE A 443 4.92 22.16 6.56
N ILE A 444 4.11 21.22 6.09
CA ILE A 444 3.06 20.70 6.96
C ILE A 444 3.60 19.55 7.78
N HIS A 445 4.49 19.86 8.71
CA HIS A 445 4.72 18.99 9.85
C HIS A 445 5.06 19.83 11.08
N ARG A 446 5.40 21.09 10.86
CA ARG A 446 5.78 21.94 11.98
C ARG A 446 4.58 22.13 12.89
N PRO A 447 4.81 22.31 14.18
CA PRO A 447 3.67 22.48 15.08
C PRO A 447 3.16 23.91 15.10
N ALA A 448 3.13 24.53 13.96
CA ALA A 448 2.44 25.81 13.79
C ALA A 448 1.54 25.80 12.58
N GLU A 449 1.97 25.17 11.48
CA GLU A 449 1.12 24.91 10.34
C GLU A 449 0.47 23.54 10.43
N GLN A 450 0.41 22.97 11.62
CA GLN A 450 -0.28 21.72 11.88
C GLN A 450 -1.49 21.92 12.76
N ARG A 451 -1.31 22.51 13.94
CA ARG A 451 -2.44 22.73 14.82
C ARG A 451 -3.48 23.62 14.15
N ILE A 452 -3.05 24.65 13.45
CA ILE A 452 -3.99 25.51 12.74
C ILE A 452 -4.81 24.66 11.77
N PHE A 453 -4.13 23.83 10.98
CA PHE A 453 -4.84 22.96 10.05
C PHE A 453 -5.80 22.07 10.80
N GLN A 454 -5.35 21.50 11.91
CA GLN A 454 -6.21 20.59 12.66
C GLN A 454 -7.50 21.27 13.08
N MET A 455 -7.39 22.42 13.73
CA MET A 455 -8.58 23.06 14.27
C MET A 455 -9.46 23.60 13.15
N ALA A 456 -8.86 24.14 12.08
CA ALA A 456 -9.66 24.66 10.99
C ALA A 456 -10.48 23.55 10.33
N MET A 457 -9.82 22.44 10.01
CA MET A 457 -10.56 21.33 9.41
C MET A 457 -11.60 20.81 10.38
N SER A 458 -11.26 20.74 11.67
CA SER A 458 -12.23 20.28 12.65
C SER A 458 -13.49 21.13 12.61
N GLN A 459 -13.33 22.46 12.55
CA GLN A 459 -14.49 23.32 12.53
C GLN A 459 -15.25 23.21 11.21
N ILE A 460 -14.54 23.02 10.10
CA ILE A 460 -15.21 22.94 8.81
C ILE A 460 -16.07 21.69 8.74
N TYR A 461 -15.50 20.54 9.11
CA TYR A 461 -16.16 19.26 8.89
C TYR A 461 -16.68 18.61 10.15
N GLY A 462 -16.06 18.84 11.29
CA GLY A 462 -16.55 18.30 12.54
C GLY A 462 -15.99 16.92 12.80
N SER A 463 -16.89 15.97 13.11
CA SER A 463 -16.43 14.65 13.50
C SER A 463 -15.66 13.96 12.39
N HIS A 464 -16.12 14.09 11.15
CA HIS A 464 -15.46 13.39 10.07
C HIS A 464 -14.35 14.31 9.59
N ALA A 465 -13.48 14.72 10.49
CA ALA A 465 -12.34 15.51 10.11
C ALA A 465 -11.17 14.60 9.77
N PRO A 466 -10.75 13.75 10.71
CA PRO A 466 -9.44 13.08 10.56
C PRO A 466 -9.23 12.54 9.16
N LEU A 467 -10.20 11.79 8.65
CA LEU A 467 -10.08 11.19 7.33
C LEU A 467 -9.58 12.11 6.25
N ILE A 468 -10.24 13.26 6.07
CA ILE A 468 -9.75 14.24 5.10
C ILE A 468 -8.33 14.63 5.44
N ILE A 469 -8.11 15.14 6.65
CA ILE A 469 -6.76 15.56 7.03
C ILE A 469 -5.77 14.46 6.67
N ALA A 470 -5.97 13.29 7.26
CA ALA A 470 -4.99 12.22 7.05
C ALA A 470 -4.74 12.07 5.56
N ASN A 471 -5.81 11.95 4.81
CA ASN A 471 -5.68 11.66 3.40
C ASN A 471 -4.85 12.71 2.69
N VAL A 472 -5.14 13.99 2.93
CA VAL A 472 -4.41 15.03 2.22
C VAL A 472 -2.94 14.94 2.53
N ILE A 473 -2.60 14.68 3.80
CA ILE A 473 -1.19 14.56 4.14
C ILE A 473 -0.55 13.49 3.27
N ASN A 474 -1.21 12.34 3.15
CA ASN A 474 -0.66 11.28 2.31
C ASN A 474 -0.43 11.78 0.90
N SER A 475 -1.38 12.52 0.34
CA SER A 475 -1.21 13.01 -1.01
C SER A 475 0.09 13.78 -1.14
N ILE A 476 0.41 14.60 -0.14
CA ILE A 476 1.61 15.41 -0.23
C ILE A 476 2.85 14.53 -0.24
N HIS A 477 2.83 13.42 0.49
CA HIS A 477 4.05 12.62 0.65
C HIS A 477 4.56 12.08 -0.68
N ASN A 478 3.66 11.62 -1.53
CA ASN A 478 4.05 11.00 -2.81
C ASN A 478 3.34 11.74 -3.92
N CYS A 479 3.93 12.85 -4.37
CA CYS A 479 3.45 13.60 -5.51
C CYS A 479 4.63 13.85 -6.42
N LYS A 480 4.56 13.34 -7.65
CA LYS A 480 5.67 13.43 -8.57
C LYS A 480 5.76 14.76 -9.30
N THR A 481 4.81 15.66 -9.07
CA THR A 481 4.81 16.92 -9.80
C THR A 481 6.06 17.71 -9.48
N LYS A 482 6.52 18.50 -10.44
CA LYS A 482 7.76 19.23 -10.31
C LYS A 482 7.54 20.69 -10.72
N ILE A 483 8.41 21.54 -10.20
CA ILE A 483 8.36 22.97 -10.53
C ILE A 483 8.93 23.15 -11.93
N VAL A 484 8.36 24.07 -12.69
CA VAL A 484 8.75 24.27 -14.09
C VAL A 484 8.87 25.75 -14.38
N ASN A 485 9.63 26.07 -15.43
CA ASN A 485 9.88 27.46 -15.83
C ASN A 485 8.90 27.61 -16.99
N ASN A 486 7.68 28.01 -16.65
CA ASN A 486 6.69 28.34 -17.66
C ASN A 486 5.54 29.10 -17.03
N LYS A 487 4.55 29.45 -17.84
CA LYS A 487 3.41 30.23 -17.42
C LYS A 487 2.14 29.59 -17.95
N LEU A 488 1.04 29.79 -17.23
CA LEU A 488 -0.27 29.36 -17.69
C LEU A 488 -0.99 30.46 -18.47
N ARG A 489 -0.45 31.68 -18.49
CA ARG A 489 -0.98 32.77 -19.28
C ARG A 489 -2.38 33.19 -18.91
N ALA A 490 -2.98 32.59 -17.85
CA ALA A 490 -4.30 32.92 -17.34
C ALA A 490 -5.38 32.66 -18.34
N THR A 491 -5.08 32.04 -19.48
CA THR A 491 -6.08 31.63 -20.46
C THR A 491 -5.72 30.25 -21.00
N PHE A 492 -5.41 29.33 -20.10
CA PHE A 492 -5.08 27.96 -20.48
C PHE A 492 -5.51 27.00 -19.39
N VAL A 493 -5.59 25.73 -19.74
CA VAL A 493 -5.80 24.68 -18.76
C VAL A 493 -4.47 24.05 -18.34
N ARG A 494 -3.56 23.87 -19.29
CA ARG A 494 -2.23 23.39 -19.01
C ARG A 494 -1.22 24.29 -19.72
N ARG A 495 0.00 24.28 -19.21
CA ARG A 495 1.03 25.16 -19.75
C ARG A 495 1.22 24.87 -21.23
N PRO A 496 1.20 25.88 -22.10
CA PRO A 496 1.43 25.63 -23.51
C PRO A 496 2.86 25.18 -23.73
N PRO A 497 3.09 23.97 -24.23
CA PRO A 497 4.46 23.46 -24.29
C PRO A 497 5.32 24.21 -25.29
N GLY A 498 5.46 25.51 -25.07
CA GLY A 498 6.30 26.35 -25.91
C GLY A 498 7.48 26.90 -25.14
N ALA A 499 7.56 28.22 -25.03
CA ALA A 499 8.61 28.84 -24.23
C ALA A 499 8.11 30.02 -23.41
N PRO A 500 6.99 29.90 -22.70
CA PRO A 500 6.71 30.88 -21.65
C PRO A 500 7.82 30.90 -20.62
N HIS A 501 8.13 32.10 -20.12
CA HIS A 501 9.21 32.28 -19.18
C HIS A 501 8.77 33.18 -18.02
N LEU A 502 9.31 32.91 -16.85
CA LEU A 502 8.98 33.70 -15.67
C LEU A 502 9.55 35.10 -15.76
N LYS A 503 8.81 36.06 -15.18
CA LYS A 503 9.31 37.43 -15.15
C LYS A 503 10.60 37.54 -14.34
N ALA A 504 10.65 36.85 -13.20
CA ALA A 504 11.82 36.88 -12.33
C ALA A 504 12.46 35.51 -12.16
N ASP A 505 12.10 34.53 -12.98
CA ASP A 505 12.67 33.19 -12.94
C ASP A 505 12.41 32.48 -11.61
N THR A 506 11.52 33.02 -10.79
CA THR A 506 11.19 32.43 -9.50
C THR A 506 9.76 31.94 -9.51
N ALA A 507 9.38 31.20 -8.49
CA ALA A 507 8.02 30.67 -8.36
C ALA A 507 7.59 30.79 -6.91
N ILE A 508 6.42 31.35 -6.69
CA ILE A 508 5.83 31.35 -5.35
C ILE A 508 4.92 30.13 -5.27
N ILE A 509 5.20 29.24 -4.33
CA ILE A 509 4.58 27.92 -4.33
C ILE A 509 3.51 27.77 -3.26
N ASN A 510 2.94 28.89 -2.82
CA ASN A 510 1.93 28.81 -1.76
C ASN A 510 0.72 29.67 -2.07
N ARG A 511 0.49 30.02 -3.32
CA ARG A 511 -0.68 30.79 -3.72
C ARG A 511 -1.40 30.04 -4.81
N PHE A 512 -2.70 29.86 -4.65
CA PHE A 512 -3.51 29.15 -5.62
C PHE A 512 -4.61 30.02 -6.20
N HIS A 513 -5.26 30.85 -5.39
CA HIS A 513 -6.30 31.72 -5.91
C HIS A 513 -6.50 32.84 -4.90
N ASP A 514 -7.06 33.94 -5.37
CA ASP A 514 -7.04 35.16 -4.58
C ASP A 514 -7.76 34.96 -3.25
N PRO A 515 -7.21 35.46 -2.14
CA PRO A 515 -7.87 35.25 -0.84
C PRO A 515 -9.24 35.85 -0.74
N GLU A 516 -9.59 36.79 -1.62
CA GLU A 516 -10.91 37.39 -1.55
C GLU A 516 -11.99 36.33 -1.52
N LEU A 517 -11.83 35.28 -2.33
CA LEU A 517 -12.82 34.21 -2.32
C LEU A 517 -12.86 33.55 -0.95
N ALA A 518 -11.70 33.33 -0.34
CA ALA A 518 -11.68 32.72 0.99
C ALA A 518 -12.46 33.56 1.98
N TYR A 519 -12.25 34.88 1.97
CA TYR A 519 -13.02 35.74 2.86
C TYR A 519 -14.51 35.62 2.56
N ALA A 520 -14.87 35.65 1.29
CA ALA A 520 -16.28 35.65 0.93
C ALA A 520 -16.96 34.37 1.39
N LEU A 521 -16.27 33.23 1.29
CA LEU A 521 -16.86 31.97 1.69
C LEU A 521 -16.85 31.76 3.19
N GLY A 522 -16.12 32.59 3.93
CA GLY A 522 -16.09 32.48 5.38
C GLY A 522 -15.01 31.58 5.91
N ILE A 523 -14.31 30.85 5.05
CA ILE A 523 -13.22 29.99 5.49
C ILE A 523 -12.06 30.82 6.01
N LEU A 524 -11.12 30.17 6.67
CA LEU A 524 -9.95 30.87 7.19
C LEU A 524 -9.18 31.53 6.05
N ALA A 525 -8.68 32.75 6.32
CA ALA A 525 -7.79 33.43 5.40
C ALA A 525 -6.75 34.19 6.22
N ASP A 526 -5.59 34.40 5.63
CA ASP A 526 -4.42 34.89 6.37
C ASP A 526 -3.84 36.11 5.68
N GLY A 527 -2.82 36.67 6.31
CA GLY A 527 -1.98 37.63 5.61
C GLY A 527 -2.81 38.77 5.06
N ILE A 528 -3.04 38.72 3.75
CA ILE A 528 -3.81 39.74 3.06
C ILE A 528 -5.06 40.08 3.87
N ALA A 529 -5.34 41.38 4.09
CA ALA A 529 -6.53 41.84 4.84
C ALA A 529 -7.70 41.97 3.87
N PRO A 530 -8.98 41.96 4.33
CA PRO A 530 -10.12 42.07 3.43
C PRO A 530 -10.35 43.50 2.92
N LEU A 531 -10.94 43.64 1.72
CA LEU A 531 -11.20 44.93 1.04
C LEU A 531 -12.66 44.96 0.55
N ASP A 532 -13.58 45.37 1.44
CA ASP A 532 -15.04 45.50 1.18
C ASP A 532 -15.62 46.51 2.17
N GLY A 533 -15.46 47.80 1.89
CA GLY A 533 -15.95 48.92 2.73
C GLY A 533 -14.95 50.05 2.80
N SER A 534 -15.30 51.14 3.49
CA SER A 534 -14.47 52.35 3.68
C SER A 534 -13.20 51.98 4.45
N HIS A 535 -12.07 52.64 4.15
CA HIS A 535 -10.76 52.37 4.80
C HIS A 535 -9.95 53.66 5.01
N GLU A 536 -9.28 53.83 6.17
CA GLU A 536 -8.43 54.96 6.46
C GLU A 536 -7.01 54.54 6.12
N TYR A 537 -6.38 55.28 5.20
CA TYR A 537 -5.07 54.93 4.71
C TYR A 537 -4.10 56.08 4.94
N ASN A 538 -2.89 55.75 5.37
CA ASN A 538 -1.83 56.72 5.60
C ASN A 538 -0.65 56.34 4.73
N VAL A 539 -0.56 56.96 3.55
CA VAL A 539 0.50 56.61 2.61
C VAL A 539 1.86 56.77 3.27
N LEU A 540 2.05 57.85 4.01
CA LEU A 540 3.35 58.15 4.58
C LEU A 540 3.87 57.03 5.47
N ASP A 541 2.98 56.21 6.03
CA ASP A 541 3.36 55.09 6.86
C ASP A 541 3.12 53.74 6.20
N GLU A 542 2.08 53.63 5.39
CA GLU A 542 1.84 52.40 4.66
C GLU A 542 3.01 52.10 3.73
N LEU A 543 3.51 53.11 3.04
CA LEU A 543 4.66 52.91 2.16
C LEU A 543 5.89 52.48 2.95
N ASP A 544 6.10 53.09 4.11
CA ASP A 544 7.19 52.65 4.97
C ASP A 544 7.03 51.18 5.31
N TYR A 545 5.82 50.78 5.71
CA TYR A 545 5.58 49.36 5.95
C TYR A 545 5.90 48.53 4.73
N LEU A 546 5.70 49.10 3.54
CA LEU A 546 6.02 48.36 2.32
C LEU A 546 7.51 48.08 2.23
N PHE A 547 8.33 49.13 2.19
CA PHE A 547 9.74 48.90 1.87
C PHE A 547 10.48 48.08 2.90
N ASN A 548 9.95 47.87 4.11
CA ASN A 548 10.61 47.02 5.08
C ASN A 548 10.13 45.58 5.00
N GLY A 549 9.71 45.14 3.82
CA GLY A 549 9.35 43.75 3.63
C GLY A 549 7.87 43.47 3.78
N GLY A 550 7.05 44.25 3.10
CA GLY A 550 5.63 44.00 3.00
C GLY A 550 5.25 43.54 1.61
N ASP A 551 3.95 43.54 1.36
CA ASP A 551 3.43 43.29 0.03
C ASP A 551 2.35 44.32 -0.28
N ILE A 552 2.29 44.74 -1.54
CA ILE A 552 1.43 45.86 -1.88
C ILE A 552 -0.02 45.56 -1.56
N ARG A 553 -0.43 44.30 -1.62
CA ARG A 553 -1.84 43.99 -1.48
C ARG A 553 -2.40 44.51 -0.16
N ASN A 554 -1.66 44.32 0.93
CA ASN A 554 -2.08 44.93 2.19
C ASN A 554 -2.14 46.44 2.09
N CYS A 555 -1.37 47.03 1.18
CA CYS A 555 -1.26 48.48 1.09
C CYS A 555 -2.22 49.02 0.03
N PHE A 556 -3.52 48.90 0.32
CA PHE A 556 -4.50 49.44 -0.60
C PHE A 556 -4.51 50.95 -0.64
N GLY A 557 -3.69 51.62 0.16
CA GLY A 557 -3.53 53.04 -0.01
C GLY A 557 -2.69 53.43 -1.21
N LEU A 558 -1.80 52.53 -1.65
CA LEU A 558 -0.93 52.83 -2.78
C LEU A 558 -1.58 52.52 -4.11
N ASN A 559 -2.14 51.31 -4.25
CA ASN A 559 -2.69 50.90 -5.53
C ASN A 559 -3.72 51.88 -6.04
N ALA A 560 -4.49 52.49 -5.14
CA ALA A 560 -5.49 53.44 -5.57
C ALA A 560 -4.87 54.55 -6.42
N LEU A 561 -3.71 55.05 -6.00
CA LEU A 561 -3.07 56.18 -6.65
C LEU A 561 -1.84 55.77 -7.45
N ASN A 562 -1.71 54.49 -7.77
CA ASN A 562 -0.44 54.00 -8.33
C ASN A 562 0.02 54.87 -9.50
N THR A 563 -0.89 55.18 -10.41
CA THR A 563 -0.61 56.13 -11.48
C THR A 563 -1.69 57.20 -11.59
N ARG A 564 -2.54 57.33 -10.58
CA ARG A 564 -3.53 58.39 -10.56
C ARG A 564 -2.96 59.71 -10.05
N GLY A 565 -1.66 59.77 -9.77
CA GLY A 565 -1.05 60.99 -9.32
C GLY A 565 -0.31 60.84 -8.00
N LEU A 566 0.10 59.62 -7.66
CA LEU A 566 0.92 59.45 -6.47
C LEU A 566 2.22 60.21 -6.60
N GLY A 567 2.68 60.44 -7.82
CA GLY A 567 3.94 61.10 -8.05
C GLY A 567 4.12 62.35 -7.22
N GLN A 568 3.33 63.37 -7.50
CA GLN A 568 3.45 64.61 -6.75
C GLN A 568 2.69 64.53 -5.43
N ILE A 569 2.94 63.48 -4.66
CA ILE A 569 2.35 63.35 -3.32
C ILE A 569 3.45 63.12 -2.30
N VAL A 570 4.39 62.24 -2.61
CA VAL A 570 5.42 61.84 -1.67
C VAL A 570 6.77 61.77 -2.38
N HIS A 571 7.81 62.20 -1.68
CA HIS A 571 9.18 62.10 -2.15
C HIS A 571 9.94 61.11 -1.28
N ILE A 572 10.97 60.50 -1.85
CA ILE A 572 11.89 59.65 -1.12
C ILE A 572 13.28 60.28 -1.18
N ARG A 573 13.93 60.39 -0.04
CA ARG A 573 15.27 60.91 0.08
C ARG A 573 16.11 59.93 0.87
N PRO A 574 17.42 59.93 0.68
CA PRO A 574 18.23 58.87 1.28
C PRO A 574 18.09 58.79 2.79
N LYS A 575 18.50 59.84 3.49
CA LYS A 575 18.40 59.88 4.94
C LYS A 575 18.89 61.25 5.36
N ARG A 576 18.43 61.81 6.49
CA ARG A 576 18.88 63.12 6.98
C ARG A 576 19.37 62.95 8.43
N GLU A 577 20.33 62.04 8.63
CA GLU A 577 20.94 61.72 9.96
C GLU A 577 21.74 62.95 10.40
N PRO A 578 21.32 63.72 11.42
CA PRO A 578 22.05 64.91 11.84
C PRO A 578 23.20 64.58 12.79
N GLY A 579 24.26 63.93 12.30
CA GLY A 579 25.41 63.59 13.17
C GLY A 579 26.53 62.80 12.48
N LYS A 580 26.62 61.49 12.69
CA LYS A 580 27.77 60.69 12.25
C LYS A 580 28.18 60.84 10.80
N ARG A 581 27.30 60.56 9.84
CA ARG A 581 27.82 60.46 8.48
C ARG A 581 26.68 60.47 7.47
N PRO A 582 26.77 61.26 6.39
CA PRO A 582 25.73 61.24 5.36
C PRO A 582 25.91 60.16 4.29
N ARG A 583 25.48 58.95 4.59
CA ARG A 583 25.53 57.85 3.64
C ARG A 583 24.25 57.80 2.83
N ARG A 584 24.30 57.05 1.72
CA ARG A 584 23.20 56.96 0.78
C ARG A 584 22.50 55.60 0.91
N GLY A 585 21.26 55.55 0.42
CA GLY A 585 20.40 54.40 0.60
C GLY A 585 19.98 53.71 -0.68
N PHE A 586 19.54 52.46 -0.56
CA PHE A 586 19.18 51.67 -1.73
C PHE A 586 18.18 50.60 -1.29
N TYR A 587 17.53 49.96 -2.26
CA TYR A 587 16.53 48.87 -2.06
C TYR A 587 16.83 47.75 -3.06
N THR A 588 16.47 46.51 -2.71
CA THR A 588 16.68 45.33 -3.55
C THR A 588 15.35 44.74 -3.95
N THR A 589 15.16 44.52 -5.25
CA THR A 589 13.92 43.96 -5.76
C THR A 589 14.01 42.44 -5.72
N LEU A 590 12.98 41.76 -6.24
CA LEU A 590 12.97 40.31 -6.20
C LEU A 590 14.12 39.72 -7.01
N ASP A 591 14.61 40.46 -7.98
CA ASP A 591 15.79 40.05 -8.72
C ASP A 591 17.02 40.45 -7.91
N GLY A 592 18.20 40.26 -8.48
CA GLY A 592 19.41 40.55 -7.74
C GLY A 592 19.80 42.02 -7.76
N GLN A 593 19.38 42.75 -8.78
CA GLN A 593 19.87 44.12 -8.94
C GLN A 593 19.57 44.94 -7.71
N VAL A 594 20.49 45.87 -7.35
CA VAL A 594 20.37 46.76 -6.16
C VAL A 594 20.64 48.20 -6.62
N HIS A 595 19.84 48.70 -7.57
CA HIS A 595 19.88 50.09 -8.10
C HIS A 595 19.65 51.06 -6.93
N PRO A 596 20.50 52.09 -6.67
CA PRO A 596 20.29 52.96 -5.50
C PRO A 596 19.61 54.33 -5.62
N VAL A 597 19.31 55.01 -4.51
CA VAL A 597 18.72 56.33 -4.63
C VAL A 597 19.61 57.30 -3.89
N THR A 598 19.89 58.44 -4.51
CA THR A 598 20.84 59.41 -3.95
C THR A 598 20.18 60.69 -3.46
N GLN A 599 19.37 61.34 -4.28
CA GLN A 599 18.79 62.62 -3.93
C GLN A 599 17.28 62.53 -3.79
N ASP A 600 16.70 63.62 -3.31
CA ASP A 600 15.25 63.79 -3.36
C ASP A 600 14.77 63.64 -4.79
N ALA A 601 13.68 62.90 -4.96
CA ALA A 601 13.07 62.75 -6.28
C ALA A 601 11.68 62.21 -6.13
N PRO A 602 10.79 62.46 -7.09
CA PRO A 602 9.45 61.89 -7.02
C PRO A 602 9.50 60.37 -7.00
N LEU A 603 8.54 59.76 -6.32
CA LEU A 603 8.55 58.32 -6.20
C LEU A 603 8.25 57.61 -7.50
N ASP A 604 7.60 58.29 -8.46
CA ASP A 604 7.07 57.58 -9.62
C ASP A 604 8.15 56.98 -10.49
N GLU A 605 9.39 57.49 -10.43
CA GLU A 605 10.46 56.99 -11.29
C GLU A 605 11.56 56.30 -10.50
N ILE A 606 11.27 55.85 -9.29
CA ILE A 606 12.27 55.12 -8.51
C ILE A 606 11.80 53.68 -8.37
N TYR A 607 10.48 53.49 -8.24
CA TYR A 607 9.95 52.13 -8.21
C TYR A 607 9.11 51.82 -9.45
N HIS A 608 8.07 52.61 -9.73
CA HIS A 608 7.35 52.51 -10.98
C HIS A 608 6.78 51.13 -11.32
N TRP A 609 5.98 50.60 -10.37
CA TRP A 609 5.36 49.24 -10.47
C TRP A 609 4.13 49.24 -11.37
N ARG A 610 3.79 48.08 -11.94
CA ARG A 610 2.63 47.85 -12.84
C ARG A 610 1.34 48.06 -12.04
N ASP A 611 0.34 48.76 -12.60
CA ASP A 611 -0.94 49.08 -11.91
C ASP A 611 -2.08 48.20 -12.45
N HIS A 612 -2.55 47.21 -11.67
CA HIS A 612 -3.69 46.33 -12.03
C HIS A 612 -5.02 46.97 -11.59
N GLY A 613 -4.97 47.82 -10.55
CA GLY A 613 -6.13 48.52 -9.99
C GLY A 613 -6.15 48.39 -8.47
N ASN A 614 -6.96 47.48 -7.90
CA ASN A 614 -7.01 47.21 -6.44
C ASN A 614 -7.01 45.70 -6.22
N LEU A 615 -6.28 44.95 -7.07
CA LEU A 615 -6.15 43.48 -7.04
C LEU A 615 -4.78 43.09 -7.59
N THR A 616 -3.73 43.23 -6.77
CA THR A 616 -2.37 42.92 -7.14
C THR A 616 -1.99 41.54 -6.61
N ARG A 617 -0.95 40.93 -7.18
CA ARG A 617 -0.44 39.61 -6.75
C ARG A 617 -0.15 39.71 -5.24
N PRO A 618 -0.81 38.92 -4.35
CA PRO A 618 -0.65 39.09 -2.90
C PRO A 618 0.72 38.68 -2.34
N TYR A 619 1.34 37.65 -2.91
CA TYR A 619 2.65 37.11 -2.47
C TYR A 619 3.65 37.15 -3.65
N SER A 620 4.00 38.35 -4.10
CA SER A 620 4.94 38.61 -5.23
C SER A 620 6.31 39.08 -4.72
N CYS A 621 6.41 39.47 -3.44
CA CYS A 621 7.67 39.98 -2.82
C CYS A 621 8.26 41.06 -3.72
N HIS A 622 7.54 42.18 -3.87
CA HIS A 622 7.93 43.28 -4.75
C HIS A 622 9.27 43.86 -4.35
N ILE A 623 9.49 44.11 -3.07
CA ILE A 623 10.78 44.56 -2.55
C ILE A 623 11.17 43.68 -1.38
N LEU A 624 12.43 43.23 -1.38
CA LEU A 624 12.93 42.36 -0.33
C LEU A 624 13.61 43.15 0.79
N ASP A 625 14.48 44.09 0.44
CA ASP A 625 15.23 44.82 1.44
C ASP A 625 15.37 46.29 1.03
N SER A 626 15.55 47.14 2.04
CA SER A 626 15.79 48.56 1.83
C SER A 626 16.28 49.16 3.13
N GLN A 627 17.33 49.99 3.09
CA GLN A 627 17.91 50.61 4.31
C GLN A 627 18.29 52.06 3.95
N GLY A 628 17.89 53.04 4.77
CA GLY A 628 18.21 54.44 4.52
C GLY A 628 17.21 55.11 3.59
N LEU A 629 15.97 55.29 4.06
CA LEU A 629 14.96 56.02 3.31
C LEU A 629 14.09 56.78 4.28
N GLU A 630 13.44 57.83 3.79
CA GLU A 630 12.71 58.75 4.66
C GLU A 630 11.26 58.95 4.26
N PHE A 631 10.94 59.04 2.98
CA PHE A 631 9.56 59.26 2.54
C PHE A 631 8.94 60.57 3.02
N ALA A 632 9.57 61.67 2.68
CA ALA A 632 9.00 62.95 3.05
C ALA A 632 7.69 63.18 2.32
N ASP A 633 6.80 63.95 2.94
CA ASP A 633 5.56 64.36 2.30
C ASP A 633 5.79 65.67 1.54
N VAL A 634 5.01 65.87 0.50
CA VAL A 634 5.20 67.02 -0.38
C VAL A 634 3.87 67.73 -0.61
N SER A 635 2.93 67.54 0.30
CA SER A 635 1.65 68.23 0.19
C SER A 635 1.00 68.14 1.56
N ASN A 636 0.55 69.27 2.09
CA ASN A 636 -0.16 69.25 3.36
C ASN A 636 -1.42 68.40 3.20
N GLY A 637 -1.58 67.43 4.09
CA GLY A 637 -2.66 66.47 3.90
C GLY A 637 -2.51 65.78 2.57
N ARG A 638 -3.64 65.61 1.88
CA ARG A 638 -3.67 64.92 0.58
C ARG A 638 -2.99 63.55 0.63
N SER A 639 -2.62 63.09 1.83
CA SER A 639 -2.02 61.75 2.05
C SER A 639 -2.64 61.07 3.27
N ARG A 640 -3.86 61.46 3.67
CA ARG A 640 -4.60 60.93 4.84
C ARG A 640 -6.10 61.05 4.58
N GLY A 641 -6.57 60.56 3.42
CA GLY A 641 -7.98 60.61 3.02
C GLY A 641 -8.72 59.31 3.30
N LYS A 642 -9.76 59.01 2.52
CA LYS A 642 -10.60 57.78 2.65
C LYS A 642 -10.68 57.09 1.28
N ILE A 643 -11.11 55.83 1.25
CA ILE A 643 -11.27 55.00 0.01
C ILE A 643 -12.38 53.98 0.26
N LEU A 644 -13.21 53.68 -0.74
CA LEU A 644 -14.31 52.72 -0.61
C LEU A 644 -14.23 51.71 -1.74
N VAL A 645 -14.19 50.43 -1.39
CA VAL A 645 -14.09 49.35 -2.36
C VAL A 645 -15.32 48.47 -2.23
N VAL A 646 -15.97 48.19 -3.35
CA VAL A 646 -17.14 47.32 -3.38
C VAL A 646 -16.83 46.12 -4.25
N VAL A 647 -16.99 44.94 -3.69
CA VAL A 647 -16.85 43.68 -4.40
C VAL A 647 -18.12 42.90 -4.20
N ASN A 648 -18.80 42.55 -5.29
CA ASN A 648 -19.99 41.71 -5.24
C ASN A 648 -19.72 40.46 -6.06
N SER A 649 -19.86 39.31 -5.43
CA SER A 649 -19.62 38.02 -6.06
C SER A 649 -20.84 37.14 -5.88
N PRO A 650 -21.14 36.27 -6.84
CA PRO A 650 -22.39 35.52 -6.79
C PRO A 650 -22.38 34.42 -5.75
N LEU A 651 -21.22 34.04 -5.21
CA LEU A 651 -21.14 32.94 -4.26
C LEU A 651 -21.07 33.41 -2.82
N LYS A 652 -21.54 34.63 -2.54
CA LYS A 652 -21.57 35.15 -1.19
C LYS A 652 -22.26 34.08 -0.36
N THR A 653 -21.59 33.52 0.64
CA THR A 653 -22.21 32.48 1.45
C THR A 653 -23.02 33.14 2.57
N CYS A 654 -23.56 32.32 3.47
CA CYS A 654 -24.40 32.85 4.54
C CYS A 654 -23.63 33.76 5.49
N ALA A 655 -22.58 33.23 6.12
CA ALA A 655 -21.73 34.01 7.02
C ALA A 655 -20.48 34.36 6.24
N ALA A 656 -20.51 35.49 5.55
CA ALA A 656 -19.43 35.82 4.62
C ALA A 656 -18.20 36.49 5.23
N TYR A 657 -18.41 37.57 5.99
CA TYR A 657 -17.31 38.34 6.63
C TYR A 657 -17.22 38.16 8.15
N GLN A 658 -17.58 36.96 8.64
CA GLN A 658 -17.63 36.60 10.08
C GLN A 658 -16.78 35.34 10.32
N GLY A 659 -15.70 35.18 9.55
CA GLY A 659 -14.78 34.03 9.63
C GLY A 659 -13.48 34.39 10.32
N PRO A 660 -12.68 33.43 10.81
CA PRO A 660 -11.41 33.73 11.49
C PRO A 660 -10.33 34.18 10.49
N SER A 661 -9.38 35.00 10.95
CA SER A 661 -8.23 35.54 10.16
C SER A 661 -7.25 36.21 11.12
N PHE A 662 -6.02 36.46 10.68
CA PHE A 662 -4.96 37.10 11.51
C PHE A 662 -4.11 38.04 10.66
N ALA A 663 -4.74 38.84 9.80
CA ALA A 663 -4.08 39.85 8.94
C ALA A 663 -3.75 41.06 9.83
N PRO A 664 -2.65 41.84 9.59
CA PRO A 664 -2.34 43.00 10.42
C PRO A 664 -3.55 43.93 10.65
N LYS A 665 -3.79 44.38 11.88
CA LYS A 665 -4.90 45.26 12.20
C LYS A 665 -4.70 46.63 11.56
N SER B 1 16.88 -11.51 36.25
CA SER B 1 17.97 -10.63 36.62
C SER B 1 18.47 -9.84 35.43
N ASN B 2 18.30 -10.40 34.24
CA ASN B 2 18.74 -9.73 33.02
C ASN B 2 17.81 -8.56 32.71
N PRO B 3 18.31 -7.32 32.63
CA PRO B 3 17.38 -6.20 32.41
C PRO B 3 16.85 -6.12 31.00
N ARG B 4 17.70 -6.33 30.00
CA ARG B 4 17.28 -6.19 28.62
C ARG B 4 16.16 -7.16 28.29
N LEU B 5 16.29 -8.41 28.71
CA LEU B 5 15.25 -9.39 28.44
C LEU B 5 13.95 -9.01 29.14
N THR B 6 14.03 -8.52 30.37
CA THR B 6 12.80 -8.11 31.06
C THR B 6 12.13 -6.98 30.31
N LYS B 7 12.91 -6.02 29.81
CA LYS B 7 12.32 -4.92 29.05
C LYS B 7 11.62 -5.46 27.80
N VAL B 8 12.27 -6.38 27.09
CA VAL B 8 11.67 -6.90 25.86
C VAL B 8 10.39 -7.66 26.16
N LEU B 9 10.40 -8.48 27.20
CA LEU B 9 9.18 -9.22 27.57
C LEU B 9 8.06 -8.26 27.95
N ASP B 10 8.38 -7.22 28.72
CA ASP B 10 7.35 -6.26 29.10
C ASP B 10 6.75 -5.60 27.86
N GLU B 11 7.61 -5.16 26.94
CA GLU B 11 7.11 -4.50 25.74
C GLU B 11 6.26 -5.45 24.92
N MET B 12 6.68 -6.71 24.79
CA MET B 12 5.88 -7.67 24.03
C MET B 12 4.53 -7.88 24.68
N SER B 13 4.49 -7.96 26.01
CA SER B 13 3.23 -8.14 26.70
C SER B 13 2.31 -6.93 26.49
N LYS B 14 2.87 -5.72 26.54
CA LYS B 14 2.04 -4.53 26.42
C LYS B 14 1.49 -4.37 25.01
N LYS B 15 2.30 -4.69 24.00
CA LYS B 15 1.88 -4.58 22.60
C LYS B 15 1.78 -5.97 22.00
N PRO B 16 0.60 -6.58 21.95
CA PRO B 16 0.50 -7.94 21.44
C PRO B 16 0.90 -8.01 19.97
N CYS B 17 1.44 -9.16 19.58
CA CYS B 17 1.80 -9.41 18.20
C CYS B 17 0.57 -9.75 17.38
N VAL B 18 0.70 -9.66 16.05
CA VAL B 18 -0.44 -9.82 15.18
C VAL B 18 -0.87 -11.28 15.13
N ASN B 19 -2.16 -11.53 15.26
CA ASN B 19 -2.67 -12.88 15.12
C ASN B 19 -2.47 -13.37 13.70
N ILE B 20 -2.28 -14.69 13.55
CA ILE B 20 -2.03 -15.26 12.24
C ILE B 20 -3.21 -15.08 11.30
N ASN B 21 -4.42 -14.95 11.87
CA ASN B 21 -5.61 -14.91 11.04
C ASN B 21 -5.59 -13.71 10.10
N GLU B 22 -5.09 -12.57 10.55
CA GLU B 22 -4.99 -11.42 9.64
C GLU B 22 -4.08 -11.72 8.47
N ILE B 23 -2.94 -12.36 8.73
CA ILE B 23 -2.02 -12.67 7.63
C ILE B 23 -2.67 -13.64 6.66
N ARG B 24 -3.41 -14.62 7.19
CA ARG B 24 -4.13 -15.52 6.29
C ARG B 24 -5.17 -14.77 5.47
N LYS B 25 -5.92 -13.88 6.11
CA LYS B 25 -7.02 -13.21 5.45
C LYS B 25 -6.54 -12.24 4.38
N MET B 26 -5.36 -11.65 4.57
CA MET B 26 -4.87 -10.65 3.65
C MET B 26 -4.17 -11.25 2.43
N ILE B 27 -4.10 -12.57 2.33
CA ILE B 27 -3.49 -13.22 1.17
C ILE B 27 -4.48 -14.08 0.40
N ARG B 28 -5.67 -14.35 0.94
CA ARG B 28 -6.58 -15.26 0.28
C ARG B 28 -6.90 -14.82 -1.14
N ASN B 29 -6.81 -13.53 -1.42
CA ASN B 29 -7.25 -12.97 -2.70
C ASN B 29 -6.16 -12.07 -3.29
N PHE B 30 -4.94 -12.58 -3.32
CA PHE B 30 -3.81 -11.84 -3.87
C PHE B 30 -3.52 -12.33 -5.28
N GLN B 31 -3.51 -11.41 -6.25
CA GLN B 31 -3.28 -11.77 -7.64
C GLN B 31 -1.84 -11.50 -8.01
N PRO B 32 -1.02 -12.51 -8.29
CA PRO B 32 0.37 -12.26 -8.66
C PRO B 32 0.46 -11.54 -10.00
N GLN B 33 1.57 -10.82 -10.19
CA GLN B 33 1.76 -10.01 -11.37
C GLN B 33 2.96 -10.42 -12.21
N PHE B 34 4.02 -10.93 -11.61
CA PHE B 34 5.24 -11.28 -12.32
C PHE B 34 5.50 -12.77 -12.18
N ILE B 35 5.77 -13.44 -13.30
CA ILE B 35 6.12 -14.85 -13.29
C ILE B 35 7.40 -15.04 -14.08
N GLN B 36 8.25 -14.01 -14.09
CA GLN B 36 9.48 -14.09 -14.85
C GLN B 36 10.46 -15.06 -14.18
N PRO B 37 11.37 -15.64 -14.95
CA PRO B 37 12.46 -16.40 -14.32
C PRO B 37 13.29 -15.50 -13.42
N ARG B 38 13.82 -16.10 -12.35
CA ARG B 38 14.55 -15.31 -11.37
C ARG B 38 15.63 -14.47 -12.03
N ASN B 39 16.43 -15.08 -12.89
CA ASN B 39 17.57 -14.38 -13.48
C ASN B 39 17.20 -13.54 -14.70
N GLY B 40 16.65 -14.19 -15.72
CA GLY B 40 16.42 -13.51 -16.99
C GLY B 40 15.04 -12.93 -17.14
N ASN B 41 14.42 -13.19 -18.29
CA ASN B 41 13.10 -12.68 -18.60
C ASN B 41 12.30 -13.76 -19.33
N ARG B 42 10.99 -13.62 -19.28
CA ARG B 42 10.11 -14.62 -19.84
C ARG B 42 10.34 -14.73 -21.35
N PRO B 43 10.50 -15.94 -21.90
CA PRO B 43 10.57 -16.08 -23.36
C PRO B 43 9.20 -15.84 -23.99
N ASN B 44 9.22 -15.64 -25.30
CA ASN B 44 8.00 -15.27 -26.02
C ASN B 44 6.84 -16.21 -25.74
N ALA B 45 7.02 -17.49 -26.04
CA ALA B 45 6.01 -18.51 -25.81
C ALA B 45 6.49 -19.47 -24.73
N GLN B 46 5.58 -19.82 -23.83
CA GLN B 46 5.95 -20.69 -22.72
C GLN B 46 6.35 -22.06 -23.26
N PRO B 47 7.26 -22.75 -22.58
CA PRO B 47 7.66 -24.09 -23.04
C PRO B 47 6.51 -25.07 -22.91
N ARG B 48 6.76 -26.30 -23.34
CA ARG B 48 5.80 -27.37 -23.22
C ARG B 48 6.00 -28.21 -21.96
N THR B 49 7.03 -27.95 -21.18
CA THR B 49 7.33 -28.75 -20.01
C THR B 49 8.13 -27.93 -19.00
N VAL B 50 7.85 -28.14 -17.72
CA VAL B 50 8.50 -27.38 -16.66
C VAL B 50 9.91 -27.91 -16.49
N ASP B 51 10.90 -27.22 -17.09
CA ASP B 51 12.27 -27.67 -17.05
C ASP B 51 13.19 -26.71 -16.31
N SER B 52 13.27 -25.45 -16.73
CA SER B 52 14.14 -24.50 -16.04
C SER B 52 13.70 -24.36 -14.60
N PHE B 53 14.54 -24.82 -13.67
CA PHE B 53 14.21 -24.76 -12.25
C PHE B 53 14.68 -23.43 -11.67
N GLU B 54 14.26 -22.34 -12.31
CA GLU B 54 14.64 -21.00 -11.89
C GLU B 54 13.47 -20.03 -11.86
N TRP B 55 12.26 -20.49 -12.15
CA TRP B 55 11.13 -19.58 -12.19
C TRP B 55 10.72 -19.16 -10.79
N VAL B 56 10.08 -17.99 -10.71
CA VAL B 56 9.75 -17.40 -9.42
C VAL B 56 8.64 -16.38 -9.65
N VAL B 57 7.66 -16.39 -8.75
CA VAL B 57 6.60 -15.39 -8.75
C VAL B 57 7.03 -14.28 -7.83
N ARG B 58 7.19 -13.08 -8.38
CA ARG B 58 7.82 -11.97 -7.68
C ARG B 58 6.75 -11.02 -7.14
N ILE B 59 6.77 -10.80 -5.83
CA ILE B 59 5.85 -9.88 -5.17
C ILE B 59 6.57 -8.54 -5.06
N GLN B 60 6.40 -7.72 -6.08
CA GLN B 60 7.13 -6.46 -6.13
C GLN B 60 6.69 -5.55 -5.00
N SER B 61 7.64 -4.76 -4.47
CA SER B 61 7.37 -3.80 -3.42
C SER B 61 8.42 -2.71 -3.49
N THR B 62 7.97 -1.45 -3.52
CA THR B 62 8.83 -0.32 -3.83
C THR B 62 8.95 0.63 -2.65
N VAL B 63 10.14 1.16 -2.48
CA VAL B 63 10.44 2.16 -1.46
C VAL B 63 11.26 3.27 -2.09
N GLU B 64 10.85 4.52 -1.91
CA GLU B 64 11.62 5.67 -2.37
C GLU B 64 11.59 6.74 -1.30
N THR B 65 12.72 7.37 -1.08
CA THR B 65 12.90 8.40 -0.07
C THR B 65 13.03 9.76 -0.73
N GLN B 66 13.08 10.82 0.10
CA GLN B 66 13.23 12.23 -0.37
C GLN B 66 13.97 13.03 0.70
N LEU B 67 14.88 13.94 0.32
CA LEU B 67 15.66 14.80 1.24
C LEU B 67 14.95 16.14 1.39
N LEU B 68 14.10 16.31 2.43
CA LEU B 68 13.35 17.56 2.69
C LEU B 68 14.32 18.75 2.71
N GLY B 69 14.01 19.85 2.01
CA GLY B 69 14.86 21.06 1.95
C GLY B 69 16.10 20.82 1.11
N ALA B 70 15.95 20.15 -0.03
CA ALA B 70 17.05 19.83 -0.99
C ALA B 70 16.46 19.63 -2.39
N THR B 71 17.31 19.66 -3.41
CA THR B 71 16.93 19.49 -4.84
C THR B 71 17.53 18.19 -5.40
N ASN B 72 17.79 17.21 -4.53
CA ASN B 72 18.36 15.88 -4.91
C ASN B 72 17.19 14.91 -5.11
N THR B 73 17.30 13.99 -6.06
CA THR B 73 16.25 12.98 -6.39
C THR B 73 16.84 11.57 -6.35
N VAL B 74 16.87 10.94 -5.17
CA VAL B 74 17.39 9.55 -4.97
C VAL B 74 16.51 8.61 -5.80
N PRO B 75 17.07 7.69 -6.62
CA PRO B 75 16.25 6.78 -7.43
C PRO B 75 15.54 5.77 -6.51
N GLN B 76 14.29 5.41 -6.84
CA GLN B 76 13.51 4.49 -6.02
C GLN B 76 14.15 3.11 -6.02
N GLN B 77 14.16 2.43 -4.86
CA GLN B 77 14.72 1.06 -4.67
C GLN B 77 13.59 0.03 -4.86
N THR B 78 13.87 -1.27 -4.73
CA THR B 78 12.86 -2.34 -4.94
C THR B 78 13.04 -3.52 -3.96
N LEU B 79 12.13 -3.70 -2.98
CA LEU B 79 12.12 -4.85 -2.04
C LEU B 79 11.70 -6.11 -2.81
N ASN B 80 12.64 -6.75 -3.50
CA ASN B 80 12.41 -7.96 -4.35
C ASN B 80 12.12 -9.18 -3.47
N LEU B 81 10.85 -9.42 -3.11
CA LEU B 81 10.41 -10.60 -2.32
C LEU B 81 10.13 -11.74 -3.30
N ASP B 82 11.07 -12.66 -3.49
CA ASP B 82 10.98 -13.78 -4.48
C ASP B 82 10.46 -15.08 -3.83
N ILE B 83 9.47 -15.76 -4.44
CA ILE B 83 8.93 -17.08 -4.00
C ILE B 83 9.33 -18.19 -4.99
N SER B 84 10.27 -19.13 -4.69
CA SER B 84 10.69 -20.21 -5.56
C SER B 84 9.46 -20.98 -6.00
N PHE B 85 9.46 -21.42 -7.24
CA PHE B 85 8.24 -21.84 -7.92
C PHE B 85 8.35 -23.20 -8.57
N THR B 86 9.53 -23.59 -9.05
CA THR B 86 9.76 -24.91 -9.63
C THR B 86 11.08 -25.43 -9.09
N ASP B 87 11.03 -26.09 -7.93
CA ASP B 87 12.21 -26.73 -7.35
C ASP B 87 11.70 -27.66 -6.27
N ASP B 88 12.22 -28.88 -6.23
CA ASP B 88 11.72 -29.89 -5.32
C ASP B 88 12.70 -30.14 -4.20
N SER B 89 12.19 -30.22 -2.97
CA SER B 89 12.96 -30.56 -1.80
C SER B 89 12.10 -31.44 -0.90
N THR B 90 12.71 -31.98 0.15
CA THR B 90 12.05 -32.91 1.10
C THR B 90 11.86 -32.22 2.46
N THR B 91 10.67 -32.34 3.09
CA THR B 91 10.35 -31.75 4.41
C THR B 91 9.86 -32.84 5.37
N ILE B 92 10.17 -34.11 5.10
CA ILE B 92 9.75 -35.28 5.93
C ILE B 92 11.01 -35.90 6.56
N THR B 93 10.95 -36.30 7.84
CA THR B 93 12.09 -36.91 8.58
C THR B 93 11.55 -37.72 9.75
N PRO B 94 11.82 -39.04 9.87
CA PRO B 94 11.31 -39.84 11.00
C PRO B 94 12.20 -39.68 12.24
N ALA B 95 12.13 -38.52 12.90
CA ALA B 95 12.93 -38.23 14.09
C ALA B 95 12.20 -37.15 14.86
N SER B 96 11.76 -37.48 16.07
CA SER B 96 10.87 -36.61 16.82
C SER B 96 11.39 -36.40 18.24
N ILE B 97 11.13 -35.22 18.77
CA ILE B 97 11.40 -34.92 20.18
C ILE B 97 10.05 -35.01 20.89
N PRO B 98 9.99 -34.94 22.22
CA PRO B 98 8.77 -35.42 22.90
C PRO B 98 7.50 -34.74 22.46
N GLY B 99 7.52 -33.43 22.25
CA GLY B 99 6.31 -32.72 21.86
C GLY B 99 6.10 -32.58 20.37
N SER B 100 6.96 -33.19 19.56
CA SER B 100 6.97 -32.89 18.14
C SER B 100 5.70 -33.35 17.45
N ILE B 101 5.30 -34.60 17.67
CA ILE B 101 4.13 -35.18 17.03
C ILE B 101 3.21 -35.74 18.10
N SER B 102 1.94 -35.35 18.05
CA SER B 102 0.96 -35.80 19.02
C SER B 102 0.15 -36.95 18.42
N MET B 103 -0.77 -37.49 19.22
CA MET B 103 -1.64 -38.57 18.80
C MET B 103 -3.08 -38.13 19.00
N LEU B 104 -3.76 -37.80 17.90
CA LEU B 104 -5.13 -37.36 18.00
C LEU B 104 -5.97 -38.41 18.71
N ASP B 105 -6.76 -37.97 19.68
CA ASP B 105 -7.53 -38.92 20.49
C ASP B 105 -8.70 -39.47 19.69
N ASN B 106 -8.91 -40.78 19.79
CA ASN B 106 -10.03 -41.44 19.15
C ASN B 106 -11.23 -41.53 20.09
N SER B 107 -11.59 -40.42 20.72
CA SER B 107 -12.67 -40.46 21.69
C SER B 107 -14.03 -40.54 21.03
N ARG B 108 -14.22 -39.80 19.93
CA ARG B 108 -15.52 -39.72 19.26
C ARG B 108 -15.66 -40.70 18.11
N HIS B 109 -14.63 -41.49 17.82
CA HIS B 109 -14.69 -42.44 16.71
C HIS B 109 -15.03 -43.86 17.16
N ILE B 110 -14.39 -44.35 18.21
CA ILE B 110 -14.59 -45.74 18.61
C ILE B 110 -16.05 -46.02 18.94
N PRO B 111 -16.75 -45.21 19.72
CA PRO B 111 -18.15 -45.55 20.04
C PRO B 111 -19.04 -45.68 18.82
N ALA B 112 -18.86 -44.81 17.82
CA ALA B 112 -19.73 -44.87 16.65
C ALA B 112 -19.57 -46.18 15.91
N ILE B 113 -18.33 -46.57 15.65
CA ILE B 113 -18.08 -47.83 14.94
C ILE B 113 -18.48 -49.01 15.79
N GLN B 114 -18.30 -48.92 17.11
CA GLN B 114 -18.81 -49.97 17.99
C GLN B 114 -20.31 -50.16 17.77
N SER B 115 -21.06 -49.05 17.79
CA SER B 115 -22.51 -49.14 17.62
C SER B 115 -22.85 -49.67 16.23
N MET B 116 -22.09 -49.27 15.22
CA MET B 116 -22.33 -49.76 13.86
C MET B 116 -22.19 -51.27 13.81
N ILE B 117 -21.09 -51.79 14.35
CA ILE B 117 -20.86 -53.23 14.33
C ILE B 117 -21.98 -53.93 15.09
N GLN B 118 -22.37 -53.40 16.24
CA GLN B 118 -23.45 -54.03 17.00
C GLN B 118 -24.75 -54.04 16.19
N ASN B 119 -25.04 -52.93 15.51
CA ASN B 119 -26.30 -52.83 14.77
C ASN B 119 -26.34 -53.82 13.61
N PHE B 120 -25.22 -53.99 12.90
CA PHE B 120 -25.21 -54.86 11.74
C PHE B 120 -24.87 -56.30 12.10
N LYS B 121 -24.87 -56.65 13.38
CA LYS B 121 -24.78 -58.05 13.82
C LYS B 121 -23.54 -58.72 13.23
N ALA B 122 -22.41 -58.04 13.35
CA ALA B 122 -21.12 -58.59 12.92
C ALA B 122 -20.40 -59.14 14.12
N ARG B 123 -19.85 -60.34 14.00
CA ARG B 123 -19.19 -61.01 15.11
C ARG B 123 -17.73 -60.59 15.15
N TYR B 124 -17.40 -59.66 16.04
CA TYR B 124 -16.04 -59.20 16.24
C TYR B 124 -15.47 -59.81 17.51
N LEU B 125 -14.14 -59.78 17.62
CA LEU B 125 -13.44 -60.39 18.73
C LEU B 125 -12.80 -59.30 19.59
N GLY B 126 -13.15 -59.27 20.87
CA GLY B 126 -12.53 -58.37 21.82
C GLY B 126 -13.08 -56.97 21.76
N SER B 127 -13.25 -56.34 22.93
CA SER B 127 -13.73 -54.97 22.97
C SER B 127 -12.79 -54.07 22.17
N LEU B 128 -13.38 -53.20 21.35
CA LEU B 128 -12.58 -52.45 20.40
C LEU B 128 -11.68 -51.42 21.07
N GLN B 129 -11.90 -51.11 22.34
CA GLN B 129 -11.11 -50.07 22.99
C GLN B 129 -9.64 -50.49 23.11
N ASP B 130 -9.37 -51.60 23.79
CA ASP B 130 -8.00 -52.05 23.98
C ASP B 130 -7.33 -52.41 22.67
N THR B 131 -8.07 -53.06 21.76
CA THR B 131 -7.50 -53.38 20.46
C THR B 131 -7.11 -52.12 19.71
N ALA B 132 -7.93 -51.08 19.78
CA ALA B 132 -7.52 -49.80 19.20
C ALA B 132 -6.27 -49.28 19.88
N GLN B 133 -6.22 -49.36 21.21
CA GLN B 133 -5.11 -48.77 21.94
C GLN B 133 -3.79 -49.41 21.55
N LEU B 134 -3.76 -50.75 21.47
CA LEU B 134 -2.47 -51.43 21.27
C LEU B 134 -2.22 -51.77 19.82
N GLN B 135 -3.22 -52.34 19.13
CA GLN B 135 -3.01 -52.84 17.78
C GLN B 135 -2.79 -51.72 16.78
N SER B 136 -3.51 -50.60 16.94
CA SER B 136 -3.48 -49.52 15.94
C SER B 136 -3.75 -48.19 16.61
N PRO B 137 -2.72 -47.37 16.83
CA PRO B 137 -2.96 -46.01 17.33
C PRO B 137 -3.51 -45.13 16.23
N GLN B 138 -3.77 -43.86 16.52
CA GLN B 138 -4.48 -42.98 15.59
C GLN B 138 -3.57 -41.84 15.15
N TYR B 139 -2.83 -42.06 14.07
CA TYR B 139 -1.99 -41.04 13.46
C TYR B 139 -2.43 -40.84 12.02
N PRO B 140 -3.32 -39.88 11.75
CA PRO B 140 -3.69 -39.57 10.36
C PRO B 140 -2.81 -38.54 9.68
N GLN B 141 -1.62 -38.26 10.22
CA GLN B 141 -0.81 -37.16 9.72
C GLN B 141 -0.55 -37.28 8.22
N LEU B 142 -0.09 -38.44 7.78
CA LEU B 142 0.32 -38.59 6.40
C LEU B 142 -0.76 -38.15 5.43
N LEU B 143 -1.99 -38.60 5.63
CA LEU B 143 -2.99 -38.41 4.59
C LEU B 143 -3.27 -36.94 4.34
N ALA B 144 -2.87 -36.06 5.26
CA ALA B 144 -2.97 -34.63 4.98
C ALA B 144 -1.78 -34.14 4.18
N TYR B 145 -0.59 -34.67 4.45
CA TYR B 145 0.60 -34.25 3.71
C TYR B 145 0.45 -34.53 2.22
N LEU B 146 -0.06 -35.70 1.87
CA LEU B 146 -0.30 -36.01 0.46
C LEU B 146 -1.30 -35.04 -0.15
N PHE B 147 -2.35 -34.69 0.59
CA PHE B 147 -3.31 -33.74 0.09
C PHE B 147 -2.65 -32.40 -0.22
N GLY B 148 -1.80 -31.92 0.69
CA GLY B 148 -1.09 -30.69 0.44
C GLY B 148 -0.21 -30.79 -0.79
N GLN B 149 0.49 -31.92 -0.95
CA GLN B 149 1.33 -32.08 -2.12
C GLN B 149 0.51 -32.01 -3.40
N LEU B 150 -0.67 -32.63 -3.39
CA LEU B 150 -1.53 -32.61 -4.57
C LEU B 150 -1.96 -31.19 -4.91
N ILE B 151 -2.41 -30.45 -3.89
CA ILE B 151 -2.81 -29.06 -4.13
C ILE B 151 -1.64 -28.28 -4.70
N ALA B 152 -0.43 -28.51 -4.18
CA ALA B 152 0.74 -27.78 -4.65
C ALA B 152 1.02 -28.10 -6.11
N ILE B 153 0.90 -29.37 -6.50
CA ILE B 153 1.12 -29.73 -7.89
C ILE B 153 0.12 -29.00 -8.78
N LYS B 154 -1.15 -29.00 -8.37
CA LYS B 154 -2.15 -28.29 -9.15
C LYS B 154 -1.77 -26.83 -9.32
N ASP B 155 -1.42 -26.16 -8.23
CA ASP B 155 -1.12 -24.74 -8.30
C ASP B 155 0.08 -24.48 -9.19
N ARG B 156 1.15 -25.26 -9.02
CA ARG B 156 2.33 -25.08 -9.86
C ARG B 156 1.96 -25.21 -11.32
N LEU B 157 1.29 -26.31 -11.69
CA LEU B 157 0.95 -26.50 -13.09
C LEU B 157 -0.01 -25.44 -13.60
N ASP B 158 -0.77 -24.80 -12.71
CA ASP B 158 -1.68 -23.75 -13.13
C ASP B 158 -0.94 -22.47 -13.47
N LEU B 159 -0.06 -22.00 -12.57
CA LEU B 159 0.58 -20.71 -12.78
C LEU B 159 1.42 -20.70 -14.05
N PHE B 160 2.14 -21.79 -14.31
CA PHE B 160 3.10 -21.87 -15.41
C PHE B 160 2.34 -22.64 -16.49
N ARG B 161 1.59 -21.90 -17.30
CA ARG B 161 0.84 -22.49 -18.40
C ARG B 161 1.81 -23.07 -19.42
N PRO B 162 1.94 -24.40 -19.53
CA PRO B 162 2.96 -24.96 -20.43
C PRO B 162 2.50 -25.08 -21.88
N SER B 163 1.80 -24.08 -22.37
CA SER B 163 1.58 -23.88 -23.81
C SER B 163 0.65 -24.90 -24.45
N ASN B 164 0.30 -25.97 -23.74
CA ASN B 164 -0.73 -26.89 -24.21
C ASN B 164 -1.11 -27.84 -23.09
N PRO B 165 -1.75 -27.36 -22.03
CA PRO B 165 -1.99 -28.22 -20.87
C PRO B 165 -2.97 -29.32 -21.20
N LEU B 166 -3.03 -30.31 -20.31
CA LEU B 166 -3.94 -31.44 -20.46
C LEU B 166 -5.02 -31.44 -19.39
N SER B 167 -4.63 -31.54 -18.12
CA SER B 167 -5.55 -31.49 -16.99
C SER B 167 -4.70 -31.66 -15.74
N LEU B 168 -5.33 -31.48 -14.58
CA LEU B 168 -4.66 -31.88 -13.36
C LEU B 168 -4.33 -33.36 -13.39
N ALA B 169 -5.28 -34.18 -13.84
CA ALA B 169 -5.12 -35.63 -13.83
C ALA B 169 -4.27 -36.16 -14.98
N ASP B 170 -4.32 -35.54 -16.15
CA ASP B 170 -3.59 -36.06 -17.29
C ASP B 170 -2.09 -35.80 -17.18
N ALA B 171 -1.68 -34.77 -16.44
CA ALA B 171 -0.27 -34.54 -16.14
C ALA B 171 0.18 -35.24 -14.88
N LEU B 172 -0.73 -35.91 -14.18
CA LEU B 172 -0.43 -36.61 -12.95
C LEU B 172 -0.40 -38.11 -13.11
N PHE B 173 -1.31 -38.68 -13.89
CA PHE B 173 -1.34 -40.12 -14.10
C PHE B 173 -0.37 -40.57 -15.17
N GLY B 174 0.33 -39.64 -15.83
CA GLY B 174 1.35 -40.02 -16.78
C GLY B 174 0.86 -40.87 -17.93
N PHE B 175 -0.31 -40.54 -18.46
CA PHE B 175 -0.76 -41.19 -19.68
C PHE B 175 0.11 -40.73 -20.85
N THR B 176 0.56 -41.67 -21.66
CA THR B 176 1.42 -41.37 -22.80
C THR B 176 2.78 -40.79 -22.39
N LEU B 177 3.48 -41.52 -21.54
CA LEU B 177 4.83 -41.16 -21.12
C LEU B 177 5.76 -42.34 -21.37
N ALA B 178 6.94 -42.03 -21.90
CA ALA B 178 7.94 -43.06 -22.12
C ALA B 178 8.39 -43.64 -20.78
N GLN B 179 8.85 -44.89 -20.82
CA GLN B 179 9.19 -45.58 -19.58
C GLN B 179 10.32 -44.89 -18.84
N ASN B 180 11.07 -44.02 -19.51
CA ASN B 180 12.12 -43.25 -18.87
C ASN B 180 11.80 -41.76 -18.75
N ALA B 181 10.76 -41.29 -19.42
CA ALA B 181 10.41 -39.88 -19.36
C ALA B 181 9.84 -39.51 -18.00
N ARG B 182 10.05 -38.27 -17.61
CA ARG B 182 9.58 -37.75 -16.34
C ARG B 182 8.22 -37.08 -16.50
N PRO B 183 7.46 -36.97 -15.42
CA PRO B 183 6.13 -36.36 -15.53
C PRO B 183 6.21 -34.92 -16.00
N ARG B 184 5.16 -34.49 -16.70
CA ARG B 184 5.21 -33.21 -17.39
C ARG B 184 5.45 -32.06 -16.42
N TYR B 185 4.77 -32.07 -15.28
CA TYR B 185 4.85 -30.95 -14.37
C TYR B 185 6.20 -30.82 -13.69
N ASP B 186 7.03 -31.87 -13.71
CA ASP B 186 8.32 -31.87 -13.03
C ASP B 186 9.33 -32.64 -13.89
N ASP B 187 10.06 -31.92 -14.73
CA ASP B 187 11.03 -32.53 -15.64
C ASP B 187 12.26 -31.63 -15.70
N HIS B 188 13.22 -31.86 -14.81
CA HIS B 188 14.45 -31.08 -14.82
C HIS B 188 15.49 -31.79 -13.96
N ARG B 189 16.70 -31.24 -13.96
CA ARG B 189 17.80 -31.86 -13.24
C ARG B 189 17.50 -31.91 -11.74
N HIS B 190 17.90 -33.00 -11.12
CA HIS B 190 17.64 -33.27 -9.71
C HIS B 190 16.22 -32.96 -9.25
N ALA B 191 15.26 -33.54 -9.96
CA ALA B 191 13.89 -33.51 -9.51
C ALA B 191 13.71 -34.51 -8.38
N LYS B 192 12.48 -34.65 -7.88
CA LYS B 192 12.18 -35.56 -6.80
C LYS B 192 10.91 -36.36 -7.07
N ALA B 193 10.69 -36.75 -8.33
CA ALA B 193 9.48 -37.45 -8.73
C ALA B 193 9.86 -38.70 -9.51
N CYS B 194 9.27 -39.83 -9.13
CA CYS B 194 9.47 -41.05 -9.90
C CYS B 194 8.90 -40.88 -11.29
N GLN B 195 9.55 -41.52 -12.26
CA GLN B 195 9.27 -41.29 -13.67
C GLN B 195 8.50 -42.45 -14.26
N GLY B 196 7.90 -42.20 -15.42
CA GLY B 196 7.16 -43.21 -16.14
C GLY B 196 5.71 -43.26 -15.69
N PRO B 197 4.85 -43.84 -16.52
CA PRO B 197 3.44 -43.97 -16.11
C PRO B 197 3.32 -44.81 -14.86
N LEU B 198 2.45 -44.39 -13.95
CA LEU B 198 2.20 -45.14 -12.74
C LEU B 198 1.31 -46.33 -13.04
N VAL B 199 1.57 -47.44 -12.33
CA VAL B 199 0.95 -48.72 -12.62
C VAL B 199 -0.06 -49.03 -11.54
N ILE B 200 -1.29 -49.33 -11.94
CA ILE B 200 -2.35 -49.66 -10.99
C ILE B 200 -2.09 -51.04 -10.39
N PRO B 201 -2.35 -51.26 -9.11
CA PRO B 201 -2.23 -52.61 -8.56
C PRO B 201 -3.25 -53.56 -9.18
N ALA B 202 -2.94 -54.85 -9.10
CA ALA B 202 -3.79 -55.85 -9.72
C ALA B 202 -5.18 -55.86 -9.09
N ALA B 203 -6.17 -56.23 -9.89
CA ALA B 203 -7.56 -56.24 -9.45
C ALA B 203 -7.85 -57.53 -8.70
N THR B 204 -7.98 -57.44 -7.38
CA THR B 204 -8.30 -58.59 -6.56
C THR B 204 -9.80 -58.65 -6.35
N ASN B 205 -10.25 -59.56 -5.49
CA ASN B 205 -11.68 -59.81 -5.32
C ASN B 205 -12.42 -58.54 -4.94
N SER B 206 -12.12 -57.98 -3.78
CA SER B 206 -12.84 -56.85 -3.22
C SER B 206 -11.94 -55.62 -3.20
N ASP B 207 -12.41 -54.54 -3.83
CA ASP B 207 -11.64 -53.31 -3.90
C ASP B 207 -12.59 -52.12 -3.95
N CYS B 208 -12.28 -51.11 -3.15
CA CYS B 208 -12.98 -49.82 -3.20
C CYS B 208 -12.20 -48.79 -3.98
N GLY B 209 -11.45 -49.22 -4.98
CA GLY B 209 -10.57 -48.35 -5.71
C GLY B 209 -9.12 -48.79 -5.55
N PRO B 210 -8.22 -47.85 -5.30
CA PRO B 210 -6.82 -48.22 -5.17
C PRO B 210 -6.45 -48.76 -3.79
N CYS B 211 -7.43 -49.11 -2.98
CA CYS B 211 -7.16 -49.62 -1.64
C CYS B 211 -8.11 -50.76 -1.32
N GLY B 212 -7.69 -51.60 -0.39
CA GLY B 212 -8.48 -52.76 -0.03
C GLY B 212 -9.84 -52.37 0.52
N PHE B 213 -10.76 -53.33 0.46
CA PHE B 213 -12.13 -53.12 0.90
C PHE B 213 -12.60 -54.33 1.67
N VAL B 214 -13.28 -54.10 2.78
CA VAL B 214 -13.79 -55.15 3.64
C VAL B 214 -15.23 -54.81 4.00
N GLN B 215 -16.15 -55.71 3.71
CA GLN B 215 -17.57 -55.50 4.01
C GLN B 215 -17.94 -56.31 5.24
N ILE B 216 -18.84 -55.76 6.04
CA ILE B 216 -19.27 -56.38 7.30
C ILE B 216 -20.60 -57.07 7.05
N ASN B 217 -20.64 -58.37 7.27
CA ASN B 217 -21.80 -59.20 6.97
C ASN B 217 -22.48 -59.61 8.26
N ALA B 218 -23.82 -59.58 8.26
CA ALA B 218 -24.57 -60.04 9.41
C ALA B 218 -24.22 -61.50 9.71
N ASN B 219 -23.99 -61.79 10.99
CA ASN B 219 -23.72 -63.15 11.43
C ASN B 219 -22.54 -63.75 10.68
N GLN B 220 -21.46 -62.97 10.58
CA GLN B 220 -20.28 -63.38 9.84
C GLN B 220 -19.06 -62.77 10.48
N GLY B 221 -17.98 -63.54 10.55
CA GLY B 221 -16.77 -63.06 11.18
C GLY B 221 -16.23 -61.83 10.47
N LEU B 222 -15.66 -60.91 11.27
CA LEU B 222 -15.07 -59.69 10.76
C LEU B 222 -13.70 -59.52 11.40
N THR B 223 -12.67 -59.32 10.57
CA THR B 223 -11.32 -59.10 11.05
C THR B 223 -10.73 -57.91 10.33
N LEU B 224 -10.15 -57.00 11.08
CA LEU B 224 -9.67 -55.76 10.49
C LEU B 224 -8.31 -55.96 9.82
N PRO B 225 -7.99 -55.17 8.80
CA PRO B 225 -6.65 -55.22 8.21
C PRO B 225 -5.62 -54.58 9.10
N LEU B 226 -4.38 -54.45 8.61
CA LEU B 226 -3.27 -53.99 9.42
C LEU B 226 -3.01 -52.49 9.34
N GLY B 227 -3.54 -51.81 8.33
CA GLY B 227 -3.28 -50.39 8.17
C GLY B 227 -4.25 -49.51 8.90
N ALA B 228 -4.93 -48.63 8.17
CA ALA B 228 -5.98 -47.78 8.72
C ALA B 228 -7.32 -48.20 8.15
N CYS B 229 -8.35 -48.16 8.99
CA CYS B 229 -9.70 -48.53 8.60
C CYS B 229 -10.58 -47.30 8.65
N LEU B 230 -11.27 -47.00 7.55
CA LEU B 230 -12.12 -45.83 7.44
C LEU B 230 -13.55 -46.28 7.18
N PHE B 231 -14.28 -46.57 8.26
CA PHE B 231 -15.67 -46.94 8.14
C PHE B 231 -16.47 -45.79 7.54
N VAL B 232 -17.31 -46.08 6.56
CA VAL B 232 -18.13 -45.07 5.91
C VAL B 232 -19.53 -45.66 5.76
N ASN B 233 -20.51 -44.78 5.63
CA ASN B 233 -21.86 -45.23 5.35
C ASN B 233 -21.98 -45.65 3.88
N PRO B 234 -22.89 -46.58 3.58
CA PRO B 234 -22.96 -47.11 2.21
C PRO B 234 -23.25 -46.07 1.16
N GLU B 235 -23.89 -44.96 1.53
CA GLU B 235 -24.26 -43.95 0.55
C GLU B 235 -23.05 -43.30 -0.11
N THR B 236 -21.87 -43.36 0.51
CA THR B 236 -20.69 -42.67 0.01
C THR B 236 -19.79 -43.55 -0.84
N VAL B 237 -19.68 -44.84 -0.51
CA VAL B 237 -18.76 -45.70 -1.22
C VAL B 237 -19.10 -45.76 -2.71
N ASN B 238 -20.37 -45.60 -3.05
CA ASN B 238 -20.81 -45.65 -4.44
C ASN B 238 -20.75 -44.29 -5.11
N ASP B 239 -20.28 -43.26 -4.41
CA ASP B 239 -20.17 -41.93 -4.99
C ASP B 239 -18.96 -41.85 -5.91
N GLN B 240 -19.09 -41.05 -6.96
CA GLN B 240 -17.99 -40.86 -7.89
C GLN B 240 -16.91 -39.97 -7.31
N SER B 241 -17.31 -38.89 -6.63
CA SER B 241 -16.32 -37.94 -6.11
C SER B 241 -15.40 -38.60 -5.10
N PHE B 242 -15.95 -39.43 -4.21
CA PHE B 242 -15.14 -40.07 -3.20
C PHE B 242 -14.05 -40.93 -3.84
N GLN B 243 -14.44 -41.78 -4.79
CA GLN B 243 -13.47 -42.64 -5.44
C GLN B 243 -12.46 -41.84 -6.24
N ASP B 244 -12.90 -40.74 -6.87
CA ASP B 244 -11.96 -39.92 -7.61
C ASP B 244 -10.92 -39.32 -6.68
N PHE B 245 -11.35 -38.85 -5.52
CA PHE B 245 -10.41 -38.33 -4.52
C PHE B 245 -9.43 -39.40 -4.08
N LEU B 246 -9.93 -40.61 -3.82
CA LEU B 246 -9.07 -41.69 -3.40
C LEU B 246 -8.03 -41.99 -4.48
N TRP B 247 -8.46 -42.02 -5.74
CA TRP B 247 -7.55 -42.27 -6.84
C TRP B 247 -6.49 -41.18 -6.93
N LEU B 248 -6.90 -39.92 -6.77
CA LEU B 248 -5.94 -38.83 -6.86
C LEU B 248 -4.87 -38.96 -5.78
N ILE B 249 -5.27 -39.25 -4.55
CA ILE B 249 -4.26 -39.43 -3.51
C ILE B 249 -3.35 -40.60 -3.86
N PHE B 250 -3.93 -41.71 -4.29
CA PHE B 250 -3.09 -42.85 -4.63
C PHE B 250 -2.07 -42.49 -5.69
N ALA B 251 -2.49 -41.74 -6.70
CA ALA B 251 -1.56 -41.33 -7.75
C ALA B 251 -0.46 -40.45 -7.18
N THR B 252 -0.82 -39.49 -6.33
CA THR B 252 0.19 -38.61 -5.77
C THR B 252 1.19 -39.36 -4.91
N HIS B 253 0.75 -40.42 -4.24
CA HIS B 253 1.66 -41.17 -3.38
C HIS B 253 2.61 -42.06 -4.17
N HIS B 254 2.21 -42.53 -5.34
CA HIS B 254 3.08 -43.35 -6.16
C HIS B 254 3.99 -42.54 -7.06
N ARG B 255 3.97 -41.22 -6.94
CA ARG B 255 4.86 -40.38 -7.72
C ARG B 255 6.02 -39.82 -6.92
N MET B 256 5.93 -39.79 -5.59
CA MET B 256 7.04 -39.37 -4.77
C MET B 256 8.16 -40.41 -4.86
N PRO B 257 9.42 -40.02 -4.61
CA PRO B 257 10.54 -40.86 -5.03
C PRO B 257 10.45 -42.29 -4.54
N ASN B 258 11.22 -43.18 -5.18
CA ASN B 258 11.06 -44.61 -4.93
C ASN B 258 11.35 -44.96 -3.48
N GLN B 259 12.37 -44.35 -2.87
CA GLN B 259 12.82 -44.81 -1.57
C GLN B 259 11.86 -44.44 -0.45
N MET B 260 11.05 -43.39 -0.61
CA MET B 260 10.04 -43.09 0.40
C MET B 260 8.70 -43.78 0.12
N GLN B 261 8.64 -44.63 -0.90
CA GLN B 261 7.48 -45.49 -1.07
C GLN B 261 7.61 -46.80 -0.31
N ASN B 262 8.75 -47.05 0.32
CA ASN B 262 8.94 -48.23 1.15
C ASN B 262 9.14 -47.90 2.61
N ASN B 263 9.07 -46.62 2.99
CA ASN B 263 9.11 -46.22 4.39
C ASN B 263 7.80 -45.64 4.89
N TRP B 264 6.95 -45.15 3.99
CA TRP B 264 5.66 -44.58 4.34
C TRP B 264 4.59 -45.19 3.45
N PRO B 265 4.34 -46.48 3.60
CA PRO B 265 3.35 -47.13 2.74
C PRO B 265 1.98 -46.48 2.88
N PHE B 266 1.34 -46.25 1.73
CA PHE B 266 0.00 -45.67 1.69
C PHE B 266 -0.99 -46.79 1.89
N SER B 267 -1.18 -47.16 3.16
CA SER B 267 -2.04 -48.29 3.53
C SER B 267 -3.36 -47.75 4.02
N LEU B 268 -4.44 -48.20 3.40
CA LEU B 268 -5.78 -47.79 3.79
C LEU B 268 -6.74 -48.90 3.40
N ASN B 269 -7.89 -48.94 4.06
CA ASN B 269 -8.88 -49.98 3.81
C ASN B 269 -10.26 -49.43 4.14
N ILE B 270 -11.09 -49.24 3.13
CA ILE B 270 -12.46 -48.80 3.34
C ILE B 270 -13.29 -49.97 3.81
N VAL B 271 -14.13 -49.72 4.81
CA VAL B 271 -15.01 -50.72 5.38
C VAL B 271 -16.43 -50.18 5.37
N SER B 272 -17.37 -50.98 4.89
CA SER B 272 -18.76 -50.54 4.82
C SER B 272 -19.65 -51.76 4.65
N THR B 273 -20.93 -51.52 4.35
CA THR B 273 -21.91 -52.58 4.19
C THR B 273 -22.37 -52.73 2.74
N CYS B 274 -21.75 -52.00 1.81
CA CYS B 274 -22.09 -52.12 0.41
C CYS B 274 -21.52 -53.41 -0.17
N ALA B 275 -21.71 -53.59 -1.47
CA ALA B 275 -21.01 -54.62 -2.23
C ALA B 275 -19.78 -53.99 -2.86
N ALA B 276 -18.64 -54.67 -2.73
CA ALA B 276 -17.36 -54.12 -3.17
C ALA B 276 -17.50 -53.49 -4.55
N PRO B 277 -17.38 -52.16 -4.67
CA PRO B 277 -17.55 -51.53 -5.98
C PRO B 277 -16.45 -51.85 -6.98
N GLY B 278 -15.32 -52.39 -6.52
CA GLY B 278 -14.24 -52.74 -7.42
C GLY B 278 -13.53 -51.53 -7.95
N ARG B 279 -12.25 -51.66 -8.26
CA ARG B 279 -11.48 -50.53 -8.74
C ARG B 279 -11.82 -50.24 -10.20
N GLN B 280 -11.97 -48.96 -10.51
CA GLN B 280 -12.39 -48.49 -11.81
C GLN B 280 -11.39 -47.49 -12.36
N ALA B 281 -10.11 -47.87 -12.32
CA ALA B 281 -8.99 -46.98 -12.61
C ALA B 281 -9.27 -46.10 -13.83
N PRO B 282 -9.37 -44.79 -13.66
CA PRO B 282 -9.50 -43.93 -14.84
C PRO B 282 -8.30 -44.10 -15.76
N HIS B 283 -8.59 -44.25 -17.05
CA HIS B 283 -7.56 -44.58 -18.03
C HIS B 283 -7.38 -43.50 -19.09
N ALA B 284 -8.44 -43.14 -19.81
CA ALA B 284 -8.37 -42.05 -20.78
C ALA B 284 -8.82 -40.77 -20.10
N GLY B 285 -8.79 -39.67 -20.85
CA GLY B 285 -9.24 -38.42 -20.28
C GLY B 285 -10.66 -38.72 -19.85
N GLU B 286 -10.89 -38.73 -18.52
CA GLU B 286 -12.25 -38.81 -18.01
C GLU B 286 -12.39 -38.11 -16.66
N LEU B 287 -11.43 -37.30 -16.25
CA LEU B 287 -11.50 -36.53 -15.01
C LEU B 287 -11.48 -35.05 -15.39
N THR B 288 -12.65 -34.52 -15.68
CA THR B 288 -12.77 -33.12 -16.06
C THR B 288 -12.58 -32.23 -14.84
N ASP B 289 -12.37 -30.93 -15.11
CA ASP B 289 -11.99 -30.03 -14.04
C ASP B 289 -13.07 -29.95 -12.95
N GLU B 290 -14.34 -29.92 -13.35
CA GLU B 290 -15.40 -29.85 -12.34
C GLU B 290 -15.43 -31.13 -11.50
N ARG B 291 -15.22 -32.28 -12.15
CA ARG B 291 -15.16 -33.53 -11.40
C ARG B 291 -14.00 -33.54 -10.42
N VAL B 292 -12.83 -33.04 -10.83
CA VAL B 292 -11.69 -32.95 -9.94
C VAL B 292 -11.96 -31.98 -8.79
N ARG B 293 -12.63 -30.87 -9.07
CA ARG B 293 -12.96 -29.93 -8.01
C ARG B 293 -13.86 -30.58 -6.97
N LEU B 294 -14.88 -31.30 -7.43
CA LEU B 294 -15.73 -32.03 -6.50
C LEU B 294 -14.94 -33.05 -5.71
N ALA B 295 -14.01 -33.74 -6.38
CA ALA B 295 -13.17 -34.71 -5.69
C ALA B 295 -12.40 -34.04 -4.57
N LEU B 296 -11.79 -32.89 -4.87
CA LEU B 296 -11.01 -32.19 -3.85
C LEU B 296 -11.90 -31.77 -2.69
N ASP B 297 -13.10 -31.29 -2.97
CA ASP B 297 -13.98 -30.85 -1.89
C ASP B 297 -14.36 -32.01 -0.99
N THR B 298 -14.82 -33.11 -1.57
CA THR B 298 -15.19 -34.26 -0.74
C THR B 298 -14.00 -34.77 0.03
N GLY B 299 -12.82 -34.73 -0.59
CA GLY B 299 -11.63 -35.17 0.10
C GLY B 299 -11.31 -34.33 1.32
N HIS B 300 -11.37 -33.01 1.15
CA HIS B 300 -11.12 -32.15 2.30
C HIS B 300 -12.16 -32.39 3.39
N ARG B 301 -13.40 -32.67 2.99
CA ARG B 301 -14.42 -32.99 3.98
C ARG B 301 -14.03 -34.21 4.79
N ILE B 302 -13.62 -35.28 4.12
CA ILE B 302 -13.22 -36.50 4.83
C ILE B 302 -12.02 -36.21 5.73
N LEU B 303 -11.02 -35.51 5.20
CA LEU B 303 -9.83 -35.20 5.99
C LEU B 303 -10.21 -34.46 7.26
N LEU B 304 -10.95 -33.37 7.12
CA LEU B 304 -11.34 -32.59 8.29
C LEU B 304 -12.09 -33.47 9.28
N SER B 305 -12.91 -34.40 8.78
CA SER B 305 -13.59 -35.31 9.70
C SER B 305 -12.60 -36.19 10.45
N MET B 306 -11.55 -36.65 9.77
CA MET B 306 -10.59 -37.53 10.42
C MET B 306 -9.83 -36.83 11.52
N PHE B 307 -9.64 -35.52 11.41
CA PHE B 307 -8.82 -34.76 12.36
C PHE B 307 -9.62 -34.28 13.57
N ASN B 308 -10.69 -34.99 13.92
CA ASN B 308 -11.53 -34.60 15.05
C ASN B 308 -12.08 -33.20 14.87
N ASP B 309 -12.25 -32.79 13.62
CA ASP B 309 -12.78 -31.47 13.30
C ASP B 309 -11.95 -30.39 14.01
N ASP B 310 -10.69 -30.31 13.59
CA ASP B 310 -9.73 -29.36 14.13
C ASP B 310 -9.46 -28.20 13.18
N GLU B 311 -9.09 -28.51 11.94
CA GLU B 311 -8.94 -27.52 10.89
C GLU B 311 -7.76 -26.59 11.14
N GLU B 312 -7.07 -26.74 12.27
CA GLU B 312 -5.85 -25.99 12.52
C GLU B 312 -4.61 -26.87 12.32
N THR B 313 -4.56 -28.01 13.00
CA THR B 313 -3.50 -28.97 12.71
C THR B 313 -3.58 -29.43 11.26
N LEU B 314 -4.80 -29.62 10.76
CA LEU B 314 -4.97 -30.00 9.37
C LEU B 314 -4.38 -28.95 8.45
N ARG B 315 -4.66 -27.68 8.72
CA ARG B 315 -4.09 -26.62 7.89
C ARG B 315 -2.58 -26.61 7.98
N TYR B 316 -2.04 -26.79 9.19
CA TYR B 316 -0.60 -26.80 9.35
C TYR B 316 0.04 -27.91 8.51
N TYR B 317 -0.50 -29.12 8.60
CA TYR B 317 0.10 -30.22 7.84
C TYR B 317 -0.10 -30.04 6.34
N GLN B 318 -1.28 -29.57 5.93
CA GLN B 318 -1.50 -29.33 4.51
C GLN B 318 -0.48 -28.34 3.97
N ARG B 319 -0.22 -27.26 4.73
CA ARG B 319 0.80 -26.32 4.32
C ARG B 319 2.16 -27.01 4.26
N LYS B 320 2.53 -27.73 5.32
CA LYS B 320 3.84 -28.38 5.35
C LYS B 320 4.02 -29.33 4.18
N GLY B 321 2.93 -29.80 3.60
CA GLY B 321 3.03 -30.62 2.41
C GLY B 321 3.36 -29.79 1.17
N ILE B 322 3.06 -28.50 1.22
CA ILE B 322 3.21 -27.68 0.02
C ILE B 322 4.62 -27.15 -0.15
N GLU B 323 5.31 -26.77 0.93
CA GLU B 323 6.66 -26.23 0.77
C GLU B 323 7.53 -27.16 -0.04
N THR B 324 7.16 -28.42 -0.14
CA THR B 324 7.92 -29.32 -1.00
C THR B 324 7.98 -28.81 -2.44
N MET B 325 7.10 -27.89 -2.81
CA MET B 325 7.10 -27.27 -4.13
C MET B 325 7.40 -25.78 -4.08
N PHE B 326 6.62 -25.03 -3.29
CA PHE B 326 6.74 -23.55 -3.14
C PHE B 326 7.55 -23.20 -1.87
N ARG B 327 8.67 -22.48 -2.01
CA ARG B 327 9.52 -22.00 -0.88
C ARG B 327 9.73 -20.49 -0.93
N PRO B 328 10.01 -19.81 0.21
CA PRO B 328 10.33 -18.38 0.20
C PRO B 328 11.84 -18.22 0.00
N CYS B 329 12.28 -17.50 -1.03
CA CYS B 329 13.72 -17.28 -1.36
C CYS B 329 14.35 -16.27 -0.41
N CYS B 330 15.69 -16.31 -0.29
CA CYS B 330 16.51 -15.40 0.56
C CYS B 330 16.72 -14.08 -0.17
N PHE B 331 17.17 -13.03 0.53
CA PHE B 331 17.39 -11.68 -0.03
C PHE B 331 18.82 -11.21 0.25
N TYR B 332 19.75 -12.14 0.52
CA TYR B 332 21.17 -11.85 0.83
C TYR B 332 22.09 -12.75 -0.01
N THR B 333 23.39 -12.46 0.02
CA THR B 333 24.47 -13.18 -0.73
C THR B 333 24.56 -14.63 -0.24
N GLU B 334 24.92 -14.83 1.03
CA GLU B 334 25.05 -16.18 1.66
C GLU B 334 23.73 -16.56 2.34
N GLY B 335 22.69 -16.82 1.55
CA GLY B 335 21.35 -17.21 2.02
C GLY B 335 21.20 -18.71 2.07
N GLY B 336 19.95 -19.19 2.20
CA GLY B 336 19.65 -20.64 2.28
C GLY B 336 20.32 -21.29 3.47
N LEU B 337 20.10 -20.66 4.62
CA LEU B 337 20.65 -21.07 5.94
C LEU B 337 19.49 -21.24 6.95
N LEU B 338 18.53 -20.30 6.96
CA LEU B 338 17.36 -20.32 7.88
C LEU B 338 16.29 -21.28 7.33
N ARG B 339 15.82 -21.07 6.10
CA ARG B 339 14.82 -21.94 5.50
C ARG B 339 15.31 -23.38 5.42
N LYS B 340 16.57 -23.58 5.01
CA LYS B 340 17.10 -24.93 4.94
C LYS B 340 17.13 -25.63 6.29
N ALA B 341 17.13 -24.86 7.38
CA ALA B 341 17.21 -25.43 8.71
C ALA B 341 15.87 -25.52 9.42
N THR B 342 14.81 -24.91 8.88
CA THR B 342 13.48 -25.00 9.45
C THR B 342 12.51 -25.39 8.34
N ARG B 343 12.49 -26.68 8.02
CA ARG B 343 11.49 -27.21 7.10
C ARG B 343 10.94 -28.57 7.49
N TYR B 344 11.65 -29.37 8.28
CA TYR B 344 11.26 -30.75 8.48
C TYR B 344 10.04 -30.86 9.40
N VAL B 345 9.26 -31.92 9.20
CA VAL B 345 8.15 -32.25 10.07
C VAL B 345 8.30 -33.69 10.53
N SER B 346 8.32 -33.90 11.85
CA SER B 346 8.39 -35.25 12.38
C SER B 346 7.10 -35.98 12.05
N MET B 347 7.19 -37.27 11.66
CA MET B 347 6.04 -38.07 11.17
C MET B 347 6.14 -39.51 11.67
N VAL B 348 5.01 -40.24 11.61
CA VAL B 348 4.86 -41.67 12.00
C VAL B 348 4.04 -42.36 10.91
N PRO B 349 4.17 -43.69 10.65
CA PRO B 349 3.38 -44.33 9.58
C PRO B 349 1.87 -44.22 9.84
N LEU B 350 1.06 -44.04 8.78
CA LEU B 350 -0.41 -43.88 8.87
C LEU B 350 -1.06 -45.18 9.37
N ASN B 351 -1.93 -45.12 10.39
CA ASN B 351 -2.64 -46.29 10.98
C ASN B 351 -3.69 -45.78 11.98
N GLY B 352 -4.57 -46.67 12.44
CA GLY B 352 -5.65 -46.35 13.39
C GLY B 352 -7.02 -46.62 12.80
N LEU B 353 -8.09 -46.25 13.52
CA LEU B 353 -9.50 -46.43 13.08
C LEU B 353 -10.15 -45.06 12.91
N TYR B 354 -11.03 -44.90 11.90
CA TYR B 354 -11.75 -43.64 11.59
C TYR B 354 -13.23 -43.97 11.32
N TYR B 355 -14.09 -42.95 11.33
CA TYR B 355 -15.56 -43.09 11.13
C TYR B 355 -16.10 -41.80 10.51
N TYR B 356 -16.78 -41.85 9.34
CA TYR B 356 -17.35 -40.68 8.69
C TYR B 356 -18.72 -41.04 8.16
N ASN B 357 -19.76 -40.57 8.82
CA ASN B 357 -21.13 -40.74 8.34
C ASN B 357 -21.68 -39.47 7.71
N GLY B 358 -21.19 -38.31 8.12
CA GLY B 358 -21.58 -37.05 7.54
C GLY B 358 -20.77 -35.92 8.13
N ALA B 359 -20.47 -34.89 7.33
CA ALA B 359 -19.69 -33.77 7.84
C ALA B 359 -20.44 -33.07 8.96
N THR B 360 -19.70 -32.35 9.79
CA THR B 360 -20.29 -31.70 10.96
C THR B 360 -19.95 -30.22 11.03
N SER B 361 -18.79 -29.83 10.53
CA SER B 361 -18.36 -28.43 10.55
C SER B 361 -18.07 -27.98 9.13
N TYR B 362 -18.51 -26.78 8.80
CA TYR B 362 -18.43 -26.25 7.43
C TYR B 362 -17.34 -25.19 7.40
N VAL B 363 -16.12 -25.60 7.10
CA VAL B 363 -15.01 -24.65 7.00
C VAL B 363 -15.30 -23.69 5.86
N VAL B 364 -15.37 -22.40 6.18
CA VAL B 364 -15.79 -21.43 5.19
C VAL B 364 -14.74 -21.24 4.11
N SER B 365 -13.47 -21.17 4.50
CA SER B 365 -12.38 -20.78 3.59
C SER B 365 -11.24 -21.78 3.70
N PRO B 366 -11.38 -22.96 3.12
CA PRO B 366 -10.28 -23.92 3.12
C PRO B 366 -9.10 -23.42 2.31
N ILE B 367 -7.97 -24.11 2.45
CA ILE B 367 -6.76 -23.71 1.75
C ILE B 367 -6.95 -23.80 0.24
N HIS B 368 -7.50 -24.92 -0.23
CA HIS B 368 -7.47 -25.19 -1.66
C HIS B 368 -8.32 -24.23 -2.47
N THR B 369 -9.17 -23.42 -1.83
CA THR B 369 -9.99 -22.46 -2.54
C THR B 369 -9.33 -21.09 -2.65
N ASP B 370 -8.18 -20.88 -2.03
CA ASP B 370 -7.52 -19.60 -2.13
C ASP B 370 -7.22 -19.26 -3.59
N ALA B 371 -6.85 -18.01 -3.84
CA ALA B 371 -6.53 -17.61 -5.20
C ALA B 371 -5.36 -18.42 -5.74
N HIS B 372 -4.37 -18.67 -4.92
CA HIS B 372 -3.23 -19.52 -5.28
C HIS B 372 -2.69 -20.15 -4.01
N PRO B 373 -3.00 -21.42 -3.75
CA PRO B 373 -2.57 -22.03 -2.48
C PRO B 373 -1.08 -21.96 -2.26
N GLY B 374 -0.28 -22.02 -3.33
CA GLY B 374 1.16 -21.98 -3.15
C GLY B 374 1.62 -20.73 -2.42
N ILE B 375 1.10 -19.58 -2.83
CA ILE B 375 1.52 -18.32 -2.21
C ILE B 375 1.10 -18.29 -0.75
N THR B 376 -0.13 -18.69 -0.46
CA THR B 376 -0.60 -18.68 0.92
C THR B 376 0.24 -19.58 1.79
N ALA B 377 0.59 -20.77 1.30
CA ALA B 377 1.44 -21.65 2.06
C ALA B 377 2.84 -21.07 2.26
N ALA B 378 3.40 -20.45 1.22
CA ALA B 378 4.74 -19.92 1.34
C ALA B 378 4.81 -18.76 2.33
N ILE B 379 3.76 -17.94 2.39
CA ILE B 379 3.82 -16.76 3.24
C ILE B 379 3.84 -17.14 4.72
N GLU B 380 3.11 -18.19 5.11
CA GLU B 380 3.14 -18.61 6.51
C GLU B 380 4.53 -19.08 6.89
N SER B 381 5.18 -19.85 6.02
CA SER B 381 6.56 -20.22 6.27
C SER B 381 7.44 -18.99 6.40
N PHE B 382 7.24 -18.02 5.52
CA PHE B 382 8.01 -16.78 5.61
C PHE B 382 7.84 -16.14 6.97
N VAL B 383 6.63 -16.16 7.52
CA VAL B 383 6.39 -15.60 8.85
C VAL B 383 7.20 -16.36 9.89
N ASP B 384 7.18 -17.69 9.82
CA ASP B 384 7.94 -18.48 10.77
C ASP B 384 9.42 -18.10 10.74
N ILE B 385 10.01 -18.07 9.55
CA ILE B 385 11.42 -17.71 9.46
C ILE B 385 11.65 -16.28 9.91
N MET B 386 10.71 -15.37 9.68
CA MET B 386 10.89 -14.00 10.14
C MET B 386 10.99 -13.93 11.66
N VAL B 387 10.07 -14.61 12.35
CA VAL B 387 10.15 -14.62 13.81
C VAL B 387 11.44 -15.27 14.27
N LEU B 388 11.83 -16.36 13.62
CA LEU B 388 13.06 -17.03 14.00
C LEU B 388 14.26 -16.10 13.84
N GLN B 389 14.30 -15.36 12.74
CA GLN B 389 15.36 -14.36 12.57
C GLN B 389 15.32 -13.33 13.69
N ALA B 390 14.12 -12.89 14.06
CA ALA B 390 14.00 -11.88 15.10
C ALA B 390 14.61 -12.37 16.40
N VAL B 391 14.33 -13.61 16.78
CA VAL B 391 14.89 -14.10 18.05
C VAL B 391 16.39 -14.30 17.94
N PHE B 392 16.88 -14.77 16.79
CA PHE B 392 18.31 -15.03 16.66
C PHE B 392 19.11 -13.74 16.78
N SER B 393 18.72 -12.71 16.06
CA SER B 393 19.45 -11.44 16.08
C SER B 393 19.01 -10.57 17.25
N PHE B 394 19.03 -11.15 18.44
CA PHE B 394 18.69 -10.43 19.66
C PHE B 394 19.90 -9.91 20.40
N SER B 395 21.09 -10.46 20.14
CA SER B 395 22.30 -10.05 20.84
C SER B 395 23.48 -9.91 19.89
N GLY B 396 23.24 -9.51 18.65
CA GLY B 396 24.31 -9.28 17.71
C GLY B 396 24.07 -9.97 16.38
N PRO B 397 25.06 -9.91 15.49
CA PRO B 397 24.89 -10.48 14.14
C PRO B 397 25.39 -11.90 13.94
N LYS B 398 26.08 -12.51 14.89
CA LYS B 398 26.42 -13.95 14.83
C LYS B 398 27.22 -14.29 13.57
N VAL B 399 28.44 -13.77 13.54
CA VAL B 399 29.31 -13.95 12.39
C VAL B 399 30.06 -15.29 12.49
N VAL B 400 30.40 -15.85 11.34
CA VAL B 400 31.26 -17.03 11.25
C VAL B 400 32.29 -16.78 10.15
N ALA B 401 33.56 -16.95 10.47
CA ALA B 401 34.65 -16.57 9.58
C ALA B 401 35.58 -17.75 9.37
N ALA B 402 36.42 -17.61 8.34
CA ALA B 402 37.38 -18.64 7.95
C ALA B 402 38.78 -18.03 7.97
N LYS B 403 39.43 -18.08 9.12
CA LYS B 403 40.78 -17.57 9.28
C LYS B 403 41.75 -18.73 9.37
N VAL B 404 42.82 -18.69 8.58
CA VAL B 404 43.74 -19.81 8.50
C VAL B 404 44.40 -20.06 9.85
N ASN B 405 44.83 -18.99 10.52
CA ASN B 405 45.46 -19.12 11.83
C ASN B 405 44.34 -19.19 12.87
N ALA B 406 43.44 -20.16 12.72
CA ALA B 406 42.35 -20.30 13.67
C ALA B 406 42.78 -20.96 14.97
N SER B 407 43.63 -21.99 14.88
CA SER B 407 44.05 -22.70 16.09
C SER B 407 44.93 -21.83 16.97
N GLN B 408 45.84 -21.06 16.37
CA GLN B 408 46.85 -20.36 17.15
C GLN B 408 46.22 -19.41 18.16
N ILE B 409 45.07 -18.83 17.82
CA ILE B 409 44.42 -17.84 18.66
C ILE B 409 42.98 -18.26 18.91
N ASP B 410 42.42 -17.81 20.02
CA ASP B 410 41.05 -18.12 20.39
C ASP B 410 40.07 -17.20 19.66
N ALA B 411 38.79 -17.34 20.00
CA ALA B 411 37.77 -16.49 19.42
C ALA B 411 37.92 -15.07 19.94
N ALA B 412 37.04 -14.18 19.48
CA ALA B 412 37.13 -12.75 19.80
C ALA B 412 38.49 -12.19 19.38
N MET B 413 39.19 -12.92 18.52
CA MET B 413 40.48 -12.48 18.03
C MET B 413 40.36 -11.28 17.11
N VAL B 414 39.32 -11.26 16.28
CA VAL B 414 39.17 -10.28 15.22
C VAL B 414 37.97 -9.38 15.46
N PHE B 415 36.89 -9.92 16.01
CA PHE B 415 35.66 -9.17 16.14
C PHE B 415 35.74 -8.27 17.37
N GLY B 416 35.75 -6.96 17.14
CA GLY B 416 35.79 -6.01 18.21
C GLY B 416 34.49 -5.98 18.98
N PRO B 417 34.17 -4.84 19.60
CA PRO B 417 32.91 -4.76 20.37
C PRO B 417 31.68 -4.93 19.53
N ALA B 418 31.76 -4.73 18.22
CA ALA B 418 30.58 -4.85 17.36
C ALA B 418 29.88 -6.18 17.52
N VAL B 419 30.58 -7.27 17.25
CA VAL B 419 30.02 -8.60 17.39
C VAL B 419 30.10 -8.98 18.87
N ALA B 420 28.95 -9.09 19.52
CA ALA B 420 28.90 -9.37 20.94
C ALA B 420 29.83 -10.52 21.28
N GLU B 421 30.77 -10.26 22.19
CA GLU B 421 31.76 -11.27 22.55
C GLU B 421 31.05 -12.52 23.06
N GLY B 422 31.16 -13.60 22.30
CA GLY B 422 30.40 -14.82 22.56
C GLY B 422 29.57 -15.29 21.39
N ASP B 423 29.48 -14.52 20.30
CA ASP B 423 28.70 -14.89 19.13
C ASP B 423 29.53 -14.90 17.85
N GLY B 424 30.86 -14.92 17.97
CA GLY B 424 31.74 -15.02 16.82
C GLY B 424 32.48 -16.35 16.84
N PHE B 425 32.44 -17.04 15.71
CA PHE B 425 33.07 -18.34 15.58
C PHE B 425 33.97 -18.35 14.36
N VAL B 426 35.02 -19.17 14.43
CA VAL B 426 35.99 -19.27 13.36
C VAL B 426 36.36 -20.73 13.14
N TYR B 427 36.92 -21.00 11.97
CA TYR B 427 37.37 -22.34 11.63
C TYR B 427 38.39 -22.23 10.51
N ASP B 428 39.48 -22.98 10.63
CA ASP B 428 40.49 -22.97 9.59
C ASP B 428 39.94 -23.60 8.31
N PRO B 429 40.35 -23.12 7.14
CA PRO B 429 39.78 -23.62 5.89
C PRO B 429 40.37 -24.94 5.42
N LEU B 430 41.40 -25.46 6.11
CA LEU B 430 41.95 -26.75 5.71
C LEU B 430 40.90 -27.85 5.81
N ARG B 431 40.12 -27.84 6.88
CA ARG B 431 39.06 -28.81 7.07
C ARG B 431 37.80 -28.37 6.31
N PRO B 432 36.91 -29.30 6.01
CA PRO B 432 35.66 -28.92 5.32
C PRO B 432 34.80 -28.05 6.21
N ALA B 433 33.84 -27.38 5.57
CA ALA B 433 33.00 -26.42 6.27
C ALA B 433 32.23 -27.10 7.40
N PRO B 434 32.03 -26.41 8.52
CA PRO B 434 31.38 -27.04 9.66
C PRO B 434 29.91 -27.31 9.38
N PRO B 435 29.21 -27.99 10.28
CA PRO B 435 27.77 -28.17 10.11
C PRO B 435 26.96 -27.06 10.78
N LEU B 436 26.05 -26.44 10.05
CA LEU B 436 25.28 -25.33 10.59
C LEU B 436 24.53 -25.75 11.84
N SER B 437 24.11 -27.01 11.89
CA SER B 437 23.40 -27.51 13.06
C SER B 437 24.17 -27.23 14.34
N ALA B 438 25.49 -27.38 14.29
CA ALA B 438 26.28 -27.19 15.51
C ALA B 438 26.05 -25.82 16.10
N PHE B 439 26.10 -24.78 15.27
CA PHE B 439 25.93 -23.42 15.77
C PHE B 439 24.48 -23.14 16.15
N TYR B 440 23.54 -23.51 15.29
CA TYR B 440 22.14 -23.16 15.56
C TYR B 440 21.63 -23.87 16.82
N THR B 441 22.01 -25.12 17.03
CA THR B 441 21.55 -25.85 18.21
C THR B 441 21.94 -25.10 19.47
N GLU B 442 23.20 -24.67 19.56
CA GLU B 442 23.63 -23.90 20.71
C GLU B 442 22.91 -22.56 20.79
N PHE B 443 22.60 -21.95 19.65
CA PHE B 443 21.92 -20.66 19.68
C PHE B 443 20.54 -20.78 20.29
N ILE B 444 19.76 -21.78 19.87
CA ILE B 444 18.35 -21.82 20.23
C ILE B 444 18.13 -22.13 21.70
N HIS B 445 19.00 -22.90 22.33
CA HIS B 445 18.74 -23.44 23.66
C HIS B 445 19.16 -22.52 24.78
N ARG B 446 19.71 -21.34 24.48
CA ARG B 446 19.99 -20.39 25.54
C ARG B 446 18.68 -19.92 26.16
N PRO B 447 18.63 -19.74 27.49
CA PRO B 447 17.36 -19.35 28.10
C PRO B 447 16.82 -18.03 27.58
N ALA B 448 17.71 -17.09 27.28
CA ALA B 448 17.25 -15.77 26.85
C ALA B 448 16.46 -15.85 25.55
N GLU B 449 16.95 -16.63 24.59
CA GLU B 449 16.23 -16.76 23.33
C GLU B 449 15.03 -17.68 23.45
N GLN B 450 15.11 -18.71 24.29
CA GLN B 450 13.99 -19.63 24.43
C GLN B 450 12.78 -18.92 25.03
N ARG B 451 12.98 -18.20 26.13
CA ARG B 451 11.85 -17.61 26.83
C ARG B 451 11.15 -16.55 26.00
N ILE B 452 11.81 -16.01 24.97
CA ILE B 452 11.20 -15.03 24.09
C ILE B 452 10.59 -15.67 22.86
N PHE B 453 11.27 -16.67 22.29
CA PHE B 453 10.72 -17.37 21.14
C PHE B 453 9.40 -18.04 21.50
N GLN B 454 9.34 -18.65 22.70
CA GLN B 454 8.11 -19.28 23.13
C GLN B 454 6.96 -18.28 23.17
N MET B 455 7.20 -17.14 23.81
CA MET B 455 6.13 -16.14 23.92
C MET B 455 5.72 -15.63 22.55
N ALA B 456 6.68 -15.37 21.68
CA ALA B 456 6.34 -14.86 20.36
C ALA B 456 5.46 -15.84 19.61
N MET B 457 5.86 -17.12 19.59
CA MET B 457 5.08 -18.10 18.86
C MET B 457 3.69 -18.25 19.47
N SER B 458 3.61 -18.26 20.80
CA SER B 458 2.31 -18.40 21.45
C SER B 458 1.39 -17.24 21.09
N GLN B 459 1.93 -16.03 21.07
CA GLN B 459 1.11 -14.88 20.67
C GLN B 459 0.66 -15.01 19.23
N ILE B 460 1.56 -15.42 18.33
CA ILE B 460 1.20 -15.50 16.92
C ILE B 460 0.09 -16.52 16.71
N TYR B 461 0.28 -17.73 17.24
CA TYR B 461 -0.61 -18.86 16.92
C TYR B 461 -1.62 -19.12 18.01
N GLY B 462 -1.18 -19.33 19.25
CA GLY B 462 -2.09 -19.56 20.35
C GLY B 462 -2.01 -20.96 20.91
N SER B 463 -3.17 -21.60 21.06
CA SER B 463 -3.19 -22.94 21.64
C SER B 463 -2.41 -23.92 20.78
N HIS B 464 -2.31 -23.67 19.48
CA HIS B 464 -1.63 -24.59 18.58
C HIS B 464 -0.14 -24.28 18.41
N ALA B 465 0.37 -23.29 19.13
CA ALA B 465 1.79 -22.97 19.02
C ALA B 465 2.70 -24.13 19.42
N PRO B 466 2.46 -24.81 20.54
CA PRO B 466 3.46 -25.78 21.03
C PRO B 466 3.89 -26.78 19.98
N LEU B 467 2.95 -27.24 19.14
CA LEU B 467 3.34 -28.13 18.05
C LEU B 467 4.37 -27.48 17.15
N ILE B 468 4.14 -26.22 16.79
CA ILE B 468 5.06 -25.55 15.87
C ILE B 468 6.42 -25.32 16.54
N ILE B 469 6.42 -24.88 17.79
CA ILE B 469 7.70 -24.68 18.48
C ILE B 469 8.48 -25.99 18.54
N ALA B 470 7.81 -27.07 18.97
CA ALA B 470 8.52 -28.33 19.09
C ALA B 470 9.04 -28.79 17.74
N ASN B 471 8.24 -28.64 16.69
CA ASN B 471 8.65 -29.13 15.39
C ASN B 471 9.81 -28.33 14.84
N VAL B 472 9.81 -27.01 15.02
CA VAL B 472 10.93 -26.21 14.54
C VAL B 472 12.19 -26.51 15.34
N ILE B 473 12.05 -26.71 16.65
CA ILE B 473 13.23 -27.06 17.45
C ILE B 473 13.81 -28.38 16.97
N ASN B 474 12.94 -29.36 16.69
CA ASN B 474 13.44 -30.63 16.15
C ASN B 474 14.16 -30.40 14.82
N SER B 475 13.52 -29.69 13.90
CA SER B 475 14.11 -29.52 12.57
C SER B 475 15.47 -28.86 12.67
N ILE B 476 15.55 -27.70 13.34
CA ILE B 476 16.82 -27.01 13.49
C ILE B 476 17.83 -27.92 14.17
N HIS B 477 17.36 -28.72 15.13
CA HIS B 477 18.22 -29.67 15.83
C HIS B 477 18.64 -30.82 14.93
N ASN B 478 18.04 -30.95 13.74
CA ASN B 478 18.34 -32.04 12.82
C ASN B 478 18.43 -31.43 11.41
N CYS B 479 19.63 -31.00 11.04
CA CYS B 479 19.86 -30.41 9.72
C CYS B 479 21.25 -30.78 9.26
N LYS B 480 21.36 -31.18 8.00
CA LYS B 480 22.62 -31.65 7.44
C LYS B 480 23.36 -30.61 6.63
N THR B 481 22.84 -29.38 6.56
CA THR B 481 23.43 -28.38 5.68
C THR B 481 24.75 -27.88 6.24
N LYS B 482 25.68 -27.60 5.34
CA LYS B 482 27.00 -27.09 5.70
C LYS B 482 27.09 -25.62 5.32
N ILE B 483 27.93 -24.88 6.05
CA ILE B 483 28.12 -23.44 5.78
C ILE B 483 29.20 -23.36 4.71
N VAL B 484 28.78 -23.51 3.46
CA VAL B 484 29.73 -23.50 2.35
C VAL B 484 30.19 -22.07 2.09
N ASN B 485 31.50 -21.90 1.91
CA ASN B 485 32.08 -20.57 1.77
C ASN B 485 31.66 -19.86 0.50
N ASN B 486 31.10 -20.58 -0.47
CA ASN B 486 30.78 -19.97 -1.76
C ASN B 486 29.66 -18.93 -1.59
N LYS B 487 29.37 -18.24 -2.69
CA LYS B 487 28.34 -17.19 -2.72
C LYS B 487 27.22 -17.60 -3.66
N LEU B 488 26.10 -16.88 -3.57
CA LEU B 488 24.90 -17.20 -4.33
C LEU B 488 24.56 -16.16 -5.40
N ARG B 489 25.02 -14.93 -5.26
CA ARG B 489 24.90 -13.85 -6.22
C ARG B 489 23.49 -13.24 -6.26
N ALA B 490 22.53 -13.77 -5.53
CA ALA B 490 21.21 -13.19 -5.38
C ALA B 490 20.46 -13.05 -6.70
N THR B 491 20.96 -13.63 -7.78
CA THR B 491 20.24 -13.64 -9.06
C THR B 491 20.00 -15.05 -9.56
N PHE B 492 19.95 -16.02 -8.66
CA PHE B 492 19.68 -17.40 -9.00
C PHE B 492 18.74 -17.98 -7.96
N VAL B 493 18.53 -19.29 -8.02
CA VAL B 493 17.78 -20.03 -7.02
C VAL B 493 18.63 -21.11 -6.38
N ARG B 494 19.39 -21.84 -7.17
CA ARG B 494 20.32 -22.84 -6.69
C ARG B 494 21.74 -22.36 -6.94
N ARG B 495 22.62 -22.62 -5.99
CA ARG B 495 23.98 -22.12 -6.06
C ARG B 495 24.64 -22.59 -7.35
N PRO B 496 25.17 -21.69 -8.18
CA PRO B 496 25.77 -22.11 -9.44
C PRO B 496 27.22 -22.54 -9.21
N PRO B 497 27.69 -23.55 -9.94
CA PRO B 497 29.11 -23.91 -9.84
C PRO B 497 30.00 -22.76 -10.28
N GLY B 498 31.14 -22.63 -9.62
CA GLY B 498 32.12 -21.64 -9.98
C GLY B 498 31.88 -20.25 -9.43
N ALA B 499 30.91 -20.08 -8.52
CA ALA B 499 30.63 -18.77 -7.97
C ALA B 499 31.80 -18.29 -7.11
N PRO B 500 31.94 -16.98 -6.92
CA PRO B 500 33.09 -16.45 -6.20
C PRO B 500 32.91 -16.59 -4.69
N HIS B 501 34.03 -16.44 -3.99
CA HIS B 501 34.04 -16.53 -2.54
C HIS B 501 33.26 -15.39 -1.92
N LEU B 502 32.83 -15.61 -0.67
CA LEU B 502 32.06 -14.62 0.05
C LEU B 502 32.91 -13.37 0.32
N LYS B 503 32.26 -12.35 0.88
CA LYS B 503 32.93 -11.12 1.24
C LYS B 503 33.68 -11.34 2.54
N ALA B 504 35.01 -11.29 2.49
CA ALA B 504 35.88 -11.50 3.64
C ALA B 504 35.78 -12.91 4.20
N ASP B 505 35.14 -13.82 3.48
CA ASP B 505 34.98 -15.21 3.91
C ASP B 505 34.21 -15.33 5.21
N THR B 506 33.41 -14.33 5.56
CA THR B 506 32.68 -14.32 6.81
C THR B 506 31.19 -14.45 6.51
N ALA B 507 30.65 -15.65 6.69
CA ALA B 507 29.22 -15.85 6.56
C ALA B 507 28.52 -15.33 7.81
N ILE B 508 27.38 -14.67 7.60
CA ILE B 508 26.52 -14.24 8.68
C ILE B 508 25.27 -15.11 8.65
N ILE B 509 24.93 -15.70 9.79
CA ILE B 509 23.98 -16.80 9.83
C ILE B 509 22.73 -16.43 10.62
N ASN B 510 22.35 -15.15 10.60
CA ASN B 510 21.04 -14.73 11.08
C ASN B 510 20.12 -14.27 9.97
N ARG B 511 20.66 -13.64 8.94
CA ARG B 511 19.85 -12.94 7.96
C ARG B 511 19.13 -13.94 7.07
N PHE B 512 17.85 -13.67 6.81
CA PHE B 512 17.13 -14.38 5.76
C PHE B 512 16.43 -13.41 4.83
N HIS B 513 16.05 -12.24 5.34
CA HIS B 513 15.35 -11.25 4.52
C HIS B 513 15.25 -9.97 5.32
N ASP B 514 14.91 -8.89 4.65
CA ASP B 514 14.90 -7.58 5.31
C ASP B 514 13.83 -7.54 6.39
N PRO B 515 14.07 -6.82 7.50
CA PRO B 515 13.04 -6.74 8.56
C PRO B 515 11.89 -5.82 8.22
N GLU B 516 11.97 -5.03 7.16
CA GLU B 516 10.85 -4.17 6.81
C GLU B 516 9.60 -4.99 6.54
N LEU B 517 9.76 -6.17 5.94
CA LEU B 517 8.62 -7.04 5.74
C LEU B 517 8.01 -7.46 7.07
N ALA B 518 8.85 -7.81 8.04
CA ALA B 518 8.34 -8.18 9.35
C ALA B 518 7.58 -7.02 9.98
N TYR B 519 8.12 -5.82 9.88
CA TYR B 519 7.42 -4.65 10.40
C TYR B 519 6.06 -4.49 9.73
N ALA B 520 6.03 -4.56 8.40
CA ALA B 520 4.76 -4.38 7.70
C ALA B 520 3.74 -5.42 8.13
N LEU B 521 4.16 -6.67 8.23
CA LEU B 521 3.23 -7.73 8.63
C LEU B 521 2.76 -7.56 10.06
N GLY B 522 3.43 -6.74 10.86
CA GLY B 522 3.05 -6.58 12.25
C GLY B 522 3.53 -7.68 13.16
N ILE B 523 4.61 -8.36 12.81
CA ILE B 523 5.16 -9.42 13.63
C ILE B 523 6.41 -8.91 14.31
N LEU B 524 6.96 -9.71 15.22
CA LEU B 524 8.13 -9.28 15.98
C LEU B 524 9.26 -8.89 15.03
N ALA B 525 9.90 -7.76 15.33
CA ALA B 525 10.98 -7.23 14.52
C ALA B 525 12.25 -7.12 15.35
N ASP B 526 13.38 -7.38 14.71
CA ASP B 526 14.66 -7.33 15.40
C ASP B 526 15.04 -5.88 15.66
N GLY B 527 16.24 -5.66 16.20
CA GLY B 527 16.65 -4.33 16.61
C GLY B 527 17.04 -3.42 15.46
N ILE B 528 16.15 -3.28 14.48
CA ILE B 528 16.33 -2.36 13.36
C ILE B 528 15.17 -1.39 13.35
N ALA B 529 15.48 -0.10 13.24
CA ALA B 529 14.42 0.89 13.22
C ALA B 529 13.58 0.72 11.95
N PRO B 530 12.28 0.94 12.01
CA PRO B 530 11.44 0.83 10.82
C PRO B 530 11.45 2.13 10.02
N LEU B 531 11.99 2.06 8.81
CA LEU B 531 12.00 3.22 7.92
C LEU B 531 10.60 3.39 7.36
N ASP B 532 9.78 4.18 8.05
CA ASP B 532 8.37 4.32 7.72
C ASP B 532 8.01 5.72 7.24
N GLY B 533 8.28 6.75 8.03
CA GLY B 533 7.82 8.09 7.75
C GLY B 533 8.90 9.11 8.03
N SER B 534 8.45 10.31 8.40
CA SER B 534 9.37 11.42 8.61
C SER B 534 10.43 11.06 9.63
N HIS B 535 11.68 11.42 9.33
CA HIS B 535 12.81 11.17 10.21
C HIS B 535 13.61 12.45 10.37
N GLU B 536 14.21 12.62 11.54
CA GLU B 536 14.99 13.80 11.89
C GLU B 536 16.40 13.35 12.25
N TYR B 537 17.28 13.31 11.27
CA TYR B 537 18.63 12.79 11.46
C TYR B 537 19.56 13.89 11.95
N ASN B 538 20.69 13.46 12.51
CA ASN B 538 21.76 14.35 12.92
C ASN B 538 23.07 13.64 12.57
N VAL B 539 23.68 14.02 11.45
CA VAL B 539 24.72 13.19 10.86
C VAL B 539 25.89 13.00 11.81
N LEU B 540 26.18 13.97 12.67
CA LEU B 540 27.35 13.84 13.54
C LEU B 540 27.19 12.71 14.53
N ASP B 541 26.18 12.79 15.39
CA ASP B 541 25.97 11.74 16.38
C ASP B 541 25.68 10.40 15.70
N GLU B 542 24.86 10.43 14.65
CA GLU B 542 24.55 9.23 13.90
C GLU B 542 25.82 8.55 13.41
N LEU B 543 26.71 9.30 12.79
CA LEU B 543 27.96 8.76 12.31
C LEU B 543 28.81 8.25 13.46
N ASP B 544 28.84 8.97 14.57
CA ASP B 544 29.62 8.52 15.71
C ASP B 544 29.14 7.16 16.19
N TYR B 545 27.83 6.96 16.24
CA TYR B 545 27.30 5.68 16.71
C TYR B 545 27.72 4.55 15.79
N LEU B 546 27.82 4.81 14.49
CA LEU B 546 28.27 3.79 13.56
C LEU B 546 29.63 3.23 13.98
N PHE B 547 30.58 4.12 14.24
CA PHE B 547 31.95 3.68 14.52
C PHE B 547 32.10 3.08 15.89
N ASN B 548 31.00 2.81 16.58
CA ASN B 548 30.99 1.98 17.78
C ASN B 548 30.50 0.57 17.49
N GLY B 549 30.36 0.20 16.22
CA GLY B 549 29.91 -1.11 15.82
C GLY B 549 28.47 -1.18 15.35
N GLY B 550 27.67 -0.15 15.63
CA GLY B 550 26.27 -0.19 15.24
C GLY B 550 26.08 -0.49 13.77
N ASP B 551 24.84 -0.82 13.42
CA ASP B 551 24.50 -1.16 12.05
C ASP B 551 24.24 0.10 11.25
N ILE B 552 24.83 0.18 10.06
CA ILE B 552 24.58 1.34 9.20
C ILE B 552 23.11 1.46 8.87
N ARG B 553 22.39 0.34 8.86
CA ARG B 553 20.97 0.38 8.50
C ARG B 553 20.17 1.23 9.47
N ASN B 554 20.66 1.44 10.69
CA ASN B 554 19.99 2.32 11.63
C ASN B 554 20.38 3.78 11.46
N CYS B 555 21.25 4.08 10.50
CA CYS B 555 21.69 5.45 10.24
C CYS B 555 21.05 5.91 8.94
N PHE B 556 19.99 6.70 9.05
CA PHE B 556 19.26 7.16 7.88
C PHE B 556 20.02 8.27 7.15
N GLY B 557 20.58 9.22 7.90
CA GLY B 557 21.24 10.35 7.26
C GLY B 557 22.35 9.92 6.33
N LEU B 558 23.21 9.01 6.80
CA LEU B 558 24.32 8.57 5.97
C LEU B 558 23.81 7.92 4.69
N ASN B 559 22.91 6.97 4.81
CA ASN B 559 22.42 6.26 3.64
C ASN B 559 21.79 7.23 2.64
N ALA B 560 21.06 8.22 3.14
CA ALA B 560 20.42 9.17 2.24
C ALA B 560 21.45 9.95 1.45
N LEU B 561 22.55 10.35 2.09
CA LEU B 561 23.55 11.21 1.50
C LEU B 561 24.77 10.45 0.99
N ASN B 562 24.67 9.13 0.85
CA ASN B 562 25.87 8.32 0.67
C ASN B 562 26.73 8.81 -0.48
N THR B 563 26.10 9.31 -1.55
CA THR B 563 26.83 9.79 -2.71
C THR B 563 26.39 11.18 -3.14
N ARG B 564 25.48 11.82 -2.42
CA ARG B 564 25.01 13.15 -2.77
C ARG B 564 25.64 14.22 -1.91
N GLY B 565 26.22 13.84 -0.79
CA GLY B 565 26.97 14.76 0.05
C GLY B 565 28.12 14.04 0.73
N LEU B 566 28.33 14.33 2.00
CA LEU B 566 29.34 13.63 2.79
C LEU B 566 30.73 13.78 2.19
N GLY B 567 30.89 14.64 1.20
CA GLY B 567 32.19 15.05 0.72
C GLY B 567 32.36 16.54 0.94
N GLN B 568 31.27 17.18 1.37
CA GLN B 568 31.30 18.60 1.67
C GLN B 568 30.48 18.93 2.91
N ILE B 569 30.10 17.94 3.71
CA ILE B 569 29.22 18.17 4.86
C ILE B 569 29.89 17.74 6.14
N VAL B 570 30.81 16.79 6.06
CA VAL B 570 31.45 16.24 7.25
C VAL B 570 32.87 15.83 6.92
N HIS B 571 33.79 16.11 7.85
CA HIS B 571 35.18 15.71 7.74
C HIS B 571 35.56 14.84 8.93
N ILE B 572 36.66 14.12 8.77
CA ILE B 572 37.19 13.24 9.81
C ILE B 572 38.62 13.69 10.11
N ARG B 573 38.92 13.86 11.38
CA ARG B 573 40.25 14.30 11.81
C ARG B 573 40.63 13.54 13.07
N PRO B 574 41.93 13.30 13.27
CA PRO B 574 42.36 12.65 14.51
C PRO B 574 42.07 13.53 15.71
N LYS B 575 41.83 12.88 16.85
CA LYS B 575 41.52 13.61 18.08
C LYS B 575 42.81 14.09 18.74
N ARG B 576 42.91 15.40 18.93
CA ARG B 576 44.04 16.03 19.59
C ARG B 576 43.75 16.48 21.01
N GLU B 577 42.80 15.82 21.67
CA GLU B 577 42.21 16.35 22.89
C GLU B 577 43.25 16.62 23.98
N PRO B 578 43.93 15.59 24.51
CA PRO B 578 44.83 15.84 25.63
C PRO B 578 46.21 16.32 25.20
N GLY B 579 47.11 16.51 26.16
CA GLY B 579 48.48 16.87 25.89
C GLY B 579 49.42 15.70 25.72
N LYS B 580 48.90 14.48 25.67
CA LYS B 580 49.74 13.30 25.56
C LYS B 580 50.22 13.14 24.12
N ARG B 581 51.00 12.09 23.88
CA ARG B 581 51.54 11.87 22.55
C ARG B 581 50.40 11.77 21.54
N PRO B 582 50.44 12.51 20.43
CA PRO B 582 49.43 12.32 19.39
C PRO B 582 49.51 10.93 18.81
N ARG B 583 48.35 10.37 18.46
CA ARG B 583 48.28 9.01 17.93
C ARG B 583 47.41 8.99 16.69
N ARG B 584 47.79 8.14 15.74
CA ARG B 584 47.09 8.06 14.45
C ARG B 584 45.81 7.26 14.64
N GLY B 585 44.66 7.94 14.59
CA GLY B 585 43.41 7.25 14.75
C GLY B 585 43.25 6.18 13.69
N PHE B 586 42.65 5.05 14.07
CA PHE B 586 42.47 3.94 13.15
C PHE B 586 41.15 3.25 13.44
N TYR B 587 40.61 2.61 12.41
CA TYR B 587 39.39 1.83 12.53
C TYR B 587 39.57 0.52 11.77
N THR B 588 38.91 -0.52 12.25
CA THR B 588 39.10 -1.88 11.73
C THR B 588 37.84 -2.34 11.02
N THR B 589 37.99 -2.76 9.77
CA THR B 589 36.87 -3.29 9.00
C THR B 589 36.64 -4.74 9.40
N LEU B 590 35.77 -5.43 8.66
CA LEU B 590 35.35 -6.76 9.09
C LEU B 590 36.48 -7.76 9.02
N ASP B 591 37.32 -7.70 7.98
CA ASP B 591 38.35 -8.69 7.76
C ASP B 591 39.64 -8.42 8.52
N GLY B 592 39.59 -7.58 9.55
CA GLY B 592 40.78 -7.28 10.32
C GLY B 592 41.77 -6.34 9.66
N GLN B 593 41.36 -5.66 8.59
CA GLN B 593 42.23 -4.71 7.91
C GLN B 593 42.24 -3.41 8.71
N VAL B 594 43.21 -3.28 9.60
CA VAL B 594 43.34 -2.04 10.37
C VAL B 594 43.66 -0.90 9.41
N HIS B 595 42.83 0.14 9.46
CA HIS B 595 42.96 1.28 8.55
C HIS B 595 43.41 2.49 9.32
N PRO B 596 44.51 3.15 8.95
CA PRO B 596 44.95 4.33 9.68
C PRO B 596 44.38 5.61 9.09
N VAL B 597 44.15 6.58 9.97
CA VAL B 597 43.63 7.89 9.59
C VAL B 597 44.62 8.93 10.14
N THR B 598 45.53 9.38 9.30
CA THR B 598 46.57 10.31 9.74
C THR B 598 46.23 11.78 9.50
N GLN B 599 45.91 12.12 8.26
CA GLN B 599 45.60 13.50 7.88
C GLN B 599 44.11 13.62 7.63
N ASP B 600 43.49 14.63 8.23
CA ASP B 600 42.04 14.78 8.11
C ASP B 600 41.65 14.95 6.66
N ALA B 601 40.57 14.27 6.26
CA ALA B 601 40.15 14.21 4.88
C ALA B 601 38.64 14.15 4.83
N PRO B 602 38.04 14.43 3.68
CA PRO B 602 36.59 14.24 3.54
C PRO B 602 36.21 12.79 3.74
N LEU B 603 35.02 12.57 4.29
CA LEU B 603 34.63 11.23 4.70
C LEU B 603 34.65 10.26 3.53
N ASP B 604 34.17 10.70 2.37
CA ASP B 604 34.07 9.80 1.23
C ASP B 604 35.42 9.27 0.78
N GLU B 605 36.52 9.90 1.20
CA GLU B 605 37.86 9.44 0.85
C GLU B 605 38.46 8.52 1.90
N ILE B 606 37.80 8.32 3.02
CA ILE B 606 38.28 7.45 4.08
C ILE B 606 37.52 6.13 4.13
N TYR B 607 36.20 6.18 3.95
CA TYR B 607 35.38 4.98 3.94
C TYR B 607 34.41 5.03 2.76
N HIS B 608 34.11 3.87 2.22
CA HIS B 608 33.24 3.74 1.05
C HIS B 608 32.27 2.60 1.28
N TRP B 609 31.13 2.66 0.58
CA TRP B 609 30.22 1.53 0.55
C TRP B 609 29.16 1.79 -0.51
N ARG B 610 28.67 0.71 -1.12
CA ARG B 610 27.74 0.82 -2.23
C ARG B 610 26.47 1.52 -1.78
N ASP B 611 25.88 2.30 -2.68
CA ASP B 611 24.65 3.02 -2.40
C ASP B 611 23.47 2.19 -2.89
N HIS B 612 22.68 1.68 -1.95
CA HIS B 612 21.43 1.01 -2.24
C HIS B 612 20.25 1.88 -1.82
N GLY B 613 20.38 3.19 -2.03
CA GLY B 613 19.38 4.12 -1.58
C GLY B 613 19.30 4.13 -0.07
N ASN B 614 18.22 3.59 0.49
CA ASN B 614 18.07 3.44 1.91
C ASN B 614 17.89 1.99 2.34
N LEU B 615 17.89 1.05 1.40
CA LEU B 615 17.82 -0.38 1.70
C LEU B 615 19.23 -0.95 1.61
N THR B 616 19.96 -0.89 2.72
CA THR B 616 21.26 -1.51 2.81
C THR B 616 21.15 -2.81 3.59
N ARG B 617 22.12 -3.68 3.39
CA ARG B 617 22.12 -4.96 4.09
C ARG B 617 22.08 -4.72 5.59
N PRO B 618 21.11 -5.27 6.32
CA PRO B 618 20.93 -4.88 7.72
C PRO B 618 22.15 -5.12 8.59
N TYR B 619 22.62 -6.37 8.63
CA TYR B 619 23.66 -6.79 9.58
C TYR B 619 25.03 -6.91 8.93
N SER B 620 25.33 -6.05 7.95
CA SER B 620 26.56 -6.22 7.19
C SER B 620 27.80 -6.15 8.06
N CYS B 621 27.69 -5.62 9.28
CA CYS B 621 28.83 -5.52 10.19
C CYS B 621 30.00 -4.79 9.52
N HIS B 622 29.75 -3.51 9.24
CA HIS B 622 30.69 -2.74 8.42
C HIS B 622 31.97 -2.45 9.19
N ILE B 623 31.86 -1.72 10.29
CA ILE B 623 33.02 -1.27 11.05
C ILE B 623 33.01 -1.98 12.39
N LEU B 624 34.00 -2.85 12.61
CA LEU B 624 34.08 -3.57 13.87
C LEU B 624 34.39 -2.63 15.02
N ASP B 625 35.43 -1.81 14.87
CA ASP B 625 35.89 -0.97 15.96
C ASP B 625 36.70 0.19 15.42
N SER B 626 36.76 1.26 16.21
CA SER B 626 37.55 2.42 15.87
C SER B 626 37.91 3.16 17.15
N GLN B 627 39.11 3.75 17.16
CA GLN B 627 39.60 4.47 18.32
C GLN B 627 40.29 5.75 17.87
N GLY B 628 40.03 6.83 18.59
CA GLY B 628 40.68 8.09 18.30
C GLY B 628 40.24 8.70 16.98
N LEU B 629 38.99 9.15 16.92
CA LEU B 629 38.46 9.78 15.73
C LEU B 629 37.53 10.91 16.12
N GLU B 630 37.53 11.98 15.31
CA GLU B 630 36.66 13.12 15.51
C GLU B 630 35.95 13.44 14.21
N PHE B 631 34.76 14.00 14.33
CA PHE B 631 33.92 14.32 13.18
C PHE B 631 33.42 15.75 13.31
N ALA B 632 33.85 16.61 12.40
CA ALA B 632 33.46 18.01 12.37
C ALA B 632 32.83 18.32 11.03
N ASP B 633 31.76 19.10 11.05
CA ASP B 633 31.05 19.46 9.83
C ASP B 633 31.61 20.76 9.25
N VAL B 634 31.52 20.88 7.93
CA VAL B 634 32.08 22.03 7.22
C VAL B 634 31.00 22.67 6.36
N SER B 635 29.74 22.54 6.77
CA SER B 635 28.63 23.20 6.11
C SER B 635 27.94 24.13 7.09
N ASN B 636 27.44 25.26 6.57
CA ASN B 636 26.87 26.27 7.44
C ASN B 636 25.50 25.76 7.87
N GLY B 637 25.50 24.97 8.96
CA GLY B 637 24.32 24.45 9.67
C GLY B 637 23.22 23.88 8.80
N ARG B 638 23.55 22.99 7.87
CA ARG B 638 22.53 22.28 7.04
C ARG B 638 22.93 20.81 6.94
N SER B 639 23.38 20.26 8.06
CA SER B 639 23.77 18.85 8.26
C SER B 639 22.79 18.13 9.21
N ARG B 640 21.67 18.78 9.58
CA ARG B 640 20.66 18.21 10.46
C ARG B 640 19.28 18.19 9.83
N GLY B 641 19.22 17.92 8.53
CA GLY B 641 17.98 18.01 7.80
C GLY B 641 17.00 16.91 8.16
N LYS B 642 15.88 16.91 7.44
CA LYS B 642 14.83 15.91 7.60
C LYS B 642 14.69 15.11 6.32
N ILE B 643 14.24 13.86 6.45
CA ILE B 643 14.00 13.00 5.31
C ILE B 643 12.62 12.38 5.42
N LEU B 644 12.08 11.97 4.28
CA LEU B 644 10.80 11.30 4.19
C LEU B 644 11.00 9.97 3.46
N VAL B 645 10.35 8.93 3.97
CA VAL B 645 10.44 7.60 3.39
C VAL B 645 9.03 7.05 3.25
N VAL B 646 8.76 6.38 2.12
CA VAL B 646 7.46 5.80 1.83
C VAL B 646 7.67 4.35 1.44
N VAL B 647 6.93 3.46 2.09
CA VAL B 647 7.03 2.03 1.86
C VAL B 647 5.63 1.51 1.57
N ASN B 648 5.26 1.46 0.30
CA ASN B 648 3.93 1.02 -0.12
C ASN B 648 3.99 -0.43 -0.61
N SER B 649 4.29 -1.34 0.32
CA SER B 649 4.34 -2.74 -0.02
C SER B 649 2.93 -3.28 -0.23
N PRO B 650 2.76 -4.27 -1.13
CA PRO B 650 1.43 -4.81 -1.37
C PRO B 650 0.97 -5.85 -0.39
N LEU B 651 1.83 -6.28 0.54
CA LEU B 651 1.47 -7.25 1.57
C LEU B 651 1.42 -6.60 2.95
N LYS B 652 0.92 -5.37 3.01
CA LYS B 652 0.64 -4.74 4.28
C LYS B 652 -0.65 -5.31 4.86
N THR B 653 -0.68 -5.47 6.18
CA THR B 653 -1.84 -6.03 6.87
C THR B 653 -2.41 -5.00 7.85
N CYS B 654 -3.40 -5.43 8.62
CA CYS B 654 -4.10 -4.52 9.52
C CYS B 654 -3.15 -3.92 10.55
N ALA B 655 -2.40 -4.76 11.24
CA ALA B 655 -1.47 -4.28 12.26
C ALA B 655 -0.25 -3.70 11.56
N ALA B 656 -0.41 -2.54 10.91
CA ALA B 656 0.63 -2.00 10.06
C ALA B 656 1.99 -1.92 10.72
N TYR B 657 2.08 -1.21 11.86
CA TYR B 657 3.34 -1.06 12.57
C TYR B 657 3.17 -1.18 14.06
N GLN B 658 2.15 -1.89 14.50
CA GLN B 658 1.83 -2.02 15.92
C GLN B 658 2.60 -3.13 16.61
N GLY B 659 3.46 -3.84 15.88
CA GLY B 659 4.18 -4.96 16.46
C GLY B 659 5.27 -4.51 17.40
N PRO B 660 5.70 -5.41 18.28
CA PRO B 660 6.78 -5.08 19.21
C PRO B 660 8.09 -4.82 18.49
N SER B 661 9.13 -4.46 19.25
CA SER B 661 10.45 -4.22 18.69
C SER B 661 11.46 -4.25 19.82
N PHE B 662 12.68 -3.83 19.53
CA PHE B 662 13.72 -3.68 20.54
C PHE B 662 14.19 -2.25 20.70
N ALA B 663 14.24 -1.47 19.63
CA ALA B 663 14.75 -0.10 19.65
C ALA B 663 13.73 0.81 18.99
N PRO B 664 12.64 1.14 19.70
CA PRO B 664 11.61 2.05 19.17
C PRO B 664 12.09 3.50 19.09
#